data_9IHS
#
_entry.id   9IHS
#
_cell.length_a   78.760
_cell.length_b   117.360
_cell.length_c   85.470
_cell.angle_alpha   90.000
_cell.angle_beta   113.028
_cell.angle_gamma   90.000
#
_symmetry.space_group_name_H-M   'P 1 21 1'
#
loop_
_entity.id
_entity.type
_entity.pdbx_description
1 polymer 'Protein-glutamine gamma-glutamyltransferase'
2 non-polymer '2-(N-MORPHOLINO)-ETHANESULFONIC ACID'
3 non-polymer 'CHLORIDE ION'
4 non-polymer DI(HYDROXYETHYL)ETHER
5 water water
#
_entity_poly.entity_id   1
_entity_poly.type   'polypeptide(L)'
_entity_poly.pdbx_seq_one_letter_code
;DSCDRVTPPAEPLDRMPDPYRPSYGRAETVVNNYIRKWQQVYSHRDGRKQQMTEEQREWLSYGCVGVTWVNSGQYPTNRL
AFASFDEDRFKNELKNGRPRSGETRAEFEGRVAKESFDEEKGFQRAREVASVMNRALENAHDESAYLDNLKKELANGNDA
LRNEDARSPFYSALRNTPSFKERNGGNHDPSRMKAVIYSKHFWSGQDRSSSADKRKYGDPDAFRPAPGTGLVDMSRDRNI
PRSPTSPGEGFVNFDYGWFGAQTEADADKTVWTHGNHYHAPNCSLGAMHVYESKFRNWSEGYSDFDRGAYVITFIPKSWN
TAPDKVKQGWP
;
_entity_poly.pdbx_strand_id   A,B,C,D
#
# COMPACT_ATOMS: atom_id res chain seq x y z
N ASP A 1 20.15 -1.50 -24.11
CA ASP A 1 19.92 -1.23 -22.67
C ASP A 1 18.98 -2.32 -22.16
N SER A 2 19.10 -2.70 -20.88
CA SER A 2 18.26 -3.79 -20.40
C SER A 2 16.82 -3.33 -20.23
N CYS A 3 16.62 -2.00 -20.27
CA CYS A 3 15.30 -1.39 -20.15
C CYS A 3 14.61 -1.31 -21.52
N ASP A 4 15.28 -1.71 -22.60
CA ASP A 4 14.69 -1.80 -23.93
C ASP A 4 13.35 -2.54 -23.92
N ARG A 5 12.39 -2.03 -24.67
CA ARG A 5 11.05 -2.61 -24.73
C ARG A 5 11.13 -4.02 -25.30
N VAL A 6 10.30 -4.94 -24.79
CA VAL A 6 10.24 -6.30 -25.32
C VAL A 6 8.82 -6.56 -25.84
N THR A 7 8.71 -7.27 -26.98
CA THR A 7 7.41 -7.78 -27.40
C THR A 7 7.11 -9.09 -26.67
N PRO A 8 6.02 -9.19 -25.85
CA PRO A 8 5.71 -10.44 -25.16
C PRO A 8 5.50 -11.57 -26.17
N PRO A 9 5.84 -12.83 -25.80
CA PRO A 9 5.72 -13.96 -26.73
C PRO A 9 4.27 -14.30 -27.04
N ALA A 10 4.05 -15.04 -28.13
CA ALA A 10 2.75 -15.57 -28.50
C ALA A 10 2.18 -16.43 -27.37
N GLU A 11 0.87 -16.29 -27.15
CA GLU A 11 0.16 -17.05 -26.13
C GLU A 11 -0.78 -17.97 -26.89
N PRO A 12 -0.68 -19.29 -26.67
CA PRO A 12 -1.56 -20.25 -27.34
C PRO A 12 -3.01 -19.86 -27.11
N LEU A 13 -3.83 -19.98 -28.16
CA LEU A 13 -5.20 -19.52 -28.20
C LEU A 13 -6.07 -20.22 -27.15
N ASP A 14 -5.66 -21.42 -26.71
CA ASP A 14 -6.43 -22.15 -25.73
C ASP A 14 -5.92 -21.94 -24.30
N ARG A 15 -4.83 -21.17 -24.11
CA ARG A 15 -4.26 -20.96 -22.78
C ARG A 15 -5.19 -20.07 -21.95
N MET A 16 -5.62 -20.56 -20.78
CA MET A 16 -6.50 -19.78 -19.94
C MET A 16 -5.68 -18.83 -19.07
N PRO A 17 -6.24 -17.63 -18.77
CA PRO A 17 -5.57 -16.68 -17.88
C PRO A 17 -5.60 -17.18 -16.44
N ASP A 18 -4.64 -16.73 -15.63
CA ASP A 18 -4.63 -16.94 -14.20
C ASP A 18 -5.68 -16.04 -13.53
N PRO A 19 -6.26 -16.47 -12.38
CA PRO A 19 -7.27 -15.69 -11.66
C PRO A 19 -6.66 -14.42 -11.04
N TYR A 20 -7.46 -13.34 -11.05
CA TYR A 20 -7.15 -12.12 -10.33
C TYR A 20 -8.46 -11.35 -10.12
N ARG A 21 -8.45 -10.43 -9.13
CA ARG A 21 -9.64 -9.68 -8.73
C ARG A 21 -9.26 -8.22 -8.51
N PRO A 22 -10.22 -7.28 -8.65
CA PRO A 22 -9.95 -5.88 -8.28
C PRO A 22 -9.68 -5.75 -6.80
N SER A 23 -8.83 -4.78 -6.47
CA SER A 23 -8.62 -4.31 -5.11
C SER A 23 -8.96 -2.82 -5.09
N TYR A 24 -9.97 -2.44 -4.29
CA TYR A 24 -10.39 -1.05 -4.12
C TYR A 24 -10.52 -0.38 -5.49
N GLY A 25 -11.16 -1.11 -6.42
CA GLY A 25 -11.61 -0.52 -7.67
C GLY A 25 -10.71 -0.79 -8.87
N ARG A 26 -9.55 -1.45 -8.66
CA ARG A 26 -8.58 -1.65 -9.74
C ARG A 26 -8.05 -3.08 -9.71
N ALA A 27 -8.19 -3.79 -10.82
CA ALA A 27 -7.56 -5.09 -11.04
C ALA A 27 -6.34 -4.89 -11.91
N GLU A 28 -5.34 -5.76 -11.71
CA GLU A 28 -4.17 -5.68 -12.56
C GLU A 28 -3.57 -7.07 -12.77
N THR A 29 -2.89 -7.23 -13.92
CA THR A 29 -2.27 -8.50 -14.24
C THR A 29 -1.12 -8.25 -15.22
N VAL A 30 -0.07 -9.07 -15.11
CA VAL A 30 1.06 -8.96 -16.02
C VAL A 30 0.57 -9.12 -17.46
N VAL A 31 1.24 -8.45 -18.40
CA VAL A 31 0.75 -8.37 -19.77
C VAL A 31 0.56 -9.78 -20.37
N ASN A 32 1.45 -10.72 -20.03
CA ASN A 32 1.34 -12.06 -20.61
C ASN A 32 -0.02 -12.66 -20.29
N ASN A 33 -0.44 -12.47 -19.02
CA ASN A 33 -1.72 -13.00 -18.56
C ASN A 33 -2.86 -12.24 -19.23
N TYR A 34 -2.70 -10.91 -19.40
CA TYR A 34 -3.74 -10.12 -20.05
C TYR A 34 -3.95 -10.58 -21.50
N ILE A 35 -2.86 -10.96 -22.17
CA ILE A 35 -3.01 -11.45 -23.56
C ILE A 35 -3.95 -12.64 -23.56
N ARG A 36 -3.75 -13.55 -22.59
CA ARG A 36 -4.58 -14.76 -22.47
C ARG A 36 -6.05 -14.35 -22.32
N LYS A 37 -6.31 -13.40 -21.41
CA LYS A 37 -7.67 -12.96 -21.20
C LYS A 37 -8.22 -12.35 -22.50
N TRP A 38 -7.42 -11.48 -23.13
CA TRP A 38 -7.87 -10.77 -24.32
C TRP A 38 -8.31 -11.76 -25.40
N GLN A 39 -7.50 -12.81 -25.57
CA GLN A 39 -7.77 -13.83 -26.57
C GLN A 39 -9.10 -14.51 -26.27
N GLN A 40 -9.42 -14.71 -24.98
CA GLN A 40 -10.64 -15.41 -24.61
C GLN A 40 -11.89 -14.55 -24.79
N VAL A 41 -11.79 -13.23 -24.62
CA VAL A 41 -13.02 -12.46 -24.44
C VAL A 41 -13.15 -11.28 -25.39
N TYR A 42 -12.05 -10.81 -25.99
CA TYR A 42 -12.15 -9.62 -26.83
C TYR A 42 -11.69 -9.88 -28.27
N SER A 43 -11.11 -11.07 -28.57
CA SER A 43 -10.40 -11.26 -29.83
C SER A 43 -11.34 -11.53 -31.00
N HIS A 44 -12.64 -11.72 -30.72
CA HIS A 44 -13.54 -12.34 -31.70
C HIS A 44 -13.57 -11.49 -32.96
N ARG A 45 -13.54 -12.17 -34.11
CA ARG A 45 -13.90 -11.55 -35.37
C ARG A 45 -14.94 -12.43 -36.04
N ASP A 46 -16.13 -11.85 -36.28
CA ASP A 46 -17.35 -12.57 -36.67
C ASP A 46 -17.60 -13.72 -35.70
N GLY A 47 -17.50 -13.41 -34.39
CA GLY A 47 -17.74 -14.38 -33.34
C GLY A 47 -16.70 -15.51 -33.22
N ARG A 48 -15.57 -15.42 -33.94
CA ARG A 48 -14.51 -16.44 -33.90
C ARG A 48 -13.28 -15.92 -33.13
N LYS A 49 -12.98 -16.51 -31.98
CA LYS A 49 -11.83 -16.05 -31.19
C LYS A 49 -10.52 -16.22 -31.99
N GLN A 50 -9.54 -15.36 -31.72
CA GLN A 50 -8.29 -15.38 -32.47
C GLN A 50 -7.13 -15.13 -31.52
N GLN A 51 -5.96 -15.62 -31.92
CA GLN A 51 -4.72 -15.31 -31.22
C GLN A 51 -4.38 -13.84 -31.49
N MET A 52 -3.84 -13.16 -30.48
CA MET A 52 -3.33 -11.82 -30.73
C MET A 52 -2.09 -11.96 -31.60
N THR A 53 -2.03 -11.22 -32.73
CA THR A 53 -0.95 -11.36 -33.70
C THR A 53 0.34 -10.75 -33.16
N GLU A 54 1.47 -11.17 -33.75
CA GLU A 54 2.79 -10.65 -33.39
C GLU A 54 2.79 -9.12 -33.40
N GLU A 55 2.13 -8.54 -34.42
CA GLU A 55 2.05 -7.09 -34.57
C GLU A 55 1.27 -6.47 -33.40
N GLN A 56 0.14 -7.07 -33.06
CA GLN A 56 -0.67 -6.57 -31.95
C GLN A 56 0.06 -6.68 -30.61
N ARG A 57 0.85 -7.75 -30.40
CA ARG A 57 1.66 -7.86 -29.19
C ARG A 57 2.70 -6.73 -29.16
N GLU A 58 3.21 -6.34 -30.34
CA GLU A 58 4.23 -5.29 -30.37
C GLU A 58 3.58 -3.99 -29.92
N TRP A 59 2.42 -3.70 -30.50
CA TRP A 59 1.63 -2.52 -30.16
C TRP A 59 1.37 -2.49 -28.65
N LEU A 60 0.93 -3.64 -28.14
CA LEU A 60 0.44 -3.76 -26.79
C LEU A 60 1.59 -3.40 -25.85
N SER A 61 2.81 -3.79 -26.26
CA SER A 61 4.00 -3.67 -25.43
C SER A 61 4.43 -2.20 -25.19
N TYR A 62 3.82 -1.27 -25.91
CA TYR A 62 4.09 0.15 -25.73
C TYR A 62 3.46 0.71 -24.45
N GLY A 63 2.56 -0.04 -23.83
CA GLY A 63 2.08 0.47 -22.55
C GLY A 63 0.57 0.74 -22.59
N CYS A 64 0.11 1.76 -21.86
CA CYS A 64 -1.32 2.02 -21.87
C CYS A 64 -1.79 2.39 -23.28
N VAL A 65 -0.96 3.10 -24.04
CA VAL A 65 -1.38 3.44 -25.41
C VAL A 65 -1.68 2.16 -26.20
N GLY A 66 -0.92 1.10 -25.88
CA GLY A 66 -0.97 -0.15 -26.64
C GLY A 66 -2.32 -0.85 -26.53
N VAL A 67 -2.98 -0.75 -25.38
CA VAL A 67 -4.30 -1.35 -25.20
C VAL A 67 -5.26 -0.77 -26.22
N THR A 68 -5.33 0.57 -26.29
CA THR A 68 -6.21 1.30 -27.20
C THR A 68 -5.80 1.10 -28.67
N TRP A 69 -4.50 1.16 -28.95
CA TRP A 69 -3.95 0.83 -30.27
C TRP A 69 -4.47 -0.52 -30.79
N VAL A 70 -4.29 -1.60 -29.99
CA VAL A 70 -4.79 -2.94 -30.33
C VAL A 70 -6.31 -2.96 -30.53
N ASN A 71 -7.04 -2.37 -29.59
CA ASN A 71 -8.49 -2.47 -29.60
C ASN A 71 -9.11 -1.69 -30.76
N SER A 72 -8.46 -0.60 -31.20
CA SER A 72 -9.08 0.19 -32.26
C SER A 72 -8.43 -0.07 -33.61
N GLY A 73 -7.25 -0.69 -33.59
CA GLY A 73 -6.48 -0.96 -34.80
C GLY A 73 -5.62 0.23 -35.22
N GLN A 74 -5.60 1.30 -34.42
CA GLN A 74 -4.95 2.52 -34.89
C GLN A 74 -4.23 3.22 -33.74
N TYR A 75 -3.04 3.77 -34.02
CA TYR A 75 -2.42 4.63 -33.05
C TYR A 75 -3.36 5.81 -32.80
N PRO A 76 -3.71 6.10 -31.52
CA PRO A 76 -4.70 7.12 -31.20
C PRO A 76 -4.40 8.51 -31.79
N THR A 77 -5.32 9.05 -32.59
CA THR A 77 -5.15 10.42 -33.07
C THR A 77 -5.67 11.44 -32.04
N ASN A 78 -6.72 11.04 -31.29
CA ASN A 78 -7.41 11.90 -30.35
C ASN A 78 -8.12 13.07 -31.04
N ARG A 79 -8.42 12.97 -32.32
CA ARG A 79 -8.88 14.14 -33.06
C ARG A 79 -10.25 14.62 -32.57
N LEU A 80 -11.17 13.68 -32.30
CA LEU A 80 -12.52 13.97 -31.79
C LEU A 80 -12.57 13.72 -30.28
N ALA A 81 -12.57 14.82 -29.50
CA ALA A 81 -12.40 14.72 -28.06
C ALA A 81 -13.29 15.74 -27.34
N PHE A 82 -13.83 15.28 -26.20
CA PHE A 82 -14.74 16.04 -25.36
C PHE A 82 -14.22 16.18 -23.94
N ALA A 83 -14.66 17.24 -23.27
CA ALA A 83 -14.43 17.43 -21.86
C ALA A 83 -15.51 18.38 -21.35
N SER A 84 -15.70 18.39 -20.02
CA SER A 84 -16.61 19.33 -19.41
C SER A 84 -15.82 20.23 -18.47
N PHE A 85 -15.97 21.54 -18.68
CA PHE A 85 -15.27 22.52 -17.88
C PHE A 85 -16.26 23.56 -17.41
N ASP A 86 -16.14 23.97 -16.14
CA ASP A 86 -17.08 24.91 -15.56
C ASP A 86 -16.45 26.29 -15.63
N GLU A 87 -16.78 27.04 -16.68
CA GLU A 87 -16.20 28.36 -16.96
C GLU A 87 -16.53 29.35 -15.86
N ASP A 88 -17.73 29.20 -15.29
CA ASP A 88 -18.24 30.06 -14.22
C ASP A 88 -17.44 29.84 -12.94
N ARG A 89 -17.19 28.56 -12.58
CA ARG A 89 -16.42 28.24 -11.39
C ARG A 89 -15.05 28.87 -11.54
N PHE A 90 -14.43 28.69 -12.71
CA PHE A 90 -13.06 29.09 -12.97
C PHE A 90 -12.93 30.61 -12.82
N LYS A 91 -13.83 31.37 -13.43
CA LYS A 91 -13.59 32.80 -13.54
C LYS A 91 -13.84 33.47 -12.19
N ASN A 92 -14.79 32.89 -11.46
CA ASN A 92 -15.13 33.29 -10.11
C ASN A 92 -13.99 33.01 -9.14
N GLU A 93 -13.32 31.85 -9.31
CA GLU A 93 -12.26 31.43 -8.42
C GLU A 93 -11.08 32.36 -8.62
N LEU A 94 -10.87 32.77 -9.88
CA LEU A 94 -9.79 33.66 -10.24
C LEU A 94 -10.07 35.05 -9.68
N LYS A 95 -11.36 35.44 -9.73
CA LYS A 95 -11.74 36.79 -9.34
C LYS A 95 -11.77 36.88 -7.81
N ASN A 96 -12.38 35.89 -7.15
CA ASN A 96 -12.75 36.02 -5.75
C ASN A 96 -11.96 35.07 -4.85
N GLY A 97 -11.27 34.08 -5.44
CA GLY A 97 -10.65 33.03 -4.64
C GLY A 97 -9.30 33.51 -4.12
N ARG A 98 -8.78 32.88 -3.07
CA ARG A 98 -7.49 33.31 -2.55
C ARG A 98 -6.47 32.19 -2.73
N PRO A 99 -5.28 32.43 -3.32
CA PRO A 99 -4.29 31.37 -3.48
C PRO A 99 -4.02 30.71 -2.13
N ARG A 100 -3.77 29.39 -2.14
CA ARG A 100 -3.45 28.62 -0.94
C ARG A 100 -2.06 29.01 -0.46
N SER A 101 -1.77 28.74 0.82
CA SER A 101 -0.52 29.23 1.38
C SER A 101 0.66 28.84 0.49
N GLY A 102 1.45 29.86 0.11
CA GLY A 102 2.67 29.69 -0.66
C GLY A 102 2.46 29.76 -2.17
N GLU A 103 1.22 29.52 -2.64
CA GLU A 103 1.00 29.43 -4.08
C GLU A 103 1.29 30.77 -4.73
N THR A 104 2.05 30.71 -5.83
CA THR A 104 2.17 31.84 -6.72
C THR A 104 0.90 31.96 -7.55
N ARG A 105 0.76 33.09 -8.26
CA ARG A 105 -0.30 33.30 -9.23
C ARG A 105 -0.39 32.12 -10.22
N ALA A 106 0.74 31.75 -10.83
CA ALA A 106 0.73 30.72 -11.87
C ALA A 106 0.32 29.37 -11.31
N GLU A 107 0.80 29.03 -10.10
CA GLU A 107 0.43 27.79 -9.42
C GLU A 107 -1.09 27.75 -9.25
N PHE A 108 -1.64 28.86 -8.77
CA PHE A 108 -3.05 28.96 -8.39
C PHE A 108 -3.92 28.81 -9.63
N GLU A 109 -3.59 29.59 -10.67
CA GLU A 109 -4.30 29.57 -11.95
C GLU A 109 -4.26 28.18 -12.57
N GLY A 110 -3.08 27.54 -12.51
CA GLY A 110 -2.92 26.17 -12.98
C GLY A 110 -3.88 25.25 -12.23
N ARG A 111 -3.89 25.37 -10.89
CA ARG A 111 -4.68 24.49 -10.06
C ARG A 111 -6.17 24.69 -10.32
N VAL A 112 -6.59 25.96 -10.32
CA VAL A 112 -8.01 26.27 -10.44
C VAL A 112 -8.53 25.75 -11.79
N ALA A 113 -7.71 25.89 -12.83
CA ALA A 113 -8.06 25.35 -14.13
C ALA A 113 -8.16 23.81 -14.09
N LYS A 114 -7.19 23.13 -13.47
CA LYS A 114 -7.25 21.67 -13.38
C LYS A 114 -8.54 21.24 -12.66
N GLU A 115 -8.89 21.97 -11.59
CA GLU A 115 -9.98 21.60 -10.71
C GLU A 115 -11.34 21.97 -11.31
N SER A 116 -11.38 22.73 -12.40
CA SER A 116 -12.65 23.18 -12.95
C SER A 116 -13.13 22.21 -14.03
N PHE A 117 -12.33 21.19 -14.35
CA PHE A 117 -12.77 20.07 -15.19
C PHE A 117 -13.60 19.11 -14.37
N ASP A 118 -14.60 18.51 -15.01
CA ASP A 118 -15.39 17.46 -14.38
C ASP A 118 -15.32 16.23 -15.28
N GLU A 119 -14.57 15.19 -14.88
CA GLU A 119 -14.27 14.10 -15.80
C GLU A 119 -15.52 13.23 -15.98
N GLU A 120 -16.31 13.11 -14.91
CA GLU A 120 -17.53 12.35 -15.06
C GLU A 120 -18.42 12.95 -16.15
N LYS A 121 -18.63 14.29 -16.11
CA LYS A 121 -19.47 14.93 -17.10
C LYS A 121 -18.84 14.89 -18.48
N GLY A 122 -17.50 14.91 -18.53
CA GLY A 122 -16.82 14.82 -19.83
C GLY A 122 -17.03 13.46 -20.48
N PHE A 123 -16.91 12.39 -19.68
CA PHE A 123 -17.19 11.04 -20.16
C PHE A 123 -18.66 10.92 -20.56
N GLN A 124 -19.58 11.46 -19.74
CA GLN A 124 -21.01 11.37 -20.01
C GLN A 124 -21.34 12.02 -21.36
N ARG A 125 -20.67 13.12 -21.65
CA ARG A 125 -20.89 13.84 -22.89
C ARG A 125 -20.40 13.01 -24.08
N ALA A 126 -19.17 12.50 -23.99
CA ALA A 126 -18.65 11.62 -25.03
C ALA A 126 -19.60 10.44 -25.26
N ARG A 127 -20.10 9.86 -24.17
CA ARG A 127 -20.92 8.68 -24.27
C ARG A 127 -22.26 9.02 -24.92
N GLU A 128 -22.87 10.12 -24.49
CA GLU A 128 -24.11 10.57 -25.10
C GLU A 128 -23.92 10.80 -26.61
N VAL A 129 -22.83 11.49 -26.97
CA VAL A 129 -22.55 11.82 -28.37
C VAL A 129 -22.30 10.55 -29.17
N ALA A 130 -21.51 9.63 -28.61
CA ALA A 130 -21.29 8.31 -29.19
C ALA A 130 -22.62 7.59 -29.47
N SER A 131 -23.60 7.66 -28.54
CA SER A 131 -24.88 6.99 -28.76
C SER A 131 -25.70 7.62 -29.89
N VAL A 132 -25.66 8.95 -29.99
CA VAL A 132 -26.28 9.65 -31.11
C VAL A 132 -25.66 9.12 -32.41
N MET A 133 -24.33 9.08 -32.46
CA MET A 133 -23.62 8.67 -33.66
C MET A 133 -23.98 7.24 -34.03
N ASN A 134 -24.05 6.36 -33.02
CA ASN A 134 -24.47 4.96 -33.16
C ASN A 134 -25.90 4.83 -33.65
N ARG A 135 -26.84 5.62 -33.10
CA ARG A 135 -28.20 5.61 -33.64
C ARG A 135 -28.19 6.08 -35.09
N ALA A 136 -27.31 7.05 -35.42
CA ALA A 136 -27.28 7.63 -36.74
C ALA A 136 -26.77 6.63 -37.80
N LEU A 137 -25.93 5.66 -37.41
CA LEU A 137 -25.48 4.70 -38.39
C LEU A 137 -26.33 3.43 -38.42
N GLU A 138 -27.12 3.16 -37.37
CA GLU A 138 -27.83 1.90 -37.15
C GLU A 138 -28.49 1.38 -38.41
N ASN A 139 -29.05 2.27 -39.23
CA ASN A 139 -29.73 1.86 -40.45
C ASN A 139 -29.39 2.81 -41.59
N ALA A 140 -28.13 3.28 -41.61
CA ALA A 140 -27.61 4.09 -42.70
C ALA A 140 -26.59 3.27 -43.47
N HIS A 141 -26.81 3.08 -44.79
CA HIS A 141 -25.90 2.25 -45.57
C HIS A 141 -24.89 3.08 -46.36
N ASP A 142 -25.08 4.40 -46.42
CA ASP A 142 -24.04 5.27 -46.97
C ASP A 142 -23.78 6.40 -45.96
N GLU A 143 -22.62 7.05 -46.09
CA GLU A 143 -22.26 8.18 -45.25
C GLU A 143 -23.38 9.22 -45.27
N SER A 144 -23.92 9.45 -46.47
CA SER A 144 -24.89 10.50 -46.72
C SER A 144 -26.11 10.35 -45.82
N ALA A 145 -26.58 9.12 -45.60
CA ALA A 145 -27.71 8.87 -44.72
C ALA A 145 -27.27 9.09 -43.28
N TYR A 146 -26.05 8.67 -42.97
CA TYR A 146 -25.51 8.79 -41.62
C TYR A 146 -25.49 10.26 -41.21
N LEU A 147 -25.03 11.13 -42.11
CA LEU A 147 -24.92 12.54 -41.79
C LEU A 147 -26.30 13.16 -41.67
N ASP A 148 -27.23 12.70 -42.52
CA ASP A 148 -28.60 13.18 -42.44
C ASP A 148 -29.16 12.84 -41.07
N ASN A 149 -28.98 11.57 -40.66
CA ASN A 149 -29.58 11.03 -39.44
C ASN A 149 -29.02 11.78 -38.25
N LEU A 150 -27.69 11.88 -38.26
CA LEU A 150 -26.92 12.56 -37.24
C LEU A 150 -27.41 14.00 -37.08
N LYS A 151 -27.56 14.73 -38.19
CA LYS A 151 -27.97 16.13 -38.11
C LYS A 151 -29.38 16.23 -37.55
N LYS A 152 -30.26 15.31 -37.99
CA LYS A 152 -31.64 15.29 -37.51
C LYS A 152 -31.65 15.22 -35.98
N GLU A 153 -30.94 14.25 -35.39
CA GLU A 153 -31.01 14.07 -33.94
C GLU A 153 -30.37 15.26 -33.23
N LEU A 154 -29.24 15.75 -33.75
CA LEU A 154 -28.58 16.88 -33.08
C LEU A 154 -29.48 18.11 -33.12
N ALA A 155 -30.17 18.33 -34.27
CA ALA A 155 -31.09 19.46 -34.42
C ALA A 155 -32.27 19.28 -33.48
N ASN A 156 -32.77 18.04 -33.41
CA ASN A 156 -33.85 17.69 -32.49
C ASN A 156 -33.43 17.84 -31.02
N GLY A 157 -32.16 17.65 -30.71
CA GLY A 157 -31.72 17.91 -29.34
C GLY A 157 -31.18 19.33 -29.16
N ASN A 158 -31.23 20.15 -30.22
CA ASN A 158 -30.69 21.51 -30.17
C ASN A 158 -29.28 21.51 -29.59
N ASP A 159 -28.48 20.57 -30.07
CA ASP A 159 -27.08 20.38 -29.71
C ASP A 159 -26.18 21.32 -30.50
N ALA A 160 -25.25 21.95 -29.78
CA ALA A 160 -24.19 22.78 -30.35
C ALA A 160 -23.42 22.09 -31.46
N LEU A 161 -23.27 20.75 -31.41
CA LEU A 161 -22.54 20.03 -32.45
C LEU A 161 -23.24 20.12 -33.81
N ARG A 162 -24.53 20.44 -33.81
CA ARG A 162 -25.29 20.50 -35.06
C ARG A 162 -24.62 21.48 -36.01
N ASN A 163 -23.84 22.44 -35.48
CA ASN A 163 -23.30 23.59 -36.20
C ASN A 163 -21.86 23.41 -36.67
N GLU A 164 -21.27 22.24 -36.41
CA GLU A 164 -19.89 21.98 -36.77
C GLU A 164 -19.75 21.94 -38.29
N ASP A 165 -18.63 22.47 -38.79
CA ASP A 165 -18.27 22.44 -40.21
C ASP A 165 -18.33 21.02 -40.76
N ALA A 166 -18.61 20.91 -42.06
CA ALA A 166 -18.64 19.61 -42.70
C ALA A 166 -17.27 18.92 -42.61
N ARG A 167 -16.19 19.70 -42.47
CA ARG A 167 -14.84 19.14 -42.45
C ARG A 167 -14.30 18.99 -41.02
N SER A 168 -15.18 19.17 -40.01
CA SER A 168 -14.73 19.20 -38.63
C SER A 168 -14.30 17.81 -38.17
N PRO A 169 -13.45 17.71 -37.12
CA PRO A 169 -13.17 16.41 -36.51
C PRO A 169 -14.44 15.64 -36.22
N PHE A 170 -15.49 16.35 -35.79
CA PHE A 170 -16.74 15.67 -35.44
C PHE A 170 -17.44 15.04 -36.64
N TYR A 171 -17.74 15.82 -37.69
CA TYR A 171 -18.52 15.24 -38.77
C TYR A 171 -17.67 14.30 -39.63
N SER A 172 -16.35 14.49 -39.65
CA SER A 172 -15.46 13.70 -40.49
C SER A 172 -14.95 12.45 -39.76
N ALA A 173 -15.33 12.29 -38.50
CA ALA A 173 -14.80 11.19 -37.70
C ALA A 173 -15.01 9.84 -38.40
N LEU A 174 -16.23 9.61 -38.91
CA LEU A 174 -16.54 8.26 -39.39
C LEU A 174 -15.72 7.94 -40.63
N ARG A 175 -15.77 8.85 -41.62
CA ARG A 175 -15.19 8.56 -42.92
C ARG A 175 -13.66 8.67 -42.78
N ASN A 176 -13.20 9.23 -41.65
CA ASN A 176 -11.77 9.33 -41.48
C ASN A 176 -11.21 8.15 -40.69
N THR A 177 -12.06 7.19 -40.30
CA THR A 177 -11.62 5.98 -39.62
C THR A 177 -11.12 5.00 -40.69
N PRO A 178 -9.84 4.58 -40.70
CA PRO A 178 -9.34 3.66 -41.72
C PRO A 178 -10.25 2.47 -41.99
N SER A 179 -10.75 1.83 -40.91
CA SER A 179 -11.45 0.57 -41.06
C SER A 179 -12.82 0.75 -41.71
N PHE A 180 -13.36 1.98 -41.65
CA PHE A 180 -14.60 2.29 -42.34
C PHE A 180 -14.44 2.04 -43.84
N LYS A 181 -13.22 2.22 -44.34
CA LYS A 181 -12.99 2.23 -45.78
C LYS A 181 -12.44 0.90 -46.28
N GLU A 182 -12.24 -0.08 -45.37
CA GLU A 182 -11.84 -1.41 -45.77
C GLU A 182 -13.11 -2.19 -46.13
N ARG A 183 -13.03 -3.01 -47.18
CA ARG A 183 -14.10 -3.91 -47.57
C ARG A 183 -14.33 -4.93 -46.47
N ASN A 184 -13.25 -5.27 -45.77
CA ASN A 184 -13.23 -6.16 -44.61
C ASN A 184 -13.83 -5.46 -43.37
N GLY A 185 -13.66 -4.13 -43.28
CA GLY A 185 -14.10 -3.36 -42.13
C GLY A 185 -15.57 -2.94 -42.28
N GLY A 186 -15.78 -1.65 -42.59
CA GLY A 186 -17.11 -1.09 -42.76
C GLY A 186 -17.60 -1.06 -44.21
N ASN A 187 -16.68 -1.11 -45.18
CA ASN A 187 -17.03 -1.14 -46.60
C ASN A 187 -17.93 0.05 -46.93
N HIS A 188 -17.60 1.23 -46.39
CA HIS A 188 -18.31 2.47 -46.65
C HIS A 188 -19.77 2.37 -46.20
N ASP A 189 -20.04 1.37 -45.36
CA ASP A 189 -21.38 1.18 -44.84
C ASP A 189 -21.39 1.55 -43.36
N PRO A 190 -21.81 2.80 -43.00
CA PRO A 190 -21.92 3.21 -41.60
C PRO A 190 -22.49 2.12 -40.68
N SER A 191 -23.51 1.37 -41.15
CA SER A 191 -24.24 0.44 -40.31
C SER A 191 -23.39 -0.77 -39.90
N ARG A 192 -22.20 -0.89 -40.51
CA ARG A 192 -21.28 -1.95 -40.21
C ARG A 192 -20.19 -1.48 -39.23
N MET A 193 -20.42 -0.31 -38.61
CA MET A 193 -19.43 0.26 -37.72
C MET A 193 -20.05 0.48 -36.34
N LYS A 194 -19.22 0.86 -35.38
CA LYS A 194 -19.65 1.14 -34.02
C LYS A 194 -18.77 2.25 -33.48
N ALA A 195 -19.37 3.22 -32.78
CA ALA A 195 -18.62 4.25 -32.09
C ALA A 195 -18.03 3.66 -30.81
N VAL A 196 -16.78 4.01 -30.49
CA VAL A 196 -16.08 3.51 -29.29
C VAL A 196 -15.38 4.70 -28.65
N ILE A 197 -15.14 4.61 -27.32
CA ILE A 197 -14.55 5.70 -26.55
C ILE A 197 -13.30 5.22 -25.84
N TYR A 198 -12.31 6.11 -25.80
CA TYR A 198 -11.24 5.97 -24.84
C TYR A 198 -10.93 7.37 -24.29
N SER A 199 -10.05 7.41 -23.28
CA SER A 199 -9.66 8.67 -22.62
C SER A 199 -8.14 8.80 -22.64
N LYS A 200 -7.67 10.04 -22.80
CA LYS A 200 -6.28 10.38 -22.61
C LYS A 200 -6.17 11.35 -21.45
N HIS A 201 -5.25 11.02 -20.52
CA HIS A 201 -4.79 11.96 -19.51
C HIS A 201 -3.44 12.53 -19.93
N PHE A 202 -3.25 13.86 -19.77
CA PHE A 202 -2.10 14.54 -20.36
C PHE A 202 -1.86 15.88 -19.67
N TRP A 203 -0.81 16.61 -20.08
CA TRP A 203 -0.35 17.82 -19.41
C TRP A 203 -0.65 19.08 -20.23
N SER A 204 -1.12 20.15 -19.57
CA SER A 204 -1.64 21.31 -20.28
C SER A 204 -0.52 22.18 -20.86
N GLY A 205 0.63 22.24 -20.16
CA GLY A 205 1.70 23.18 -20.49
C GLY A 205 2.83 22.49 -21.25
N GLN A 206 2.67 22.36 -22.56
CA GLN A 206 3.65 21.59 -23.31
C GLN A 206 4.49 22.49 -24.23
N ASP A 207 4.34 23.82 -24.13
CA ASP A 207 4.93 24.73 -25.10
C ASP A 207 6.30 25.23 -24.62
N ARG A 208 7.33 24.87 -25.38
CA ARG A 208 8.73 25.16 -25.08
C ARG A 208 9.01 26.66 -25.03
N SER A 209 8.18 27.49 -25.66
CA SER A 209 8.49 28.91 -25.72
C SER A 209 7.43 29.77 -25.03
N SER A 210 6.81 29.22 -23.98
CA SER A 210 6.05 30.00 -23.02
C SER A 210 6.81 29.94 -21.69
N SER A 211 6.23 30.50 -20.63
CA SER A 211 6.92 30.53 -19.35
C SER A 211 7.28 29.13 -18.88
N ALA A 212 8.42 29.04 -18.21
CA ALA A 212 8.74 27.89 -17.38
C ALA A 212 7.57 27.60 -16.44
N ASP A 213 6.85 28.67 -16.05
CA ASP A 213 5.78 28.54 -15.08
C ASP A 213 4.65 27.66 -15.66
N LYS A 214 4.41 27.81 -16.96
CA LYS A 214 3.31 27.05 -17.54
C LYS A 214 3.72 25.59 -17.67
N ARG A 215 4.99 25.34 -18.00
CA ARG A 215 5.49 23.98 -18.18
C ARG A 215 5.42 23.25 -16.85
N LYS A 216 5.52 24.00 -15.76
CA LYS A 216 5.68 23.42 -14.43
C LYS A 216 4.34 23.33 -13.73
N TYR A 217 3.49 24.35 -13.92
CA TYR A 217 2.32 24.54 -13.09
C TYR A 217 1.00 24.40 -13.86
N GLY A 218 1.07 24.42 -15.19
CA GLY A 218 -0.07 24.22 -16.07
C GLY A 218 -0.39 25.52 -16.81
N ASP A 219 -0.94 25.39 -18.02
CA ASP A 219 -1.43 26.53 -18.79
C ASP A 219 -2.96 26.55 -18.68
N PRO A 220 -3.56 27.47 -17.90
CA PRO A 220 -5.01 27.53 -17.74
C PRO A 220 -5.78 27.75 -19.03
N ASP A 221 -5.12 28.27 -20.06
CA ASP A 221 -5.80 28.60 -21.32
C ASP A 221 -5.71 27.47 -22.32
N ALA A 222 -4.97 26.40 -22.00
CA ALA A 222 -4.72 25.35 -22.98
C ALA A 222 -5.69 24.21 -22.74
N PHE A 223 -6.24 23.64 -23.83
CA PHE A 223 -7.11 22.47 -23.80
C PHE A 223 -8.38 22.71 -22.98
N ARG A 224 -8.89 23.92 -23.04
CA ARG A 224 -10.22 24.23 -22.51
C ARG A 224 -11.24 23.77 -23.56
N PRO A 225 -12.33 23.08 -23.20
CA PRO A 225 -13.35 22.73 -24.19
C PRO A 225 -14.11 23.95 -24.70
N ALA A 226 -14.53 23.93 -25.97
CA ALA A 226 -15.51 24.87 -26.50
C ALA A 226 -16.78 24.73 -25.66
N PRO A 227 -17.27 25.81 -24.99
CA PRO A 227 -18.36 25.65 -24.02
C PRO A 227 -19.65 25.06 -24.56
N GLY A 228 -19.99 25.40 -25.81
CA GLY A 228 -21.15 24.80 -26.48
C GLY A 228 -21.00 23.30 -26.78
N THR A 229 -20.08 22.94 -27.68
CA THR A 229 -19.97 21.54 -28.04
C THR A 229 -19.25 20.72 -26.96
N GLY A 230 -18.38 21.34 -26.18
CA GLY A 230 -17.53 20.55 -25.29
C GLY A 230 -16.33 19.93 -26.01
N LEU A 231 -16.11 20.30 -27.28
CA LEU A 231 -14.97 19.75 -28.00
C LEU A 231 -13.69 20.37 -27.48
N VAL A 232 -12.67 19.51 -27.39
CA VAL A 232 -11.32 19.94 -27.06
C VAL A 232 -10.51 19.89 -28.35
N ASP A 233 -9.79 20.97 -28.65
CA ASP A 233 -8.83 21.00 -29.74
C ASP A 233 -7.50 20.36 -29.27
N MET A 234 -7.22 19.14 -29.72
CA MET A 234 -6.07 18.36 -29.30
C MET A 234 -4.87 18.65 -30.20
N SER A 235 -5.01 19.63 -31.09
CA SER A 235 -3.98 19.83 -32.09
C SER A 235 -2.67 20.26 -31.43
N ARG A 236 -2.74 20.86 -30.23
CA ARG A 236 -1.52 21.35 -29.63
C ARG A 236 -0.93 20.32 -28.66
N ASP A 237 -1.54 19.14 -28.58
CA ASP A 237 -1.00 18.07 -27.78
C ASP A 237 0.24 17.52 -28.49
N ARG A 238 1.40 17.55 -27.83
CA ARG A 238 2.62 17.13 -28.51
C ARG A 238 3.29 16.02 -27.70
N ASN A 239 2.51 15.36 -26.82
CA ASN A 239 3.02 14.26 -26.00
C ASN A 239 4.23 14.67 -25.18
N ILE A 240 4.23 15.92 -24.71
CA ILE A 240 5.28 16.45 -23.84
C ILE A 240 4.82 16.38 -22.39
N PRO A 241 5.66 15.83 -21.48
CA PRO A 241 5.30 15.74 -20.06
C PRO A 241 5.48 17.03 -19.26
N ARG A 242 4.86 17.07 -18.07
CA ARG A 242 5.07 18.15 -17.13
C ARG A 242 6.56 18.28 -16.79
N SER A 243 7.04 19.50 -16.66
CA SER A 243 8.42 19.63 -16.21
C SER A 243 8.47 19.56 -14.69
N PRO A 244 9.53 18.97 -14.12
CA PRO A 244 9.63 18.78 -12.67
C PRO A 244 9.78 20.07 -11.88
N THR A 245 9.33 20.02 -10.60
CA THR A 245 9.62 21.01 -9.56
C THR A 245 10.56 20.36 -8.53
N SER A 246 10.00 19.40 -7.76
CA SER A 246 10.59 18.75 -6.60
C SER A 246 11.77 17.87 -7.00
N PRO A 247 12.75 17.64 -6.09
CA PRO A 247 14.03 17.04 -6.46
C PRO A 247 13.91 15.75 -7.28
N GLY A 248 13.22 14.75 -6.74
CA GLY A 248 13.29 13.45 -7.37
C GLY A 248 12.07 13.14 -8.25
N GLU A 249 11.34 14.19 -8.65
CA GLU A 249 10.09 13.90 -9.34
C GLU A 249 10.34 13.85 -10.84
N GLY A 250 9.73 12.84 -11.44
CA GLY A 250 9.64 12.72 -12.88
C GLY A 250 8.18 12.53 -13.25
N PHE A 251 7.84 12.90 -14.49
CA PHE A 251 6.49 12.83 -14.99
C PHE A 251 6.54 12.15 -16.35
N VAL A 252 5.49 11.38 -16.65
CA VAL A 252 5.34 10.78 -17.97
C VAL A 252 4.35 11.62 -18.77
N ASN A 253 4.34 11.45 -20.10
CA ASN A 253 3.59 12.37 -20.94
C ASN A 253 2.09 12.11 -20.86
N PHE A 254 1.66 10.84 -20.78
CA PHE A 254 0.23 10.55 -20.82
C PHE A 254 -0.15 9.23 -20.15
N ASP A 255 -1.48 9.04 -20.04
CA ASP A 255 -2.10 7.73 -19.82
C ASP A 255 -3.26 7.61 -20.81
N TYR A 256 -3.51 6.38 -21.25
CA TYR A 256 -4.64 6.14 -22.13
C TYR A 256 -5.47 5.05 -21.49
N GLY A 257 -6.79 5.29 -21.42
CA GLY A 257 -7.71 4.30 -20.89
C GLY A 257 -8.81 3.96 -21.88
N TRP A 258 -8.92 2.65 -22.18
CA TRP A 258 -9.89 2.11 -23.14
C TRP A 258 -11.20 1.83 -22.42
N PHE A 259 -12.29 2.38 -22.96
CA PHE A 259 -13.62 2.10 -22.44
C PHE A 259 -14.36 1.18 -23.40
N GLY A 260 -14.40 1.54 -24.69
CA GLY A 260 -15.13 0.73 -25.65
C GLY A 260 -16.57 1.22 -25.81
N ALA A 261 -17.54 0.37 -25.46
CA ALA A 261 -18.94 0.69 -25.70
C ALA A 261 -19.78 -0.07 -24.69
N GLN A 262 -19.41 0.02 -23.42
CA GLN A 262 -20.13 -0.71 -22.38
C GLN A 262 -21.50 -0.07 -22.23
N THR A 263 -22.51 -0.90 -21.97
CA THR A 263 -23.89 -0.45 -21.85
C THR A 263 -24.25 -0.05 -20.42
N GLU A 264 -23.49 -0.54 -19.43
CA GLU A 264 -23.69 -0.18 -18.03
C GLU A 264 -24.14 1.28 -17.84
N ALA A 265 -25.31 1.45 -17.19
CA ALA A 265 -25.97 2.74 -17.02
C ALA A 265 -25.20 3.60 -16.02
N ASP A 266 -24.66 2.96 -14.99
CA ASP A 266 -23.85 3.60 -13.96
C ASP A 266 -22.42 3.85 -14.45
N ALA A 267 -22.11 5.09 -14.85
CA ALA A 267 -20.75 5.48 -15.28
C ALA A 267 -19.68 4.95 -14.32
N ASP A 268 -19.91 5.05 -13.02
CA ASP A 268 -18.98 4.60 -12.00
C ASP A 268 -18.66 3.11 -12.09
N LYS A 269 -19.50 2.32 -12.76
CA LYS A 269 -19.22 0.90 -12.75
C LYS A 269 -18.51 0.52 -14.04
N THR A 270 -18.41 1.47 -14.99
CA THR A 270 -17.67 1.19 -16.21
C THR A 270 -16.20 0.87 -15.92
N VAL A 271 -15.64 -0.02 -16.76
CA VAL A 271 -14.28 -0.51 -16.64
C VAL A 271 -13.39 0.09 -17.73
N TRP A 272 -12.24 0.60 -17.30
CA TRP A 272 -11.32 1.32 -18.15
C TRP A 272 -10.01 0.54 -18.12
N THR A 273 -9.51 0.15 -19.29
CA THR A 273 -8.30 -0.64 -19.32
C THR A 273 -7.12 0.21 -19.76
N HIS A 274 -6.12 0.27 -18.89
CA HIS A 274 -4.90 1.01 -19.17
C HIS A 274 -3.74 0.16 -18.67
N GLY A 275 -2.67 0.80 -18.24
CA GLY A 275 -1.55 0.05 -17.72
C GLY A 275 -0.45 0.95 -17.18
N ASN A 276 0.58 0.31 -16.63
CA ASN A 276 1.59 1.02 -15.88
C ASN A 276 2.54 1.72 -16.83
N HIS A 277 3.10 0.96 -17.79
CA HIS A 277 4.18 1.43 -18.64
C HIS A 277 4.51 0.37 -19.70
N TYR A 278 5.45 0.68 -20.60
CA TYR A 278 5.79 -0.23 -21.69
C TYR A 278 6.45 -1.46 -21.07
N HIS A 279 6.56 -2.52 -21.85
CA HIS A 279 7.01 -3.82 -21.37
C HIS A 279 8.53 -3.84 -21.25
N ALA A 280 9.05 -3.76 -20.01
CA ALA A 280 10.48 -3.74 -19.72
C ALA A 280 10.86 -4.91 -18.81
N PRO A 281 10.65 -6.19 -19.22
CA PRO A 281 10.91 -7.29 -18.29
C PRO A 281 12.37 -7.48 -17.90
N ASN A 282 13.32 -6.93 -18.67
CA ASN A 282 14.73 -7.24 -18.45
C ASN A 282 15.35 -6.25 -17.47
N CYS A 283 14.49 -5.40 -16.90
CA CYS A 283 15.00 -4.32 -16.09
C CYS A 283 14.05 -4.04 -14.93
N SER A 284 14.50 -3.24 -13.94
CA SER A 284 13.76 -3.07 -12.70
C SER A 284 12.48 -2.25 -12.92
N LEU A 285 12.39 -1.55 -14.07
CA LEU A 285 11.12 -0.94 -14.46
C LEU A 285 10.07 -2.02 -14.57
N GLY A 286 10.45 -3.19 -15.11
CA GLY A 286 9.66 -4.38 -14.96
C GLY A 286 8.70 -4.62 -16.12
N ALA A 287 8.08 -5.80 -16.09
CA ALA A 287 7.11 -6.18 -17.10
C ALA A 287 5.97 -5.16 -17.06
N MET A 288 5.33 -5.01 -18.22
CA MET A 288 4.09 -4.27 -18.33
C MET A 288 2.99 -5.03 -17.59
N HIS A 289 2.23 -4.27 -16.77
CA HIS A 289 1.01 -4.77 -16.16
C HIS A 289 -0.16 -3.96 -16.68
N VAL A 290 -1.24 -4.67 -17.01
CA VAL A 290 -2.45 -4.04 -17.49
C VAL A 290 -3.40 -3.84 -16.29
N TYR A 291 -3.97 -2.65 -16.20
CA TYR A 291 -4.88 -2.22 -15.15
C TYR A 291 -6.29 -2.14 -15.74
N GLU A 292 -7.27 -2.62 -14.97
CA GLU A 292 -8.67 -2.55 -15.32
C GLU A 292 -9.34 -1.85 -14.15
N SER A 293 -9.65 -0.57 -14.37
CA SER A 293 -10.07 0.34 -13.30
C SER A 293 -11.55 0.66 -13.49
N LYS A 294 -12.28 0.72 -12.37
CA LYS A 294 -13.59 1.37 -12.39
C LYS A 294 -13.40 2.85 -12.78
N PHE A 295 -14.42 3.46 -13.40
CA PHE A 295 -14.28 4.83 -13.89
C PHE A 295 -13.56 5.75 -12.88
N ARG A 296 -13.97 5.73 -11.62
CA ARG A 296 -13.43 6.70 -10.69
C ARG A 296 -11.96 6.44 -10.43
N ASN A 297 -11.53 5.17 -10.43
CA ASN A 297 -10.11 4.86 -10.35
C ASN A 297 -9.34 5.42 -11.53
N TRP A 298 -9.94 5.33 -12.73
CA TRP A 298 -9.34 5.94 -13.91
C TRP A 298 -9.28 7.46 -13.70
N SER A 299 -10.43 8.06 -13.39
CA SER A 299 -10.61 9.51 -13.51
C SER A 299 -9.77 10.26 -12.47
N GLU A 300 -9.51 9.62 -11.32
CA GLU A 300 -8.63 10.15 -10.29
C GLU A 300 -7.27 10.60 -10.87
N GLY A 301 -6.68 9.81 -11.76
CA GLY A 301 -5.48 10.28 -12.46
C GLY A 301 -4.25 10.35 -11.55
N TYR A 302 -3.32 11.24 -11.92
CA TYR A 302 -2.02 11.36 -11.29
C TYR A 302 -1.59 12.81 -11.41
N SER A 303 -0.63 13.20 -10.56
CA SER A 303 0.00 14.50 -10.55
C SER A 303 0.57 14.88 -11.92
N ASP A 304 0.89 13.87 -12.74
CA ASP A 304 1.48 14.11 -14.05
C ASP A 304 0.54 14.89 -14.96
N PHE A 305 -0.77 14.80 -14.71
CA PHE A 305 -1.76 15.17 -15.71
C PHE A 305 -2.72 16.18 -15.09
N ASP A 306 -3.00 17.27 -15.81
CA ASP A 306 -4.03 18.20 -15.36
C ASP A 306 -5.16 18.31 -16.41
N ARG A 307 -5.13 17.40 -17.40
CA ARG A 307 -6.12 17.42 -18.48
C ARG A 307 -6.59 16.01 -18.85
N GLY A 308 -7.86 15.92 -19.21
CA GLY A 308 -8.44 14.66 -19.61
C GLY A 308 -9.34 14.90 -20.82
N ALA A 309 -9.15 14.09 -21.87
CA ALA A 309 -9.98 14.16 -23.06
C ALA A 309 -10.71 12.83 -23.18
N TYR A 310 -12.01 12.89 -23.53
CA TYR A 310 -12.80 11.71 -23.84
C TYR A 310 -13.02 11.65 -25.35
N VAL A 311 -12.38 10.66 -26.00
CA VAL A 311 -12.20 10.63 -27.45
C VAL A 311 -13.21 9.65 -28.03
N ILE A 312 -13.79 9.97 -29.21
CA ILE A 312 -14.65 9.03 -29.89
C ILE A 312 -13.96 8.62 -31.19
N THR A 313 -14.00 7.31 -31.48
CA THR A 313 -13.60 6.84 -32.79
C THR A 313 -14.53 5.70 -33.16
N PHE A 314 -14.15 4.90 -34.18
CA PHE A 314 -15.05 3.88 -34.69
C PHE A 314 -14.27 2.59 -34.97
N ILE A 315 -14.96 1.46 -34.81
CA ILE A 315 -14.42 0.16 -35.19
C ILE A 315 -15.52 -0.59 -35.93
N PRO A 316 -15.20 -1.64 -36.74
CA PRO A 316 -16.23 -2.48 -37.36
C PRO A 316 -17.05 -3.21 -36.31
N LYS A 317 -18.35 -3.36 -36.58
CA LYS A 317 -19.25 -4.12 -35.72
C LYS A 317 -18.75 -5.56 -35.54
N SER A 318 -18.00 -6.06 -36.51
CA SER A 318 -17.66 -7.47 -36.55
C SER A 318 -16.60 -7.82 -35.50
N TRP A 319 -15.97 -6.78 -34.94
CA TRP A 319 -14.94 -6.98 -33.92
C TRP A 319 -15.62 -7.22 -32.57
N ASN A 320 -14.82 -7.51 -31.55
CA ASN A 320 -15.38 -7.68 -30.21
C ASN A 320 -14.47 -7.08 -29.12
N THR A 321 -13.74 -6.00 -29.44
CA THR A 321 -12.87 -5.33 -28.48
C THR A 321 -13.58 -4.22 -27.70
N ALA A 322 -14.89 -4.00 -27.94
CA ALA A 322 -15.71 -3.04 -27.21
C ALA A 322 -17.05 -3.68 -26.85
N PRO A 323 -17.06 -4.84 -26.16
CA PRO A 323 -18.33 -5.53 -25.87
C PRO A 323 -19.18 -4.72 -24.90
N ASP A 324 -20.46 -5.11 -24.83
CA ASP A 324 -21.50 -4.45 -24.08
C ASP A 324 -21.17 -4.44 -22.59
N LYS A 325 -20.49 -5.50 -22.15
CA LYS A 325 -20.20 -5.79 -20.75
C LYS A 325 -18.70 -6.10 -20.64
N VAL A 326 -17.99 -5.39 -19.73
CA VAL A 326 -16.58 -5.68 -19.46
C VAL A 326 -16.43 -6.04 -17.99
N LYS A 327 -15.72 -7.15 -17.71
CA LYS A 327 -15.48 -7.59 -16.35
C LYS A 327 -14.02 -7.32 -15.99
N GLN A 328 -13.81 -6.87 -14.75
CA GLN A 328 -12.48 -6.72 -14.18
C GLN A 328 -12.02 -8.11 -13.72
N GLY A 329 -10.77 -8.44 -13.99
CA GLY A 329 -10.18 -9.64 -13.41
C GLY A 329 -10.52 -10.91 -14.16
N TRP A 330 -10.37 -12.04 -13.46
CA TRP A 330 -10.64 -13.37 -13.98
C TRP A 330 -10.87 -14.34 -12.82
N PRO A 331 -11.94 -15.18 -12.83
CA PRO A 331 -12.95 -15.25 -13.90
C PRO A 331 -13.86 -14.04 -13.93
N ASP B 1 -9.14 -4.17 30.04
CA ASP B 1 -8.33 -4.93 29.05
C ASP B 1 -7.58 -3.92 28.18
N SER B 2 -6.43 -4.34 27.65
CA SER B 2 -5.60 -3.44 26.86
C SER B 2 -6.34 -2.98 25.60
N CYS B 3 -7.29 -3.80 25.11
CA CYS B 3 -7.98 -3.45 23.87
C CYS B 3 -9.21 -2.57 24.16
N ASP B 4 -9.37 -2.13 25.41
CA ASP B 4 -10.48 -1.23 25.74
C ASP B 4 -10.38 0.10 24.99
N ARG B 5 -11.54 0.64 24.64
CA ARG B 5 -11.67 1.91 23.91
C ARG B 5 -11.23 3.04 24.84
N VAL B 6 -10.40 3.95 24.33
CA VAL B 6 -9.81 5.04 25.09
C VAL B 6 -10.41 6.34 24.56
N THR B 7 -10.76 7.25 25.49
CA THR B 7 -11.20 8.60 25.15
C THR B 7 -9.96 9.47 24.96
N PRO B 8 -9.72 10.08 23.77
CA PRO B 8 -8.55 10.94 23.60
C PRO B 8 -8.60 12.05 24.64
N PRO B 9 -7.41 12.55 25.07
CA PRO B 9 -7.36 13.69 25.99
C PRO B 9 -7.85 14.97 25.31
N ALA B 10 -8.26 15.94 26.14
CA ALA B 10 -8.55 17.30 25.68
C ALA B 10 -7.37 17.87 24.93
N GLU B 11 -7.70 18.69 23.92
CA GLU B 11 -6.75 19.45 23.15
C GLU B 11 -7.10 20.92 23.34
N PRO B 12 -6.14 21.78 23.80
CA PRO B 12 -6.36 23.22 23.87
C PRO B 12 -6.86 23.80 22.57
N LEU B 13 -7.62 24.90 22.70
CA LEU B 13 -8.40 25.47 21.63
C LEU B 13 -7.48 26.02 20.56
N ASP B 14 -6.31 26.56 20.95
CA ASP B 14 -5.47 27.15 19.92
C ASP B 14 -4.35 26.20 19.51
N ARG B 15 -4.42 24.92 19.89
CA ARG B 15 -3.43 23.94 19.45
C ARG B 15 -3.74 23.55 18.01
N MET B 16 -2.84 23.93 17.08
CA MET B 16 -3.02 23.75 15.65
C MET B 16 -2.72 22.30 15.27
N PRO B 17 -3.40 21.73 14.25
CA PRO B 17 -3.15 20.35 13.81
C PRO B 17 -1.82 20.22 13.07
N ASP B 18 -1.25 19.02 13.06
CA ASP B 18 -0.06 18.78 12.27
C ASP B 18 -0.46 18.70 10.78
N PRO B 19 0.42 19.07 9.81
CA PRO B 19 0.06 18.98 8.39
C PRO B 19 -0.05 17.55 7.87
N TYR B 20 -0.95 17.36 6.89
CA TYR B 20 -1.17 16.08 6.21
C TYR B 20 -1.99 16.37 4.96
N ARG B 21 -1.90 15.46 3.97
CA ARG B 21 -2.44 15.71 2.64
C ARG B 21 -3.14 14.45 2.13
N PRO B 22 -4.11 14.54 1.19
CA PRO B 22 -4.69 13.37 0.59
C PRO B 22 -3.66 12.79 -0.38
N SER B 23 -3.63 11.47 -0.46
CA SER B 23 -3.02 10.86 -1.62
C SER B 23 -4.04 9.91 -2.25
N TYR B 24 -4.20 10.05 -3.57
CA TYR B 24 -5.09 9.17 -4.33
C TYR B 24 -6.49 9.25 -3.71
N GLY B 25 -6.89 10.48 -3.34
CA GLY B 25 -8.28 10.69 -2.94
C GLY B 25 -8.56 10.56 -1.44
N ARG B 26 -7.61 10.07 -0.60
CA ARG B 26 -7.90 9.91 0.83
C ARG B 26 -6.82 10.61 1.65
N ALA B 27 -7.24 11.45 2.61
CA ALA B 27 -6.29 11.91 3.61
C ALA B 27 -6.60 11.22 4.93
N GLU B 28 -5.60 11.05 5.81
CA GLU B 28 -5.83 10.37 7.09
C GLU B 28 -4.95 10.98 8.17
N THR B 29 -5.48 10.98 9.41
CA THR B 29 -4.73 11.55 10.52
C THR B 29 -5.20 10.91 11.81
N VAL B 30 -4.27 10.72 12.75
CA VAL B 30 -4.58 10.17 14.05
C VAL B 30 -5.62 11.08 14.70
N VAL B 31 -6.47 10.47 15.51
CA VAL B 31 -7.69 11.11 16.01
C VAL B 31 -7.32 12.35 16.83
N ASN B 32 -6.29 12.22 17.67
CA ASN B 32 -5.80 13.37 18.43
C ASN B 32 -5.61 14.54 17.47
N ASN B 33 -5.03 14.28 16.31
CA ASN B 33 -4.74 15.38 15.41
C ASN B 33 -6.04 15.92 14.80
N TYR B 34 -6.97 14.99 14.53
CA TYR B 34 -8.23 15.41 13.91
C TYR B 34 -9.01 16.32 14.88
N ILE B 35 -8.96 15.99 16.17
CA ILE B 35 -9.66 16.82 17.15
C ILE B 35 -9.19 18.26 16.99
N ARG B 36 -7.87 18.46 16.83
CA ARG B 36 -7.31 19.79 16.65
C ARG B 36 -7.93 20.47 15.44
N LYS B 37 -7.98 19.77 14.30
CA LYS B 37 -8.54 20.39 13.11
C LYS B 37 -10.03 20.70 13.30
N TRP B 38 -10.78 19.74 13.86
CA TRP B 38 -12.20 19.93 14.11
C TRP B 38 -12.41 21.23 14.90
N GLN B 39 -11.63 21.37 15.99
CA GLN B 39 -11.71 22.58 16.81
C GLN B 39 -11.51 23.84 15.97
N GLN B 40 -10.62 23.79 14.97
CA GLN B 40 -10.30 24.97 14.18
C GLN B 40 -11.36 25.29 13.13
N VAL B 41 -12.01 24.28 12.52
CA VAL B 41 -12.83 24.61 11.35
C VAL B 41 -14.29 24.15 11.48
N TYR B 42 -14.63 23.28 12.42
CA TYR B 42 -16.00 22.76 12.49
C TYR B 42 -16.69 23.01 13.84
N SER B 43 -15.96 23.52 14.83
CA SER B 43 -16.44 23.56 16.21
C SER B 43 -17.39 24.73 16.48
N HIS B 44 -17.48 25.66 15.54
CA HIS B 44 -18.03 26.97 15.82
C HIS B 44 -19.49 26.83 16.26
N ARG B 45 -19.85 27.64 17.27
CA ARG B 45 -21.23 27.94 17.62
C ARG B 45 -21.45 29.44 17.55
N ASP B 46 -22.32 29.86 16.63
CA ASP B 46 -22.58 31.25 16.34
C ASP B 46 -21.30 31.94 15.86
N GLY B 47 -20.47 31.15 15.17
CA GLY B 47 -19.24 31.67 14.59
C GLY B 47 -18.08 31.73 15.58
N ARG B 48 -18.26 31.23 16.81
CA ARG B 48 -17.22 31.20 17.83
C ARG B 48 -16.74 29.77 18.09
N LYS B 49 -15.43 29.53 17.89
CA LYS B 49 -14.89 28.20 17.97
C LYS B 49 -14.81 27.76 19.42
N GLN B 50 -14.80 26.44 19.64
CA GLN B 50 -14.70 25.92 20.99
C GLN B 50 -14.02 24.55 21.01
N GLN B 51 -13.57 24.18 22.20
CA GLN B 51 -12.99 22.88 22.48
C GLN B 51 -14.03 21.79 22.26
N MET B 52 -13.56 20.66 21.73
CA MET B 52 -14.41 19.49 21.67
C MET B 52 -14.49 18.95 23.11
N THR B 53 -15.72 18.75 23.60
CA THR B 53 -15.98 18.40 24.98
C THR B 53 -15.58 16.96 25.23
N GLU B 54 -15.40 16.62 26.51
CA GLU B 54 -14.91 15.29 26.81
C GLU B 54 -15.96 14.29 26.34
N GLU B 55 -17.21 14.75 26.29
CA GLU B 55 -18.29 13.86 25.91
C GLU B 55 -18.19 13.55 24.42
N GLN B 56 -18.04 14.59 23.60
CA GLN B 56 -17.75 14.50 22.18
C GLN B 56 -16.53 13.64 21.88
N ARG B 57 -15.44 13.82 22.64
CA ARG B 57 -14.22 13.04 22.43
C ARG B 57 -14.53 11.58 22.74
N GLU B 58 -15.37 11.34 23.75
CA GLU B 58 -15.74 9.96 24.01
C GLU B 58 -16.55 9.39 22.85
N TRP B 59 -17.57 10.13 22.38
CA TRP B 59 -18.31 9.73 21.18
C TRP B 59 -17.36 9.50 20.01
N LEU B 60 -16.54 10.51 19.68
CA LEU B 60 -15.60 10.38 18.57
C LEU B 60 -14.85 9.05 18.59
N SER B 61 -14.42 8.62 19.79
CA SER B 61 -13.56 7.48 19.93
C SER B 61 -14.22 6.14 19.57
N TYR B 62 -15.53 6.11 19.34
CA TYR B 62 -16.18 4.90 18.83
C TYR B 62 -15.81 4.59 17.37
N GLY B 63 -15.20 5.54 16.67
CA GLY B 63 -14.68 5.21 15.34
C GLY B 63 -15.45 5.98 14.27
N CYS B 64 -15.65 5.37 13.08
CA CYS B 64 -16.33 6.09 12.00
C CYS B 64 -17.70 6.61 12.46
N VAL B 65 -18.44 5.83 13.27
CA VAL B 65 -19.73 6.29 13.76
C VAL B 65 -19.57 7.57 14.59
N GLY B 66 -18.40 7.70 15.24
CA GLY B 66 -18.17 8.80 16.18
C GLY B 66 -18.11 10.17 15.50
N VAL B 67 -17.52 10.22 14.30
CA VAL B 67 -17.49 11.42 13.50
C VAL B 67 -18.91 11.98 13.29
N THR B 68 -19.82 11.11 12.82
CA THR B 68 -21.20 11.48 12.54
C THR B 68 -21.95 11.80 13.85
N TRP B 69 -21.69 11.05 14.92
CA TRP B 69 -22.35 11.29 16.20
C TRP B 69 -21.98 12.70 16.67
N VAL B 70 -20.69 13.01 16.63
CA VAL B 70 -20.23 14.32 17.06
C VAL B 70 -20.85 15.42 16.19
N ASN B 71 -20.78 15.26 14.86
CA ASN B 71 -21.22 16.31 13.97
C ASN B 71 -22.72 16.55 14.01
N SER B 72 -23.52 15.51 14.32
CA SER B 72 -24.97 15.68 14.29
C SER B 72 -25.52 15.86 15.71
N GLY B 73 -24.74 15.45 16.71
CA GLY B 73 -25.18 15.55 18.09
C GLY B 73 -26.00 14.34 18.53
N GLN B 74 -26.05 13.29 17.71
CA GLN B 74 -26.98 12.19 17.93
C GLN B 74 -26.40 10.91 17.35
N TYR B 75 -26.50 9.83 18.12
CA TYR B 75 -26.11 8.53 17.62
C TYR B 75 -27.04 8.21 16.44
N PRO B 76 -26.48 7.85 15.27
CA PRO B 76 -27.28 7.79 14.03
C PRO B 76 -28.45 6.81 14.13
N THR B 77 -29.65 7.29 13.82
CA THR B 77 -30.81 6.44 13.71
C THR B 77 -30.96 5.86 12.30
N ASN B 78 -30.52 6.61 11.27
CA ASN B 78 -30.64 6.15 9.88
C ASN B 78 -32.10 6.05 9.44
N ARG B 79 -33.03 6.70 10.15
CA ARG B 79 -34.45 6.46 9.87
C ARG B 79 -34.86 6.90 8.46
N LEU B 80 -34.44 8.10 8.02
CA LEU B 80 -34.76 8.64 6.69
C LEU B 80 -33.56 8.39 5.78
N ALA B 81 -33.69 7.44 4.83
CA ALA B 81 -32.53 6.97 4.06
C ALA B 81 -32.94 6.72 2.61
N PHE B 82 -32.03 7.06 1.67
CA PHE B 82 -32.31 6.85 0.25
C PHE B 82 -31.22 5.99 -0.36
N ALA B 83 -31.57 5.25 -1.43
CA ALA B 83 -30.61 4.60 -2.31
C ALA B 83 -31.17 4.57 -3.72
N SER B 84 -30.33 4.15 -4.68
CA SER B 84 -30.78 4.01 -6.06
C SER B 84 -30.40 2.60 -6.48
N PHE B 85 -31.35 1.91 -7.12
CA PHE B 85 -31.17 0.51 -7.46
C PHE B 85 -31.69 0.35 -8.88
N ASP B 86 -30.87 -0.24 -9.77
CA ASP B 86 -31.26 -0.41 -11.18
C ASP B 86 -31.94 -1.77 -11.33
N GLU B 87 -33.27 -1.75 -11.23
CA GLU B 87 -34.15 -2.92 -11.23
C GLU B 87 -34.03 -3.68 -12.54
N ASP B 88 -33.91 -2.94 -13.64
CA ASP B 88 -33.79 -3.56 -14.96
C ASP B 88 -32.44 -4.23 -15.12
N ARG B 89 -31.37 -3.57 -14.67
CA ARG B 89 -30.06 -4.16 -14.71
C ARG B 89 -30.09 -5.46 -13.89
N PHE B 90 -30.67 -5.40 -12.68
CA PHE B 90 -30.79 -6.57 -11.81
C PHE B 90 -31.55 -7.70 -12.54
N LYS B 91 -32.72 -7.38 -13.08
CA LYS B 91 -33.51 -8.43 -13.75
C LYS B 91 -32.69 -9.05 -14.88
N ASN B 92 -31.98 -8.23 -15.66
CA ASN B 92 -31.27 -8.71 -16.85
C ASN B 92 -30.11 -9.63 -16.47
N GLU B 93 -29.46 -9.32 -15.35
CA GLU B 93 -28.34 -10.11 -14.88
C GLU B 93 -28.83 -11.47 -14.40
N LEU B 94 -30.03 -11.49 -13.80
CA LEU B 94 -30.64 -12.71 -13.30
C LEU B 94 -31.00 -13.60 -14.50
N LYS B 95 -31.44 -12.98 -15.60
CA LYS B 95 -31.83 -13.71 -16.79
C LYS B 95 -30.62 -14.22 -17.58
N ASN B 96 -29.57 -13.41 -17.72
CA ASN B 96 -28.60 -13.65 -18.78
C ASN B 96 -27.20 -13.89 -18.23
N GLY B 97 -26.98 -13.53 -16.95
CA GLY B 97 -25.63 -13.58 -16.41
C GLY B 97 -25.25 -15.01 -16.07
N ARG B 98 -23.94 -15.28 -15.99
CA ARG B 98 -23.43 -16.61 -15.73
C ARG B 98 -22.76 -16.62 -14.36
N PRO B 99 -23.35 -17.32 -13.37
CA PRO B 99 -22.73 -17.46 -12.05
C PRO B 99 -21.34 -18.06 -12.20
N ARG B 100 -20.46 -17.75 -11.25
CA ARG B 100 -19.11 -18.26 -11.35
C ARG B 100 -19.09 -19.70 -10.87
N SER B 101 -17.97 -20.38 -11.13
CA SER B 101 -17.74 -21.75 -10.71
C SER B 101 -18.00 -21.87 -9.20
N GLY B 102 -18.85 -22.84 -8.84
CA GLY B 102 -19.24 -23.08 -7.45
C GLY B 102 -20.29 -22.12 -6.92
N GLU B 103 -20.57 -21.02 -7.63
CA GLU B 103 -21.52 -20.05 -7.11
C GLU B 103 -22.94 -20.58 -7.18
N THR B 104 -23.61 -20.65 -6.02
CA THR B 104 -25.00 -21.09 -6.03
C THR B 104 -25.89 -19.99 -6.58
N ARG B 105 -27.14 -20.34 -6.91
CA ARG B 105 -28.13 -19.34 -7.31
C ARG B 105 -28.22 -18.22 -6.28
N ALA B 106 -28.37 -18.58 -5.00
CA ALA B 106 -28.62 -17.57 -3.98
C ALA B 106 -27.41 -16.62 -3.88
N GLU B 107 -26.20 -17.19 -3.99
CA GLU B 107 -25.00 -16.37 -3.92
C GLU B 107 -24.92 -15.42 -5.12
N PHE B 108 -25.30 -15.93 -6.30
CA PHE B 108 -25.34 -15.11 -7.52
C PHE B 108 -26.31 -13.94 -7.36
N GLU B 109 -27.52 -14.22 -6.90
CA GLU B 109 -28.52 -13.18 -6.73
C GLU B 109 -28.04 -12.11 -5.74
N GLY B 110 -27.39 -12.52 -4.64
CA GLY B 110 -26.89 -11.59 -3.64
C GLY B 110 -25.84 -10.66 -4.23
N ARG B 111 -24.92 -11.25 -5.00
CA ARG B 111 -23.87 -10.56 -5.71
C ARG B 111 -24.45 -9.57 -6.73
N VAL B 112 -25.40 -10.01 -7.58
CA VAL B 112 -25.85 -9.09 -8.60
C VAL B 112 -26.72 -7.97 -8.01
N ALA B 113 -27.41 -8.22 -6.89
CA ALA B 113 -28.13 -7.15 -6.22
C ALA B 113 -27.14 -6.10 -5.70
N LYS B 114 -26.07 -6.60 -5.07
CA LYS B 114 -25.04 -5.70 -4.56
C LYS B 114 -24.57 -4.77 -5.69
N GLU B 115 -24.35 -5.38 -6.85
CA GLU B 115 -23.73 -4.71 -8.00
C GLU B 115 -24.73 -3.76 -8.67
N SER B 116 -26.01 -3.90 -8.37
CA SER B 116 -27.01 -3.12 -9.07
C SER B 116 -27.36 -1.83 -8.33
N PHE B 117 -26.82 -1.63 -7.12
CA PHE B 117 -26.97 -0.33 -6.49
C PHE B 117 -26.07 0.72 -7.18
N ASP B 118 -26.54 1.97 -7.22
CA ASP B 118 -25.78 3.08 -7.79
C ASP B 118 -25.55 4.12 -6.68
N GLU B 119 -24.34 4.16 -6.11
CA GLU B 119 -24.19 5.00 -4.93
C GLU B 119 -24.26 6.49 -5.27
N GLU B 120 -23.70 6.90 -6.40
CA GLU B 120 -23.78 8.31 -6.79
C GLU B 120 -25.23 8.77 -7.00
N LYS B 121 -26.05 7.93 -7.65
CA LYS B 121 -27.46 8.26 -7.84
C LYS B 121 -28.22 8.30 -6.52
N GLY B 122 -27.89 7.42 -5.56
CA GLY B 122 -28.49 7.46 -4.25
C GLY B 122 -28.13 8.74 -3.48
N PHE B 123 -26.85 9.11 -3.51
CA PHE B 123 -26.38 10.38 -2.92
C PHE B 123 -27.12 11.56 -3.56
N GLN B 124 -27.20 11.56 -4.89
CA GLN B 124 -27.79 12.65 -5.63
C GLN B 124 -29.24 12.83 -5.21
N ARG B 125 -29.95 11.70 -5.03
CA ARG B 125 -31.36 11.74 -4.66
C ARG B 125 -31.48 12.35 -3.27
N ALA B 126 -30.66 11.87 -2.33
CA ALA B 126 -30.63 12.45 -1.00
C ALA B 126 -30.36 13.95 -1.07
N ARG B 127 -29.38 14.37 -1.88
CA ARG B 127 -29.08 15.78 -1.98
C ARG B 127 -30.27 16.58 -2.48
N GLU B 128 -30.96 16.08 -3.52
CA GLU B 128 -32.07 16.85 -4.06
C GLU B 128 -33.19 16.92 -3.00
N VAL B 129 -33.39 15.84 -2.25
CA VAL B 129 -34.46 15.85 -1.25
C VAL B 129 -34.10 16.83 -0.12
N ALA B 130 -32.84 16.81 0.32
CA ALA B 130 -32.39 17.71 1.39
C ALA B 130 -32.54 19.19 0.97
N SER B 131 -32.29 19.50 -0.30
CA SER B 131 -32.40 20.89 -0.72
C SER B 131 -33.87 21.30 -0.75
N VAL B 132 -34.76 20.32 -0.98
CA VAL B 132 -36.19 20.57 -0.93
C VAL B 132 -36.59 20.88 0.52
N MET B 133 -36.16 20.02 1.43
CA MET B 133 -36.43 20.18 2.83
C MET B 133 -35.82 21.50 3.34
N ASN B 134 -34.63 21.89 2.85
CA ASN B 134 -34.01 23.14 3.26
C ASN B 134 -34.82 24.36 2.79
N ARG B 135 -35.33 24.30 1.55
CA ARG B 135 -36.19 25.39 1.09
C ARG B 135 -37.46 25.47 1.94
N ALA B 136 -37.97 24.32 2.42
CA ALA B 136 -39.24 24.28 3.13
C ALA B 136 -39.12 24.92 4.51
N LEU B 137 -37.93 24.92 5.10
CA LEU B 137 -37.90 25.41 6.47
C LEU B 137 -37.40 26.85 6.49
N GLU B 138 -36.92 27.30 5.32
CA GLU B 138 -36.16 28.53 5.15
C GLU B 138 -36.82 29.69 5.89
N ASN B 139 -38.09 29.97 5.61
CA ASN B 139 -38.70 31.06 6.33
C ASN B 139 -39.89 30.56 7.15
N ALA B 140 -39.81 29.30 7.62
CA ALA B 140 -40.89 28.67 8.35
C ALA B 140 -40.56 28.63 9.85
N HIS B 141 -41.42 29.27 10.66
CA HIS B 141 -41.15 29.47 12.08
C HIS B 141 -41.89 28.46 12.95
N ASP B 142 -42.77 27.66 12.32
CA ASP B 142 -43.43 26.58 13.02
C ASP B 142 -43.39 25.35 12.12
N GLU B 143 -43.51 24.14 12.71
CA GLU B 143 -43.46 22.90 11.94
C GLU B 143 -44.59 22.82 10.91
N SER B 144 -45.80 23.26 11.28
CA SER B 144 -46.91 23.12 10.36
C SER B 144 -46.66 23.93 9.09
N ALA B 145 -46.02 25.09 9.20
CA ALA B 145 -45.63 25.85 8.02
C ALA B 145 -44.58 25.08 7.20
N TYR B 146 -43.66 24.40 7.90
CA TYR B 146 -42.62 23.63 7.23
C TYR B 146 -43.28 22.56 6.36
N LEU B 147 -44.14 21.77 6.99
CA LEU B 147 -44.88 20.67 6.37
C LEU B 147 -45.63 21.13 5.13
N ASP B 148 -46.41 22.23 5.21
CA ASP B 148 -47.15 22.73 4.06
C ASP B 148 -46.20 23.08 2.91
N ASN B 149 -45.08 23.75 3.24
CA ASN B 149 -44.09 24.18 2.27
C ASN B 149 -43.47 22.97 1.57
N LEU B 150 -43.13 21.94 2.35
CA LEU B 150 -42.55 20.70 1.85
C LEU B 150 -43.50 20.02 0.88
N LYS B 151 -44.76 19.82 1.31
CA LYS B 151 -45.71 19.06 0.51
C LYS B 151 -45.98 19.78 -0.80
N LYS B 152 -46.02 21.11 -0.75
CA LYS B 152 -46.29 21.94 -1.91
C LYS B 152 -45.17 21.83 -2.94
N GLU B 153 -43.90 21.97 -2.52
CA GLU B 153 -42.79 21.83 -3.46
C GLU B 153 -42.71 20.41 -4.07
N LEU B 154 -43.04 19.37 -3.28
CA LEU B 154 -43.01 17.98 -3.74
C LEU B 154 -44.14 17.69 -4.73
N ALA B 155 -45.35 18.18 -4.41
CA ALA B 155 -46.50 18.03 -5.29
C ALA B 155 -46.23 18.75 -6.62
N ASN B 156 -45.68 19.95 -6.55
CA ASN B 156 -45.41 20.69 -7.76
C ASN B 156 -44.39 19.93 -8.62
N GLY B 157 -43.49 19.17 -7.98
CA GLY B 157 -42.42 18.50 -8.69
C GLY B 157 -42.80 17.08 -9.07
N ASN B 158 -44.07 16.72 -8.80
CA ASN B 158 -44.64 15.40 -9.09
C ASN B 158 -43.85 14.29 -8.38
N ASP B 159 -43.38 14.57 -7.16
CA ASP B 159 -42.56 13.64 -6.37
C ASP B 159 -43.47 12.77 -5.51
N ALA B 160 -43.22 11.47 -5.51
CA ALA B 160 -44.03 10.53 -4.74
C ALA B 160 -43.86 10.73 -3.23
N LEU B 161 -42.78 11.39 -2.80
CA LEU B 161 -42.57 11.64 -1.37
C LEU B 161 -43.74 12.46 -0.81
N ARG B 162 -44.39 13.25 -1.66
CA ARG B 162 -45.56 14.01 -1.17
C ARG B 162 -46.52 13.09 -0.43
N ASN B 163 -46.54 11.80 -0.80
CA ASN B 163 -47.61 10.91 -0.41
C ASN B 163 -47.23 10.02 0.77
N GLU B 164 -46.03 10.23 1.34
CA GLU B 164 -45.66 9.49 2.53
C GLU B 164 -46.65 9.83 3.64
N ASP B 165 -46.82 8.91 4.58
CA ASP B 165 -47.72 9.08 5.72
C ASP B 165 -47.22 10.25 6.57
N ALA B 166 -48.17 10.99 7.17
CA ALA B 166 -47.90 12.04 8.13
C ALA B 166 -46.88 11.64 9.20
N ARG B 167 -46.81 10.34 9.55
CA ARG B 167 -45.93 9.90 10.62
C ARG B 167 -44.76 9.07 10.08
N SER B 168 -44.58 9.13 8.77
CA SER B 168 -43.50 8.43 8.07
C SER B 168 -42.13 8.94 8.54
N PRO B 169 -41.03 8.14 8.38
CA PRO B 169 -39.69 8.68 8.54
C PRO B 169 -39.48 10.00 7.81
N PHE B 170 -40.04 10.15 6.59
CA PHE B 170 -39.81 11.34 5.79
C PHE B 170 -40.43 12.58 6.43
N TYR B 171 -41.75 12.53 6.72
CA TYR B 171 -42.35 13.78 7.17
C TYR B 171 -42.00 14.08 8.62
N SER B 172 -41.72 13.04 9.41
CA SER B 172 -41.47 13.20 10.83
C SER B 172 -40.01 13.57 11.14
N ALA B 173 -39.15 13.66 10.11
CA ALA B 173 -37.70 13.69 10.30
C ALA B 173 -37.31 14.91 11.14
N LEU B 174 -37.87 16.06 10.77
CA LEU B 174 -37.48 17.29 11.44
C LEU B 174 -37.95 17.28 12.89
N ARG B 175 -39.23 16.96 13.13
CA ARG B 175 -39.83 17.14 14.44
C ARG B 175 -39.23 16.16 15.43
N ASN B 176 -38.73 15.02 14.90
CA ASN B 176 -38.19 13.99 15.77
C ASN B 176 -36.69 14.18 16.05
N THR B 177 -36.07 15.23 15.49
CA THR B 177 -34.66 15.48 15.71
C THR B 177 -34.51 16.08 17.11
N PRO B 178 -33.77 15.43 18.02
CA PRO B 178 -33.61 15.97 19.37
C PRO B 178 -33.30 17.47 19.41
N SER B 179 -32.34 17.93 18.60
CA SER B 179 -31.83 19.30 18.67
C SER B 179 -32.85 20.32 18.16
N PHE B 180 -33.87 19.88 17.39
CA PHE B 180 -34.94 20.77 16.95
C PHE B 180 -35.78 21.24 18.14
N LYS B 181 -35.86 20.37 19.16
CA LYS B 181 -36.71 20.55 20.32
C LYS B 181 -36.01 21.31 21.45
N GLU B 182 -34.69 21.51 21.35
CA GLU B 182 -33.93 22.18 22.40
C GLU B 182 -34.01 23.69 22.21
N ARG B 183 -34.16 24.42 23.33
CA ARG B 183 -34.37 25.87 23.34
C ARG B 183 -33.20 26.57 22.64
N ASN B 184 -32.02 25.99 22.87
CA ASN B 184 -30.72 26.46 22.43
C ASN B 184 -30.45 25.92 21.03
N GLY B 185 -31.27 24.98 20.56
CA GLY B 185 -31.08 24.37 19.26
C GLY B 185 -32.06 24.97 18.26
N GLY B 186 -32.99 24.15 17.78
CA GLY B 186 -34.01 24.62 16.87
C GLY B 186 -35.08 25.46 17.59
N ASN B 187 -35.30 25.22 18.90
CA ASN B 187 -36.38 25.87 19.65
C ASN B 187 -37.73 25.69 18.93
N HIS B 188 -37.95 24.53 18.32
CA HIS B 188 -39.20 24.20 17.62
C HIS B 188 -39.48 25.11 16.43
N ASP B 189 -38.43 25.69 15.86
CA ASP B 189 -38.53 26.63 14.77
C ASP B 189 -37.72 26.07 13.60
N PRO B 190 -38.39 25.59 12.53
CA PRO B 190 -37.68 25.00 11.40
C PRO B 190 -36.56 25.83 10.79
N SER B 191 -36.74 27.16 10.74
CA SER B 191 -35.78 28.07 10.12
C SER B 191 -34.45 28.08 10.89
N ARG B 192 -34.46 27.58 12.13
CA ARG B 192 -33.24 27.54 12.93
C ARG B 192 -32.45 26.25 12.68
N MET B 193 -32.92 25.41 11.75
CA MET B 193 -32.34 24.10 11.49
C MET B 193 -31.81 24.03 10.05
N LYS B 194 -31.01 23.00 9.78
CA LYS B 194 -30.43 22.73 8.47
C LYS B 194 -30.42 21.22 8.24
N ALA B 195 -30.81 20.80 7.04
CA ALA B 195 -30.73 19.39 6.68
C ALA B 195 -29.29 19.04 6.30
N VAL B 196 -28.85 17.84 6.70
CA VAL B 196 -27.48 17.40 6.46
C VAL B 196 -27.50 15.93 6.06
N ILE B 197 -26.44 15.46 5.37
CA ILE B 197 -26.42 14.10 4.89
C ILE B 197 -25.17 13.40 5.43
N TYR B 198 -25.34 12.10 5.71
CA TYR B 198 -24.22 11.20 5.87
C TYR B 198 -24.64 9.87 5.22
N SER B 199 -23.71 8.92 5.11
CA SER B 199 -23.97 7.62 4.49
C SER B 199 -23.54 6.52 5.44
N LYS B 200 -24.29 5.40 5.40
CA LYS B 200 -23.91 4.17 6.09
C LYS B 200 -23.72 3.05 5.07
N HIS B 201 -22.62 2.33 5.25
CA HIS B 201 -22.31 1.10 4.55
C HIS B 201 -22.51 -0.04 5.53
N PHE B 202 -23.22 -1.09 5.08
CA PHE B 202 -23.73 -2.12 5.98
C PHE B 202 -24.07 -3.37 5.19
N TRP B 203 -24.48 -4.43 5.90
CA TRP B 203 -24.61 -5.78 5.33
C TRP B 203 -26.10 -6.11 5.16
N SER B 204 -26.46 -6.65 4.00
CA SER B 204 -27.87 -6.90 3.70
C SER B 204 -28.38 -8.13 4.47
N GLY B 205 -27.54 -9.12 4.69
CA GLY B 205 -28.00 -10.39 5.25
C GLY B 205 -27.83 -10.54 6.76
N GLN B 206 -28.64 -9.81 7.54
CA GLN B 206 -28.50 -9.77 8.99
C GLN B 206 -29.63 -10.55 9.67
N ASP B 207 -30.43 -11.28 8.88
CA ASP B 207 -31.68 -11.87 9.34
C ASP B 207 -31.35 -13.21 10.01
N ARG B 208 -31.62 -13.32 11.31
CA ARG B 208 -31.26 -14.49 12.09
C ARG B 208 -32.06 -15.73 11.64
N SER B 209 -33.26 -15.52 11.08
CA SER B 209 -34.11 -16.57 10.52
C SER B 209 -33.68 -17.06 9.14
N SER B 210 -32.69 -16.41 8.53
CA SER B 210 -32.37 -16.69 7.12
C SER B 210 -31.30 -17.78 6.99
N SER B 211 -31.20 -18.31 5.76
CA SER B 211 -30.24 -19.35 5.41
C SER B 211 -28.81 -18.82 5.53
N ALA B 212 -27.84 -19.75 5.69
CA ALA B 212 -26.44 -19.40 5.72
C ALA B 212 -26.04 -18.69 4.43
N ASP B 213 -26.63 -19.08 3.29
CA ASP B 213 -26.22 -18.43 2.05
C ASP B 213 -26.51 -16.93 2.11
N LYS B 214 -27.66 -16.55 2.67
CA LYS B 214 -28.01 -15.15 2.74
C LYS B 214 -27.10 -14.40 3.71
N ARG B 215 -26.79 -15.04 4.84
CA ARG B 215 -25.97 -14.43 5.88
C ARG B 215 -24.54 -14.22 5.39
N LYS B 216 -24.06 -15.13 4.53
CA LYS B 216 -22.69 -15.06 4.05
C LYS B 216 -22.51 -14.32 2.72
N TYR B 217 -23.57 -14.23 1.91
CA TYR B 217 -23.39 -13.81 0.52
C TYR B 217 -24.41 -12.72 0.15
N GLY B 218 -25.39 -12.49 1.03
CA GLY B 218 -26.26 -11.33 0.95
C GLY B 218 -27.70 -11.69 0.56
N ASP B 219 -28.61 -10.77 0.86
CA ASP B 219 -30.03 -10.98 0.71
C ASP B 219 -30.49 -10.01 -0.36
N PRO B 220 -30.75 -10.49 -1.59
CA PRO B 220 -31.03 -9.59 -2.71
C PRO B 220 -32.30 -8.77 -2.47
N ASP B 221 -33.20 -9.27 -1.62
CA ASP B 221 -34.47 -8.56 -1.42
C ASP B 221 -34.39 -7.51 -0.31
N ALA B 222 -33.30 -7.50 0.47
CA ALA B 222 -33.25 -6.62 1.66
C ALA B 222 -32.64 -5.27 1.30
N PHE B 223 -33.15 -4.20 1.92
CA PHE B 223 -32.62 -2.84 1.87
C PHE B 223 -32.66 -2.26 0.46
N ARG B 224 -33.74 -2.53 -0.28
CA ARG B 224 -33.87 -2.00 -1.62
C ARG B 224 -34.72 -0.73 -1.57
N PRO B 225 -34.43 0.33 -2.35
CA PRO B 225 -35.24 1.55 -2.32
C PRO B 225 -36.63 1.31 -2.90
N ALA B 226 -37.63 1.98 -2.33
CA ALA B 226 -38.98 1.95 -2.86
C ALA B 226 -38.95 2.60 -4.23
N PRO B 227 -39.58 1.98 -5.25
CA PRO B 227 -39.59 2.49 -6.63
C PRO B 227 -39.75 3.99 -6.91
N GLY B 228 -40.78 4.61 -6.34
CA GLY B 228 -41.05 6.00 -6.68
C GLY B 228 -40.34 7.01 -5.76
N THR B 229 -39.95 6.61 -4.55
CA THR B 229 -39.39 7.61 -3.65
C THR B 229 -37.87 7.48 -3.47
N GLY B 230 -37.31 6.28 -3.68
CA GLY B 230 -35.93 5.98 -3.33
C GLY B 230 -35.72 5.68 -1.84
N LEU B 231 -36.79 5.66 -1.02
CA LEU B 231 -36.66 5.37 0.41
C LEU B 231 -36.21 3.94 0.71
N VAL B 232 -35.25 3.82 1.63
CA VAL B 232 -34.90 2.50 2.15
C VAL B 232 -35.37 2.46 3.58
N ASP B 233 -36.04 1.36 3.90
CA ASP B 233 -36.57 1.06 5.22
C ASP B 233 -35.39 0.48 5.99
N MET B 234 -34.94 1.20 7.03
CA MET B 234 -33.75 0.83 7.75
C MET B 234 -34.13 0.13 9.06
N SER B 235 -35.42 -0.18 9.27
CA SER B 235 -35.90 -0.72 10.56
C SER B 235 -35.33 -2.11 10.85
N ARG B 236 -34.91 -2.82 9.82
CA ARG B 236 -34.42 -4.17 10.06
C ARG B 236 -32.89 -4.23 10.05
N ASP B 237 -32.23 -3.06 10.01
CA ASP B 237 -30.79 -3.03 10.15
C ASP B 237 -30.52 -3.25 11.64
N ARG B 238 -29.73 -4.26 11.98
CA ARG B 238 -29.53 -4.61 13.38
C ARG B 238 -28.08 -4.44 13.74
N ASN B 239 -27.31 -3.76 12.87
CA ASN B 239 -25.87 -3.60 13.04
C ASN B 239 -25.15 -4.94 13.17
N ILE B 240 -25.60 -5.96 12.42
CA ILE B 240 -24.99 -7.27 12.38
C ILE B 240 -24.06 -7.33 11.17
N PRO B 241 -22.79 -7.77 11.36
CA PRO B 241 -21.87 -7.96 10.24
C PRO B 241 -22.17 -9.19 9.39
N ARG B 242 -21.64 -9.14 8.17
CA ARG B 242 -21.58 -10.26 7.22
C ARG B 242 -20.99 -11.48 7.92
N SER B 243 -21.67 -12.64 7.81
CA SER B 243 -21.17 -13.85 8.41
C SER B 243 -19.98 -14.34 7.61
N PRO B 244 -18.82 -14.67 8.21
CA PRO B 244 -17.67 -15.11 7.42
C PRO B 244 -17.86 -16.50 6.83
N THR B 245 -17.10 -16.79 5.78
CA THR B 245 -17.01 -18.14 5.21
C THR B 245 -15.78 -18.87 5.73
N SER B 246 -14.70 -18.14 6.05
CA SER B 246 -13.50 -18.78 6.57
C SER B 246 -13.07 -18.13 7.89
N PRO B 247 -12.74 -18.95 8.92
CA PRO B 247 -12.15 -18.44 10.16
C PRO B 247 -10.88 -17.67 9.85
N GLY B 248 -11.01 -16.37 9.60
CA GLY B 248 -9.94 -15.60 9.01
C GLY B 248 -10.40 -14.20 8.57
N GLU B 249 -11.38 -14.13 7.67
CA GLU B 249 -12.05 -12.88 7.32
C GLU B 249 -12.61 -12.26 8.59
N GLY B 250 -12.27 -11.00 8.84
CA GLY B 250 -12.93 -10.30 9.92
C GLY B 250 -13.79 -9.18 9.35
N PHE B 251 -15.08 -9.46 9.13
CA PHE B 251 -16.00 -8.43 8.67
C PHE B 251 -16.57 -7.64 9.86
N VAL B 252 -16.53 -6.31 9.74
CA VAL B 252 -17.14 -5.42 10.71
C VAL B 252 -18.56 -5.07 10.24
N ASN B 253 -19.39 -4.65 11.20
CA ASN B 253 -20.79 -4.34 10.95
C ASN B 253 -21.01 -3.17 9.96
N PHE B 254 -20.22 -2.09 10.05
CA PHE B 254 -20.62 -0.90 9.33
C PHE B 254 -19.48 0.08 9.15
N ASP B 255 -19.74 1.05 8.26
CA ASP B 255 -18.92 2.23 8.11
C ASP B 255 -19.89 3.40 7.97
N TYR B 256 -19.51 4.56 8.54
CA TYR B 256 -20.33 5.76 8.42
C TYR B 256 -19.47 6.89 7.88
N GLY B 257 -20.01 7.61 6.89
CA GLY B 257 -19.26 8.67 6.24
C GLY B 257 -20.00 9.98 6.32
N TRP B 258 -19.38 10.99 6.97
CA TRP B 258 -20.06 12.28 7.12
C TRP B 258 -19.84 13.15 5.91
N PHE B 259 -20.93 13.64 5.34
CA PHE B 259 -20.86 14.61 4.26
C PHE B 259 -21.18 16.03 4.76
N GLY B 260 -22.32 16.18 5.42
CA GLY B 260 -22.77 17.50 5.87
C GLY B 260 -23.62 18.19 4.82
N ALA B 261 -23.16 19.34 4.33
CA ALA B 261 -23.99 20.14 3.43
C ALA B 261 -23.08 20.99 2.55
N GLN B 262 -22.11 20.35 1.88
CA GLN B 262 -21.18 21.03 0.99
C GLN B 262 -21.90 21.56 -0.25
N THR B 263 -21.44 22.72 -0.75
CA THR B 263 -22.11 23.34 -1.88
C THR B 263 -21.59 22.77 -3.20
N GLU B 264 -20.40 22.15 -3.18
CA GLU B 264 -19.79 21.56 -4.37
C GLU B 264 -20.84 20.71 -5.07
N ALA B 265 -21.04 21.03 -6.36
CA ALA B 265 -22.08 20.44 -7.18
C ALA B 265 -21.62 19.08 -7.73
N ASP B 266 -20.34 18.94 -8.08
CA ASP B 266 -19.71 17.71 -8.55
C ASP B 266 -19.56 16.72 -7.40
N ALA B 267 -20.40 15.68 -7.38
CA ALA B 267 -20.32 14.72 -6.29
C ALA B 267 -18.91 14.17 -6.12
N ASP B 268 -18.17 14.05 -7.23
CA ASP B 268 -16.87 13.41 -7.19
C ASP B 268 -15.87 14.26 -6.39
N LYS B 269 -16.12 15.58 -6.26
CA LYS B 269 -15.23 16.44 -5.52
C LYS B 269 -15.64 16.56 -4.04
N THR B 270 -16.77 15.94 -3.64
CA THR B 270 -17.24 16.11 -2.27
C THR B 270 -16.36 15.28 -1.32
N VAL B 271 -16.31 15.73 -0.07
CA VAL B 271 -15.42 15.12 0.91
C VAL B 271 -16.26 14.43 1.98
N TRP B 272 -15.85 13.19 2.31
CA TRP B 272 -16.56 12.33 3.22
C TRP B 272 -15.65 11.95 4.38
N THR B 273 -16.12 12.20 5.62
CA THR B 273 -15.25 11.96 6.78
C THR B 273 -15.67 10.69 7.50
N HIS B 274 -14.70 9.78 7.68
CA HIS B 274 -14.97 8.50 8.30
C HIS B 274 -13.74 8.09 9.09
N GLY B 275 -13.50 6.80 9.26
CA GLY B 275 -12.47 6.38 10.19
C GLY B 275 -12.16 4.89 10.03
N ASN B 276 -11.04 4.49 10.60
CA ASN B 276 -10.66 3.10 10.48
C ASN B 276 -11.46 2.23 11.45
N HIS B 277 -11.48 2.61 12.73
CA HIS B 277 -12.10 1.83 13.80
C HIS B 277 -12.08 2.66 15.09
N TYR B 278 -12.64 2.09 16.19
CA TYR B 278 -12.56 2.72 17.50
C TYR B 278 -11.11 2.89 17.99
N HIS B 279 -10.92 3.81 18.94
CA HIS B 279 -9.61 4.21 19.46
C HIS B 279 -9.08 3.17 20.44
N ALA B 280 -8.12 2.34 20.00
CA ALA B 280 -7.54 1.29 20.83
C ALA B 280 -6.02 1.41 20.82
N PRO B 281 -5.42 2.51 21.34
CA PRO B 281 -3.97 2.67 21.28
C PRO B 281 -3.17 1.72 22.18
N ASN B 282 -3.82 1.00 23.09
CA ASN B 282 -3.09 0.23 24.10
C ASN B 282 -2.86 -1.21 23.64
N CYS B 283 -2.97 -1.46 22.33
CA CYS B 283 -3.41 -2.76 21.86
C CYS B 283 -3.16 -2.87 20.35
N SER B 284 -3.10 -4.12 19.85
CA SER B 284 -2.71 -4.41 18.48
C SER B 284 -3.54 -3.60 17.49
N LEU B 285 -4.87 -3.58 17.68
CA LEU B 285 -5.82 -2.92 16.79
C LEU B 285 -5.36 -1.49 16.49
N GLY B 286 -4.93 -0.79 17.52
CA GLY B 286 -4.23 0.46 17.31
C GLY B 286 -5.14 1.67 17.42
N ALA B 287 -4.51 2.83 17.37
CA ALA B 287 -5.20 4.08 17.55
C ALA B 287 -6.16 4.29 16.38
N MET B 288 -7.22 5.06 16.65
CA MET B 288 -8.16 5.53 15.65
C MET B 288 -7.50 6.60 14.78
N HIS B 289 -7.69 6.45 13.46
CA HIS B 289 -7.34 7.47 12.48
C HIS B 289 -8.60 7.90 11.76
N VAL B 290 -8.70 9.20 11.49
CA VAL B 290 -9.83 9.75 10.79
C VAL B 290 -9.46 9.83 9.31
N TYR B 291 -10.37 9.37 8.46
CA TYR B 291 -10.23 9.37 7.01
C TYR B 291 -11.08 10.49 6.43
N GLU B 292 -10.48 11.26 5.51
CA GLU B 292 -11.25 12.20 4.74
C GLU B 292 -11.09 11.83 3.27
N SER B 293 -12.22 11.44 2.65
CA SER B 293 -12.19 10.76 1.36
C SER B 293 -13.00 11.57 0.36
N LYS B 294 -12.50 11.63 -0.89
CA LYS B 294 -13.37 12.01 -1.99
C LYS B 294 -14.47 10.96 -2.14
N PHE B 295 -15.58 11.34 -2.79
CA PHE B 295 -16.76 10.50 -2.88
C PHE B 295 -16.43 9.13 -3.49
N ARG B 296 -15.51 9.09 -4.46
CA ARG B 296 -15.17 7.81 -5.09
C ARG B 296 -14.51 6.87 -4.10
N ASN B 297 -13.63 7.42 -3.24
CA ASN B 297 -12.94 6.66 -2.22
C ASN B 297 -13.96 6.18 -1.20
N TRP B 298 -14.90 7.06 -0.82
CA TRP B 298 -15.98 6.65 0.08
C TRP B 298 -16.78 5.49 -0.51
N SER B 299 -17.27 5.67 -1.73
CA SER B 299 -18.32 4.83 -2.28
C SER B 299 -17.77 3.49 -2.77
N GLU B 300 -16.44 3.39 -2.90
CA GLU B 300 -15.79 2.12 -3.21
C GLU B 300 -16.11 1.06 -2.15
N GLY B 301 -16.06 1.45 -0.87
CA GLY B 301 -16.49 0.55 0.19
C GLY B 301 -15.52 -0.62 0.33
N TYR B 302 -16.03 -1.75 0.82
CA TYR B 302 -15.26 -2.92 1.21
C TYR B 302 -16.10 -4.18 0.99
N SER B 303 -15.44 -5.35 0.94
CA SER B 303 -16.10 -6.65 0.92
C SER B 303 -17.13 -6.82 2.05
N ASP B 304 -16.87 -6.17 3.18
CA ASP B 304 -17.74 -6.25 4.35
C ASP B 304 -19.19 -5.83 4.06
N PHE B 305 -19.35 -4.91 3.09
CA PHE B 305 -20.61 -4.20 2.94
C PHE B 305 -21.16 -4.39 1.53
N ASP B 306 -22.47 -4.70 1.46
CA ASP B 306 -23.12 -4.78 0.15
C ASP B 306 -24.29 -3.81 0.07
N ARG B 307 -24.41 -2.89 1.03
CA ARG B 307 -25.46 -1.87 0.99
C ARG B 307 -24.88 -0.50 1.37
N GLY B 308 -25.40 0.54 0.73
CA GLY B 308 -25.15 1.89 1.20
C GLY B 308 -26.46 2.66 1.23
N ALA B 309 -26.62 3.48 2.26
CA ALA B 309 -27.81 4.30 2.43
C ALA B 309 -27.34 5.74 2.62
N TYR B 310 -28.05 6.68 1.99
CA TYR B 310 -27.75 8.10 2.06
C TYR B 310 -28.82 8.70 2.98
N VAL B 311 -28.41 9.14 4.18
CA VAL B 311 -29.32 9.48 5.26
C VAL B 311 -29.43 11.00 5.36
N ILE B 312 -30.65 11.51 5.59
CA ILE B 312 -30.90 12.92 5.90
C ILE B 312 -31.19 13.05 7.40
N THR B 313 -30.54 14.03 8.05
CA THR B 313 -30.96 14.44 9.39
C THR B 313 -30.90 15.96 9.44
N PHE B 314 -31.04 16.53 10.66
CA PHE B 314 -31.11 17.99 10.79
C PHE B 314 -30.17 18.40 11.92
N ILE B 315 -29.52 19.56 11.76
CA ILE B 315 -28.78 20.17 12.87
C ILE B 315 -29.14 21.66 12.96
N PRO B 316 -28.91 22.30 14.13
CA PRO B 316 -29.06 23.75 14.26
C PRO B 316 -28.16 24.48 13.27
N LYS B 317 -28.73 25.54 12.68
CA LYS B 317 -28.03 26.42 11.75
C LYS B 317 -26.82 27.06 12.44
N SER B 318 -26.94 27.32 13.73
CA SER B 318 -25.86 27.91 14.52
C SER B 318 -24.57 27.08 14.57
N TRP B 319 -24.62 25.79 14.25
CA TRP B 319 -23.43 24.95 14.32
C TRP B 319 -22.55 25.20 13.09
N ASN B 320 -21.41 24.50 13.00
CA ASN B 320 -20.60 24.62 11.79
C ASN B 320 -19.95 23.27 11.47
N THR B 321 -20.67 22.18 11.76
CA THR B 321 -20.16 20.84 11.49
C THR B 321 -20.53 20.41 10.08
N ALA B 322 -21.29 21.23 9.37
CA ALA B 322 -21.62 20.98 7.97
C ALA B 322 -21.38 22.23 7.15
N PRO B 323 -20.12 22.73 7.10
CA PRO B 323 -19.84 24.00 6.42
C PRO B 323 -20.01 23.81 4.91
N ASP B 324 -20.15 24.95 4.22
CA ASP B 324 -20.26 25.05 2.79
C ASP B 324 -19.08 24.39 2.08
N LYS B 325 -17.87 24.47 2.65
CA LYS B 325 -16.72 23.85 1.99
C LYS B 325 -15.94 23.00 2.96
N VAL B 326 -15.50 21.84 2.48
CA VAL B 326 -14.71 20.93 3.30
C VAL B 326 -13.42 20.65 2.53
N LYS B 327 -12.28 20.70 3.22
CA LYS B 327 -11.01 20.36 2.57
C LYS B 327 -10.32 19.24 3.32
N GLN B 328 -9.64 18.37 2.54
CA GLN B 328 -8.93 17.26 3.12
C GLN B 328 -7.62 17.82 3.69
N GLY B 329 -7.15 17.25 4.78
CA GLY B 329 -5.78 17.50 5.20
C GLY B 329 -5.63 18.80 5.98
N TRP B 330 -4.36 19.19 6.14
CA TRP B 330 -4.01 20.45 6.79
C TRP B 330 -2.64 20.85 6.25
N PRO B 331 -2.44 22.13 5.86
CA PRO B 331 -3.48 23.15 6.01
C PRO B 331 -4.53 23.11 4.90
N ASP C 1 7.69 29.44 -4.14
CA ASP C 1 6.46 28.76 -4.61
C ASP C 1 5.97 27.87 -3.48
N SER C 2 4.87 27.14 -3.71
CA SER C 2 4.24 26.48 -2.58
C SER C 2 5.12 25.31 -2.09
N CYS C 3 6.12 24.91 -2.89
CA CYS C 3 7.00 23.84 -2.49
C CYS C 3 8.19 24.37 -1.66
N ASP C 4 8.23 25.66 -1.35
CA ASP C 4 9.32 26.21 -0.55
C ASP C 4 9.41 25.49 0.79
N ARG C 5 10.65 25.22 1.25
CA ARG C 5 10.90 24.60 2.56
C ARG C 5 10.26 25.45 3.66
N VAL C 6 9.63 24.80 4.65
CA VAL C 6 9.08 25.45 5.83
C VAL C 6 9.84 24.99 7.07
N THR C 7 10.16 25.93 7.97
CA THR C 7 10.67 25.58 9.30
C THR C 7 9.53 25.23 10.24
N PRO C 8 9.45 24.02 10.82
CA PRO C 8 8.33 23.70 11.72
C PRO C 8 8.37 24.67 12.89
N PRO C 9 7.18 25.08 13.43
CA PRO C 9 7.12 26.01 14.58
C PRO C 9 7.68 25.38 15.86
N ALA C 10 8.03 26.23 16.84
CA ALA C 10 8.51 25.72 18.12
C ALA C 10 7.49 24.78 18.77
N GLU C 11 7.99 23.74 19.43
CA GLU C 11 7.12 22.89 20.24
C GLU C 11 7.44 23.12 21.71
N PRO C 12 6.44 23.46 22.59
CA PRO C 12 6.71 23.62 24.01
C PRO C 12 7.35 22.35 24.54
N LEU C 13 8.26 22.52 25.51
CA LEU C 13 8.99 21.42 26.08
C LEU C 13 8.08 20.41 26.77
N ASP C 14 6.90 20.82 27.23
CA ASP C 14 6.04 19.85 27.90
C ASP C 14 5.06 19.18 26.93
N ARG C 15 5.15 19.47 25.63
CA ARG C 15 4.19 18.94 24.67
CA ARG C 15 4.19 18.93 24.68
C ARG C 15 4.59 17.52 24.27
N MET C 16 3.71 16.56 24.57
CA MET C 16 3.96 15.14 24.37
C MET C 16 3.62 14.76 22.93
N PRO C 17 4.36 13.82 22.33
CA PRO C 17 4.08 13.41 20.95
C PRO C 17 2.80 12.58 20.91
N ASP C 18 2.12 12.57 19.76
CA ASP C 18 1.07 11.58 19.52
C ASP C 18 1.72 10.19 19.42
N PRO C 19 1.02 9.12 19.87
CA PRO C 19 1.61 7.78 19.82
C PRO C 19 1.66 7.35 18.36
N TYR C 20 2.65 6.49 18.04
CA TYR C 20 2.75 5.90 16.72
C TYR C 20 3.55 4.60 16.88
N ARG C 21 3.31 3.66 15.96
CA ARG C 21 3.65 2.26 16.15
C ARG C 21 4.55 1.81 15.00
N PRO C 22 5.59 1.00 15.27
CA PRO C 22 6.33 0.36 14.19
C PRO C 22 5.49 -0.77 13.60
N SER C 23 5.67 -0.98 12.30
CA SER C 23 5.23 -2.20 11.63
C SER C 23 6.25 -2.50 10.54
N TYR C 24 6.61 -3.77 10.42
CA TYR C 24 7.54 -4.25 9.41
C TYR C 24 8.89 -3.52 9.54
N GLY C 25 9.27 -3.24 10.80
CA GLY C 25 10.58 -2.71 11.14
C GLY C 25 10.75 -1.22 10.85
N ARG C 26 9.64 -0.51 10.58
CA ARG C 26 9.60 0.93 10.30
C ARG C 26 8.50 1.59 11.15
N ALA C 27 8.85 2.67 11.86
CA ALA C 27 7.85 3.59 12.40
C ALA C 27 8.06 4.92 11.72
N GLU C 28 6.99 5.69 11.51
CA GLU C 28 7.17 6.99 10.89
C GLU C 28 6.21 7.99 11.53
N THR C 29 6.64 9.26 11.57
CA THR C 29 5.79 10.34 12.08
C THR C 29 6.18 11.65 11.43
N VAL C 30 5.17 12.51 11.22
CA VAL C 30 5.37 13.83 10.68
C VAL C 30 6.38 14.57 11.56
N VAL C 31 7.23 15.40 10.95
CA VAL C 31 8.36 16.04 11.62
C VAL C 31 7.92 16.78 12.90
N ASN C 32 6.80 17.54 12.85
CA ASN C 32 6.32 18.31 14.00
C ASN C 32 6.17 17.44 15.23
N ASN C 33 5.65 16.21 15.04
CA ASN C 33 5.45 15.23 16.09
C ASN C 33 6.78 14.64 16.54
N TYR C 34 7.67 14.37 15.55
CA TYR C 34 8.98 13.86 15.90
C TYR C 34 9.72 14.84 16.81
N ILE C 35 9.59 16.14 16.56
CA ILE C 35 10.28 17.13 17.40
C ILE C 35 9.88 16.93 18.87
N ARG C 36 8.58 16.65 19.10
CA ARG C 36 8.05 16.39 20.44
C ARG C 36 8.75 15.19 21.07
N LYS C 37 8.84 14.08 20.32
CA LYS C 37 9.58 12.92 20.80
C LYS C 37 11.04 13.28 21.11
N TRP C 38 11.71 13.91 20.16
CA TRP C 38 13.13 14.24 20.29
C TRP C 38 13.35 15.06 21.57
N GLN C 39 12.51 16.07 21.79
CA GLN C 39 12.55 16.90 23.00
C GLN C 39 12.45 16.05 24.26
N GLN C 40 11.58 15.01 24.27
CA GLN C 40 11.37 14.16 25.43
C GLN C 40 12.57 13.24 25.71
N VAL C 41 13.21 12.66 24.67
CA VAL C 41 14.14 11.56 24.88
C VAL C 41 15.58 11.76 24.37
N TYR C 42 15.81 12.69 23.40
CA TYR C 42 17.14 12.83 22.77
C TYR C 42 17.80 14.16 23.11
N SER C 43 17.01 15.10 23.62
CA SER C 43 17.33 16.53 23.64
C SER C 43 18.28 16.93 24.77
N HIS C 44 18.54 16.04 25.74
CA HIS C 44 19.14 16.46 27.00
C HIS C 44 20.52 17.10 26.80
N ARG C 45 20.75 18.23 27.48
CA ARG C 45 22.11 18.77 27.64
C ARG C 45 22.35 19.07 29.11
N ASP C 46 23.50 18.64 29.64
CA ASP C 46 23.77 18.75 31.06
C ASP C 46 22.64 18.06 31.84
N GLY C 47 22.00 17.06 31.24
CA GLY C 47 21.03 16.22 31.91
C GLY C 47 19.61 16.80 31.93
N ARG C 48 19.40 17.96 31.33
CA ARG C 48 18.07 18.52 31.31
C ARG C 48 17.53 18.55 29.88
N LYS C 49 16.25 18.22 29.70
CA LYS C 49 15.58 18.32 28.38
C LYS C 49 15.72 19.73 27.80
N GLN C 50 15.84 19.81 26.48
CA GLN C 50 16.00 21.10 25.82
C GLN C 50 14.94 21.19 24.74
N GLN C 51 14.34 22.37 24.58
CA GLN C 51 13.53 22.58 23.41
C GLN C 51 14.43 22.58 22.19
N MET C 52 13.93 22.03 21.08
CA MET C 52 14.66 22.15 19.83
C MET C 52 14.59 23.60 19.37
N THR C 53 15.75 24.20 19.13
CA THR C 53 15.78 25.64 18.94
C THR C 53 15.35 25.96 17.53
N GLU C 54 15.10 27.25 17.27
CA GLU C 54 14.75 27.67 15.94
C GLU C 54 15.83 27.26 14.95
N GLU C 55 17.12 27.42 15.28
CA GLU C 55 18.14 27.04 14.32
C GLU C 55 18.08 25.54 14.02
N GLN C 56 17.92 24.72 15.08
CA GLN C 56 17.82 23.27 14.96
C GLN C 56 16.60 22.87 14.12
N ARG C 57 15.45 23.50 14.41
CA ARG C 57 14.27 23.19 13.63
C ARG C 57 14.49 23.52 12.15
N GLU C 58 15.23 24.60 11.87
CA GLU C 58 15.51 24.95 10.48
C GLU C 58 16.40 23.88 9.82
N TRP C 59 17.39 23.37 10.54
CA TRP C 59 18.26 22.33 9.97
C TRP C 59 17.43 21.06 9.75
N LEU C 60 16.61 20.72 10.74
CA LEU C 60 15.87 19.48 10.64
C LEU C 60 14.99 19.48 9.38
N SER C 61 14.45 20.66 9.04
CA SER C 61 13.50 20.84 7.97
C SER C 61 14.12 20.53 6.60
N TYR C 62 15.45 20.38 6.55
CA TYR C 62 16.11 19.99 5.31
C TYR C 62 15.90 18.52 4.95
N GLY C 63 15.33 17.70 5.84
CA GLY C 63 14.99 16.32 5.46
C GLY C 63 15.89 15.33 6.19
N CYS C 64 16.19 14.21 5.52
CA CYS C 64 16.93 13.15 6.22
C CYS C 64 18.28 13.68 6.72
N VAL C 65 18.90 14.59 5.96
CA VAL C 65 20.15 15.23 6.39
C VAL C 65 19.98 15.99 7.70
N GLY C 66 18.76 16.50 7.94
CA GLY C 66 18.50 17.38 9.07
C GLY C 66 18.57 16.64 10.41
N VAL C 67 18.16 15.36 10.39
CA VAL C 67 18.21 14.55 11.60
C VAL C 67 19.67 14.46 12.06
N THR C 68 20.58 14.12 11.12
CA THR C 68 22.00 13.99 11.43
C THR C 68 22.60 15.35 11.76
N TRP C 69 22.14 16.40 11.08
CA TRP C 69 22.65 17.75 11.33
C TRP C 69 22.38 18.15 12.77
N VAL C 70 21.13 17.99 13.22
CA VAL C 70 20.73 18.36 14.58
C VAL C 70 21.44 17.48 15.61
N ASN C 71 21.47 16.17 15.35
CA ASN C 71 22.01 15.26 16.33
C ASN C 71 23.53 15.44 16.52
N SER C 72 24.24 15.80 15.46
CA SER C 72 25.69 15.97 15.59
C SER C 72 26.05 17.44 15.82
N GLY C 73 25.13 18.36 15.45
CA GLY C 73 25.44 19.77 15.56
C GLY C 73 26.25 20.35 14.39
N GLN C 74 26.42 19.58 13.32
CA GLN C 74 27.27 19.96 12.20
C GLN C 74 26.63 19.46 10.90
N TYR C 75 26.67 20.29 9.85
CA TYR C 75 26.28 19.73 8.56
C TYR C 75 27.25 18.60 8.24
N PRO C 76 26.77 17.38 7.91
CA PRO C 76 27.64 16.22 7.76
C PRO C 76 28.69 16.41 6.66
N THR C 77 29.95 16.22 7.03
CA THR C 77 31.04 16.37 6.08
C THR C 77 31.30 15.02 5.42
N ASN C 78 31.09 13.93 6.19
CA ASN C 78 31.25 12.55 5.73
C ASN C 78 32.73 12.22 5.51
N ARG C 79 33.62 12.95 6.18
CA ARG C 79 35.02 12.84 5.83
C ARG C 79 35.61 11.49 6.25
N LEU C 80 35.17 10.96 7.39
CA LEU C 80 35.63 9.68 7.90
C LEU C 80 34.54 8.62 7.64
N ALA C 81 34.79 7.76 6.65
CA ALA C 81 33.74 6.89 6.13
C ALA C 81 34.25 5.48 5.84
N PHE C 82 33.44 4.47 6.19
CA PHE C 82 33.88 3.12 5.91
C PHE C 82 32.84 2.38 5.08
N ALA C 83 33.32 1.32 4.40
CA ALA C 83 32.44 0.40 3.70
C ALA C 83 33.19 -0.93 3.54
N SER C 84 32.40 -1.98 3.27
CA SER C 84 32.94 -3.31 3.02
C SER C 84 32.66 -3.66 1.57
N PHE C 85 33.73 -4.02 0.83
CA PHE C 85 33.61 -4.38 -0.57
C PHE C 85 34.45 -5.62 -0.81
N ASP C 86 33.96 -6.52 -1.69
CA ASP C 86 34.63 -7.79 -1.90
C ASP C 86 35.30 -7.72 -3.26
N GLU C 87 36.58 -7.30 -3.30
CA GLU C 87 37.32 -7.10 -4.53
C GLU C 87 37.40 -8.41 -5.32
N ASP C 88 37.47 -9.55 -4.62
CA ASP C 88 37.62 -10.87 -5.23
C ASP C 88 36.33 -11.21 -5.98
N ARG C 89 35.19 -10.96 -5.33
CA ARG C 89 33.87 -11.20 -5.90
C ARG C 89 33.67 -10.29 -7.12
N PHE C 90 34.12 -9.03 -7.03
CA PHE C 90 33.88 -8.10 -8.11
C PHE C 90 34.71 -8.52 -9.32
N LYS C 91 36.00 -8.83 -9.08
CA LYS C 91 36.91 -9.23 -10.14
C LYS C 91 36.33 -10.45 -10.86
N ASN C 92 35.86 -11.42 -10.10
CA ASN C 92 35.45 -12.67 -10.71
C ASN C 92 34.13 -12.53 -11.48
N GLU C 93 33.24 -11.66 -11.01
CA GLU C 93 32.01 -11.40 -11.73
C GLU C 93 32.32 -10.71 -13.06
N LEU C 94 33.20 -9.70 -13.08
CA LEU C 94 33.50 -9.03 -14.34
C LEU C 94 34.15 -10.00 -15.34
N LYS C 95 35.03 -10.88 -14.84
CA LYS C 95 35.77 -11.80 -15.71
C LYS C 95 34.86 -12.92 -16.21
N ASN C 96 34.09 -13.51 -15.29
CA ASN C 96 33.41 -14.78 -15.51
C ASN C 96 31.89 -14.64 -15.50
N GLY C 97 31.37 -13.59 -14.85
CA GLY C 97 29.92 -13.48 -14.65
C GLY C 97 29.20 -13.23 -15.97
N ARG C 98 27.89 -13.55 -15.99
CA ARG C 98 27.09 -13.49 -17.20
C ARG C 98 26.15 -12.29 -17.10
N PRO C 99 26.33 -11.23 -17.92
CA PRO C 99 25.40 -10.09 -17.92
C PRO C 99 23.99 -10.62 -18.15
N ARG C 100 23.02 -9.91 -17.56
CA ARG C 100 21.63 -10.33 -17.67
C ARG C 100 21.14 -9.95 -19.08
N SER C 101 20.07 -10.62 -19.53
CA SER C 101 19.50 -10.38 -20.84
C SER C 101 19.34 -8.89 -21.10
N GLY C 102 19.94 -8.39 -22.19
CA GLY C 102 19.84 -7.00 -22.60
C GLY C 102 20.82 -6.04 -21.91
N GLU C 103 21.61 -6.53 -20.93
CA GLU C 103 22.44 -5.64 -20.12
C GLU C 103 23.69 -5.22 -20.91
N THR C 104 23.97 -3.93 -21.05
CA THR C 104 25.23 -3.52 -21.68
C THR C 104 26.39 -3.78 -20.73
N ARG C 105 27.63 -3.62 -21.21
CA ARG C 105 28.80 -3.88 -20.38
C ARG C 105 28.85 -2.87 -19.22
N ALA C 106 28.61 -1.60 -19.52
CA ALA C 106 28.59 -0.52 -18.54
C ALA C 106 27.54 -0.79 -17.46
N GLU C 107 26.34 -1.20 -17.88
CA GLU C 107 25.26 -1.46 -16.95
C GLU C 107 25.66 -2.60 -16.03
N PHE C 108 26.22 -3.65 -16.63
CA PHE C 108 26.67 -4.81 -15.88
C PHE C 108 27.71 -4.39 -14.83
N GLU C 109 28.76 -3.66 -15.23
CA GLU C 109 29.82 -3.26 -14.30
C GLU C 109 29.28 -2.38 -13.16
N GLY C 110 28.50 -1.34 -13.49
CA GLY C 110 27.68 -0.60 -12.53
C GLY C 110 27.00 -1.51 -11.52
N ARG C 111 26.18 -2.49 -11.98
CA ARG C 111 25.45 -3.37 -11.06
C ARG C 111 26.38 -4.29 -10.23
N VAL C 112 27.38 -4.90 -10.88
CA VAL C 112 28.20 -5.81 -10.09
C VAL C 112 28.97 -5.04 -9.03
N ALA C 113 29.37 -3.78 -9.31
CA ALA C 113 29.98 -3.00 -8.26
C ALA C 113 28.99 -2.80 -7.09
N LYS C 114 27.79 -2.39 -7.44
CA LYS C 114 26.76 -2.12 -6.44
C LYS C 114 26.63 -3.37 -5.55
N GLU C 115 26.54 -4.53 -6.20
CA GLU C 115 26.23 -5.80 -5.53
C GLU C 115 27.40 -6.37 -4.75
N SER C 116 28.62 -5.84 -4.96
CA SER C 116 29.77 -6.35 -4.24
C SER C 116 30.02 -5.58 -2.93
N PHE C 117 29.21 -4.57 -2.63
CA PHE C 117 29.26 -3.91 -1.33
C PHE C 117 28.52 -4.77 -0.31
N ASP C 118 28.94 -4.73 0.96
CA ASP C 118 28.23 -5.41 2.02
C ASP C 118 27.91 -4.40 3.13
N GLU C 119 26.64 -3.99 3.23
CA GLU C 119 26.28 -2.93 4.15
C GLU C 119 26.37 -3.42 5.60
N GLU C 120 26.06 -4.70 5.84
CA GLU C 120 26.14 -5.25 7.19
C GLU C 120 27.58 -5.25 7.69
N LYS C 121 28.54 -5.63 6.81
CA LYS C 121 29.94 -5.63 7.18
C LYS C 121 30.50 -4.21 7.29
N GLY C 122 30.02 -3.29 6.44
CA GLY C 122 30.42 -1.88 6.51
C GLY C 122 30.13 -1.26 7.87
N PHE C 123 28.90 -1.45 8.33
CA PHE C 123 28.45 -0.98 9.63
C PHE C 123 29.30 -1.65 10.72
N GLN C 124 29.41 -2.97 10.67
CA GLN C 124 30.24 -3.68 11.64
C GLN C 124 31.64 -3.06 11.75
N ARG C 125 32.29 -2.80 10.62
CA ARG C 125 33.60 -2.17 10.56
C ARG C 125 33.55 -0.81 11.27
N ALA C 126 32.55 0.01 10.93
CA ALA C 126 32.48 1.32 11.58
C ALA C 126 32.27 1.17 13.08
N ARG C 127 31.41 0.24 13.48
CA ARG C 127 31.13 0.07 14.89
C ARG C 127 32.40 -0.36 15.61
N GLU C 128 33.17 -1.27 15.00
CA GLU C 128 34.37 -1.78 15.64
C GLU C 128 35.36 -0.63 15.82
N VAL C 129 35.54 0.16 14.74
CA VAL C 129 36.46 1.28 14.74
C VAL C 129 36.00 2.33 15.75
N ALA C 130 34.69 2.57 15.82
CA ALA C 130 34.17 3.55 16.77
C ALA C 130 34.42 3.06 18.21
N SER C 131 34.37 1.74 18.43
CA SER C 131 34.66 1.25 19.77
C SER C 131 36.12 1.49 20.14
N VAL C 132 37.04 1.27 19.19
CA VAL C 132 38.46 1.56 19.37
C VAL C 132 38.65 3.02 19.78
N MET C 133 37.97 3.92 19.04
CA MET C 133 38.16 5.35 19.20
C MET C 133 37.61 5.76 20.55
N ASN C 134 36.45 5.20 20.92
CA ASN C 134 35.83 5.38 22.23
C ASN C 134 36.74 4.96 23.38
N ARG C 135 37.43 3.82 23.26
CA ARG C 135 38.33 3.38 24.31
C ARG C 135 39.53 4.33 24.39
N ALA C 136 40.00 4.81 23.24
CA ALA C 136 41.16 5.68 23.20
C ALA C 136 40.84 7.02 23.86
N LEU C 137 39.57 7.45 23.84
CA LEU C 137 39.28 8.73 24.46
C LEU C 137 38.94 8.64 25.95
N GLU C 138 38.55 7.46 26.44
CA GLU C 138 38.34 7.29 27.87
C GLU C 138 39.62 7.67 28.64
N ASN C 139 39.45 8.56 29.62
CA ASN C 139 40.54 9.08 30.44
C ASN C 139 41.71 9.69 29.67
N ALA C 140 41.57 9.95 28.35
CA ALA C 140 42.55 10.81 27.69
C ALA C 140 42.11 12.26 27.89
N HIS C 141 42.95 13.10 28.51
CA HIS C 141 42.49 14.44 28.83
C HIS C 141 42.99 15.48 27.84
N ASP C 142 43.89 15.05 26.96
CA ASP C 142 44.36 15.85 25.85
C ASP C 142 44.43 14.96 24.61
N GLU C 143 44.55 15.60 23.43
CA GLU C 143 44.50 14.90 22.18
C GLU C 143 45.77 14.06 21.99
N SER C 144 46.90 14.51 22.54
CA SER C 144 48.11 13.73 22.37
C SER C 144 47.96 12.37 23.05
N ALA C 145 47.28 12.34 24.19
CA ALA C 145 47.03 11.11 24.94
C ALA C 145 46.07 10.21 24.18
N TYR C 146 45.04 10.81 23.59
CA TYR C 146 44.08 10.06 22.77
C TYR C 146 44.80 9.41 21.57
N LEU C 147 45.64 10.18 20.86
CA LEU C 147 46.34 9.62 19.70
C LEU C 147 47.24 8.44 20.10
N ASP C 148 47.92 8.54 21.26
CA ASP C 148 48.75 7.45 21.74
C ASP C 148 47.93 6.19 21.95
N ASN C 149 46.79 6.32 22.66
CA ASN C 149 45.96 5.16 22.99
C ASN C 149 45.48 4.51 21.68
N LEU C 150 45.09 5.36 20.73
CA LEU C 150 44.51 4.93 19.47
C LEU C 150 45.55 4.09 18.74
N LYS C 151 46.71 4.69 18.53
CA LYS C 151 47.81 4.03 17.87
C LYS C 151 48.16 2.72 18.57
N LYS C 152 48.17 2.72 19.90
CA LYS C 152 48.55 1.50 20.61
C LYS C 152 47.60 0.35 20.24
N GLU C 153 46.28 0.56 20.36
CA GLU C 153 45.32 -0.52 20.13
C GLU C 153 45.34 -0.96 18.65
N LEU C 154 45.52 -0.01 17.74
CA LEU C 154 45.50 -0.37 16.32
C LEU C 154 46.73 -1.22 15.98
N ALA C 155 47.85 -0.87 16.61
CA ALA C 155 49.06 -1.66 16.41
C ALA C 155 48.89 -3.07 16.98
N ASN C 156 48.28 -3.24 18.17
CA ASN C 156 48.07 -4.56 18.77
C ASN C 156 47.10 -5.40 17.94
N GLY C 157 46.17 -4.74 17.24
CA GLY C 157 45.26 -5.45 16.35
C GLY C 157 45.81 -5.55 14.93
N ASN C 158 47.01 -5.01 14.70
CA ASN C 158 47.60 -4.96 13.36
C ASN C 158 46.61 -4.41 12.34
N ASP C 159 45.88 -3.36 12.71
CA ASP C 159 44.87 -2.76 11.84
C ASP C 159 45.53 -1.87 10.78
N ALA C 160 45.00 -1.96 9.56
CA ALA C 160 45.47 -1.11 8.47
C ALA C 160 45.41 0.37 8.87
N LEU C 161 44.47 0.74 9.75
CA LEU C 161 44.28 2.13 10.16
C LEU C 161 45.52 2.66 10.88
N ARG C 162 46.35 1.77 11.44
CA ARG C 162 47.53 2.19 12.21
C ARG C 162 48.42 3.09 11.37
N ASN C 163 48.45 2.85 10.05
CA ASN C 163 49.36 3.55 9.14
C ASN C 163 48.82 4.86 8.59
N GLU C 164 47.61 5.30 8.99
CA GLU C 164 47.05 6.51 8.41
C GLU C 164 47.89 7.72 8.81
N ASP C 165 47.91 8.75 7.95
CA ASP C 165 48.73 9.93 8.16
C ASP C 165 48.20 10.74 9.35
N ALA C 166 49.09 11.54 9.93
CA ALA C 166 48.73 12.35 11.09
C ALA C 166 47.59 13.32 10.75
N ARG C 167 47.54 13.77 9.49
CA ARG C 167 46.52 14.70 8.98
C ARG C 167 45.43 13.99 8.18
N SER C 168 45.38 12.65 8.22
CA SER C 168 44.29 11.93 7.56
C SER C 168 42.93 12.26 8.17
N PRO C 169 41.82 12.06 7.43
CA PRO C 169 40.49 12.08 8.02
C PRO C 169 40.37 11.23 9.29
N PHE C 170 40.97 10.04 9.29
CA PHE C 170 40.85 9.17 10.45
C PHE C 170 41.47 9.78 11.70
N TYR C 171 42.75 10.18 11.66
CA TYR C 171 43.44 10.68 12.85
C TYR C 171 42.99 12.08 13.25
N SER C 172 42.58 12.89 12.28
CA SER C 172 42.23 14.28 12.54
C SER C 172 40.74 14.42 12.90
N ALA C 173 39.99 13.31 12.82
CA ALA C 173 38.55 13.39 13.03
C ALA C 173 38.18 14.11 14.34
N LEU C 174 38.79 13.73 15.46
CA LEU C 174 38.40 14.33 16.73
C LEU C 174 38.72 15.84 16.77
N ARG C 175 39.98 16.20 16.50
CA ARG C 175 40.38 17.58 16.69
C ARG C 175 39.68 18.52 15.68
N ASN C 176 39.16 17.96 14.58
CA ASN C 176 38.49 18.79 13.60
C ASN C 176 36.98 18.83 13.84
N THR C 177 36.49 18.19 14.91
CA THR C 177 35.05 18.27 15.14
C THR C 177 34.81 19.57 15.90
N PRO C 178 33.99 20.53 15.41
CA PRO C 178 33.82 21.82 16.11
C PRO C 178 33.47 21.72 17.60
N SER C 179 32.58 20.79 17.97
CA SER C 179 32.13 20.71 19.36
C SER C 179 33.23 20.22 20.30
N PHE C 180 34.26 19.54 19.77
CA PHE C 180 35.43 19.15 20.54
C PHE C 180 36.10 20.37 21.16
N LYS C 181 36.08 21.49 20.43
CA LYS C 181 36.83 22.67 20.83
C LYS C 181 35.98 23.60 21.70
N GLU C 182 34.66 23.38 21.69
CA GLU C 182 33.74 24.25 22.41
C GLU C 182 33.83 23.96 23.91
N ARG C 183 33.81 25.02 24.71
CA ARG C 183 33.94 24.89 26.16
C ARG C 183 33.01 23.81 26.72
N ASN C 184 31.76 23.80 26.26
CA ASN C 184 30.71 22.98 26.86
C ASN C 184 30.50 21.69 26.06
N GLY C 185 31.28 21.55 24.98
CA GLY C 185 31.32 20.30 24.26
C GLY C 185 32.47 19.48 24.82
N GLY C 186 33.55 19.39 24.07
CA GLY C 186 34.70 18.69 24.57
C GLY C 186 35.65 19.59 25.38
N ASN C 187 35.67 20.90 25.12
CA ASN C 187 36.71 21.76 25.70
C ASN C 187 38.13 21.18 25.50
N HIS C 188 38.40 20.58 24.33
CA HIS C 188 39.73 20.06 23.96
C HIS C 188 40.13 18.84 24.80
N ASP C 189 39.18 18.23 25.52
CA ASP C 189 39.40 17.06 26.34
C ASP C 189 38.72 15.86 25.70
N PRO C 190 39.49 14.93 25.07
CA PRO C 190 38.89 13.78 24.38
C PRO C 190 37.81 13.05 25.19
N SER C 191 38.04 12.87 26.50
CA SER C 191 37.21 12.05 27.38
C SER C 191 35.82 12.64 27.51
N ARG C 192 35.64 13.90 27.13
CA ARG C 192 34.30 14.47 27.21
C ARG C 192 33.53 14.30 25.91
N MET C 193 34.06 13.49 24.98
CA MET C 193 33.46 13.31 23.67
C MET C 193 33.00 11.85 23.53
N LYS C 194 32.20 11.55 22.51
CA LYS C 194 31.85 10.16 22.20
C LYS C 194 31.76 9.97 20.68
N ALA C 195 32.35 8.86 20.18
CA ALA C 195 32.31 8.55 18.75
C ALA C 195 30.93 8.02 18.41
N VAL C 196 30.33 8.55 17.33
CA VAL C 196 28.99 8.17 16.93
C VAL C 196 29.02 7.85 15.44
N ILE C 197 27.94 7.23 14.94
CA ILE C 197 27.87 6.78 13.55
C ILE C 197 26.54 7.17 12.92
N TYR C 198 26.62 7.50 11.62
CA TYR C 198 25.46 7.61 10.75
C TYR C 198 25.86 7.01 9.41
N SER C 199 24.88 6.83 8.52
CA SER C 199 25.14 6.31 7.19
C SER C 199 24.61 7.29 6.14
N LYS C 200 25.34 7.42 5.03
CA LYS C 200 24.79 8.08 3.85
C LYS C 200 24.69 7.06 2.72
N HIS C 201 23.53 7.07 2.05
CA HIS C 201 23.34 6.39 0.79
C HIS C 201 23.39 7.46 -0.29
N PHE C 202 24.02 7.13 -1.43
CA PHE C 202 24.29 8.09 -2.48
C PHE C 202 24.61 7.37 -3.79
N TRP C 203 24.92 8.16 -4.83
CA TRP C 203 25.08 7.67 -6.20
C TRP C 203 26.56 7.71 -6.61
N SER C 204 27.04 6.63 -7.24
CA SER C 204 28.47 6.55 -7.62
C SER C 204 28.86 7.44 -8.78
N GLY C 205 27.92 7.73 -9.70
CA GLY C 205 28.32 8.34 -10.96
C GLY C 205 27.95 9.83 -11.05
N GLN C 206 28.78 10.69 -10.47
CA GLN C 206 28.37 12.06 -10.20
C GLN C 206 29.12 13.04 -11.10
N ASP C 207 30.01 12.50 -11.91
CA ASP C 207 30.91 13.38 -12.59
C ASP C 207 30.32 13.79 -13.94
N ARG C 208 29.72 14.99 -14.01
CA ARG C 208 29.09 15.50 -15.21
C ARG C 208 30.14 15.83 -16.28
N SER C 209 31.34 15.28 -16.13
CA SER C 209 32.34 15.27 -17.19
C SER C 209 32.43 13.91 -17.89
N SER C 210 32.48 12.82 -17.11
CA SER C 210 32.75 11.46 -17.57
C SER C 210 31.67 10.95 -18.52
N SER C 211 31.75 9.64 -18.84
CA SER C 211 30.84 8.98 -19.76
C SER C 211 29.39 9.02 -19.25
N ALA C 212 28.48 9.35 -20.18
CA ALA C 212 27.06 9.38 -19.89
C ALA C 212 26.65 8.07 -19.21
N ASP C 213 27.31 6.96 -19.58
CA ASP C 213 26.92 5.65 -19.08
C ASP C 213 27.20 5.56 -17.58
N LYS C 214 28.31 6.15 -17.10
CA LYS C 214 28.64 6.12 -15.69
C LYS C 214 27.60 6.91 -14.87
N ARG C 215 27.08 8.02 -15.41
CA ARG C 215 26.06 8.80 -14.70
C ARG C 215 24.75 8.04 -14.58
N LYS C 216 24.43 7.26 -15.61
CA LYS C 216 23.17 6.52 -15.66
C LYS C 216 23.27 5.16 -14.94
N TYR C 217 24.41 4.44 -15.03
CA TYR C 217 24.43 3.05 -14.55
C TYR C 217 25.39 2.81 -13.38
N GLY C 218 26.22 3.80 -13.10
CA GLY C 218 27.13 3.70 -11.97
C GLY C 218 28.58 3.80 -12.44
N ASP C 219 29.45 4.36 -11.59
CA ASP C 219 30.87 4.29 -11.91
C ASP C 219 31.46 3.21 -11.03
N PRO C 220 31.85 2.03 -11.57
CA PRO C 220 32.30 0.91 -10.75
C PRO C 220 33.57 1.24 -9.97
N ASP C 221 34.32 2.23 -10.46
CA ASP C 221 35.59 2.52 -9.83
C ASP C 221 35.45 3.61 -8.76
N ALA C 222 34.25 4.19 -8.58
CA ALA C 222 34.08 5.33 -7.67
C ALA C 222 33.58 4.87 -6.29
N PHE C 223 34.12 5.48 -5.22
CA PHE C 223 33.75 5.20 -3.84
C PHE C 223 34.00 3.76 -3.45
N ARG C 224 35.04 3.13 -4.03
CA ARG C 224 35.40 1.82 -3.51
C ARG C 224 36.26 2.01 -2.26
N PRO C 225 36.05 1.24 -1.18
CA PRO C 225 36.91 1.37 0.00
C PRO C 225 38.37 0.96 -0.24
N ALA C 226 39.32 1.62 0.47
CA ALA C 226 40.68 1.13 0.51
C ALA C 226 40.63 -0.29 1.07
N PRO C 227 41.11 -1.35 0.38
CA PRO C 227 40.94 -2.71 0.92
C PRO C 227 41.50 -2.96 2.33
N GLY C 228 42.63 -2.34 2.68
CA GLY C 228 43.09 -2.49 4.06
C GLY C 228 42.18 -1.78 5.09
N THR C 229 42.09 -0.45 5.05
CA THR C 229 41.40 0.27 6.11
C THR C 229 39.90 0.15 6.02
N GLY C 230 39.39 -0.06 4.80
CA GLY C 230 37.95 0.06 4.59
C GLY C 230 37.50 1.50 4.41
N LEU C 231 38.46 2.45 4.33
CA LEU C 231 38.11 3.88 4.22
C LEU C 231 37.62 4.23 2.81
N VAL C 232 36.53 5.00 2.78
CA VAL C 232 35.98 5.50 1.53
C VAL C 232 36.41 6.96 1.40
N ASP C 233 36.92 7.31 0.22
CA ASP C 233 37.28 8.70 -0.05
C ASP C 233 36.01 9.40 -0.52
N MET C 234 35.44 10.24 0.34
CA MET C 234 34.17 10.87 0.01
C MET C 234 34.37 12.19 -0.76
N SER C 235 35.61 12.52 -1.15
CA SER C 235 35.81 13.87 -1.66
C SER C 235 35.24 14.04 -3.08
N ARG C 236 34.95 12.92 -3.77
CA ARG C 236 34.29 13.00 -5.06
C ARG C 236 32.77 13.12 -4.92
N ASP C 237 32.23 13.01 -3.71
CA ASP C 237 30.79 13.12 -3.53
C ASP C 237 30.42 14.59 -3.62
N ARG C 238 29.54 14.94 -4.56
CA ARG C 238 29.16 16.32 -4.74
C ARG C 238 27.64 16.46 -4.62
N ASN C 239 26.95 15.48 -4.02
CA ASN C 239 25.51 15.51 -3.80
C ASN C 239 24.72 15.54 -5.11
N ILE C 240 25.23 14.88 -6.14
CA ILE C 240 24.59 14.82 -7.45
C ILE C 240 23.83 13.49 -7.61
N PRO C 241 22.55 13.51 -8.03
CA PRO C 241 21.80 12.26 -8.16
C PRO C 241 22.08 11.50 -9.47
N ARG C 242 21.71 10.21 -9.47
CA ARG C 242 21.67 9.35 -10.64
C ARG C 242 20.94 10.06 -11.77
N SER C 243 21.46 9.94 -12.99
CA SER C 243 20.78 10.48 -14.16
C SER C 243 19.71 9.48 -14.56
N PRO C 244 18.51 9.95 -14.97
CA PRO C 244 17.39 9.04 -15.27
C PRO C 244 17.62 8.21 -16.53
N THR C 245 16.98 7.04 -16.61
CA THR C 245 17.06 6.18 -17.77
C THR C 245 15.73 6.27 -18.54
N SER C 246 14.69 5.66 -17.96
CA SER C 246 13.36 5.63 -18.53
C SER C 246 12.62 6.92 -18.17
N PRO C 247 11.71 7.42 -19.04
CA PRO C 247 11.34 8.83 -19.01
C PRO C 247 10.47 9.32 -17.85
N GLY C 248 9.88 8.39 -17.08
CA GLY C 248 9.14 8.80 -15.90
C GLY C 248 10.02 9.00 -14.65
N GLU C 249 11.27 8.52 -14.70
CA GLU C 249 12.09 8.35 -13.49
C GLU C 249 12.67 9.67 -13.03
N GLY C 250 12.71 9.86 -11.71
CA GLY C 250 13.56 10.83 -11.08
C GLY C 250 14.27 10.20 -9.87
N PHE C 251 15.42 10.74 -9.49
CA PHE C 251 16.19 10.16 -8.41
C PHE C 251 16.56 11.30 -7.47
N VAL C 252 16.66 11.02 -6.16
CA VAL C 252 17.18 11.98 -5.20
C VAL C 252 18.67 11.74 -4.98
N ASN C 253 19.37 12.76 -4.50
CA ASN C 253 20.82 12.67 -4.44
C ASN C 253 21.26 11.74 -3.30
N PHE C 254 20.55 11.74 -2.15
CA PHE C 254 21.07 11.00 -1.01
C PHE C 254 20.00 10.60 0.01
N ASP C 255 20.43 9.78 0.98
CA ASP C 255 19.66 9.57 2.20
C ASP C 255 20.65 9.49 3.35
N TYR C 256 20.25 9.97 4.53
CA TYR C 256 21.10 9.91 5.69
C TYR C 256 20.32 9.17 6.77
N GLY C 257 20.95 8.17 7.37
CA GLY C 257 20.36 7.50 8.51
C GLY C 257 21.25 7.60 9.75
N TRP C 258 20.68 8.13 10.84
CA TRP C 258 21.40 8.31 12.09
C TRP C 258 21.26 7.07 12.96
N PHE C 259 22.42 6.53 13.36
CA PHE C 259 22.49 5.42 14.29
C PHE C 259 22.84 5.95 15.68
N GLY C 260 23.94 6.70 15.78
CA GLY C 260 24.36 7.20 17.10
C GLY C 260 25.34 6.25 17.80
N ALA C 261 24.91 5.67 18.92
CA ALA C 261 25.83 4.83 19.68
C ALA C 261 25.02 3.84 20.51
N GLN C 262 24.13 3.11 19.86
CA GLN C 262 23.34 2.09 20.55
C GLN C 262 24.22 0.94 21.03
N THR C 263 23.93 0.38 22.23
CA THR C 263 24.78 -0.70 22.74
C THR C 263 24.30 -2.08 22.27
N GLU C 264 23.05 -2.14 21.79
CA GLU C 264 22.50 -3.41 21.30
C GLU C 264 23.54 -4.11 20.42
N ALA C 265 23.98 -5.31 20.85
CA ALA C 265 25.06 -6.05 20.20
C ALA C 265 24.65 -6.56 18.82
N ASP C 266 23.40 -6.97 18.65
CA ASP C 266 22.95 -7.49 17.37
C ASP C 266 22.65 -6.30 16.45
N ALA C 267 23.47 -6.14 15.39
CA ALA C 267 23.33 -5.01 14.50
C ALA C 267 21.89 -4.91 13.95
N ASP C 268 21.26 -6.05 13.70
CA ASP C 268 19.98 -6.09 13.02
C ASP C 268 18.83 -5.57 13.90
N LYS C 269 19.08 -5.41 15.21
CA LYS C 269 18.08 -4.88 16.13
C LYS C 269 18.30 -3.37 16.41
N THR C 270 19.32 -2.79 15.79
CA THR C 270 19.59 -1.35 15.95
C THR C 270 18.62 -0.51 15.12
N VAL C 271 18.35 0.73 15.55
CA VAL C 271 17.34 1.59 14.94
C VAL C 271 18.04 2.76 14.23
N TRP C 272 17.56 3.06 13.02
CA TRP C 272 18.17 4.06 12.14
C TRP C 272 17.14 5.12 11.83
N THR C 273 17.47 6.39 12.09
CA THR C 273 16.52 7.48 12.00
C THR C 273 16.85 8.29 10.75
N HIS C 274 15.88 8.36 9.85
CA HIS C 274 16.07 9.11 8.63
C HIS C 274 14.73 9.78 8.36
N GLY C 275 14.45 10.04 7.09
CA GLY C 275 13.38 10.94 6.73
C GLY C 275 13.11 10.82 5.24
N ASN C 276 11.95 11.31 4.80
CA ASN C 276 11.55 11.13 3.42
C ASN C 276 12.17 12.19 2.55
N HIS C 277 12.10 13.46 2.98
CA HIS C 277 12.51 14.61 2.18
C HIS C 277 12.31 15.89 2.99
N TYR C 278 12.66 17.04 2.40
CA TYR C 278 12.57 18.29 3.13
C TYR C 278 11.11 18.62 3.42
N HIS C 279 10.91 19.54 4.36
CA HIS C 279 9.59 19.88 4.88
C HIS C 279 8.86 20.79 3.92
N ALA C 280 7.87 20.24 3.22
CA ALA C 280 7.17 21.00 2.19
C ALA C 280 5.66 20.83 2.38
N PRO C 281 5.08 21.28 3.53
CA PRO C 281 3.68 21.03 3.86
C PRO C 281 2.64 21.73 2.98
N ASN C 282 3.09 22.68 2.18
CA ASN C 282 2.19 23.50 1.40
C ASN C 282 2.05 23.04 -0.04
N CYS C 283 2.59 21.87 -0.41
CA CYS C 283 2.47 21.40 -1.78
C CYS C 283 2.41 19.88 -1.79
N SER C 284 2.34 19.30 -2.98
CA SER C 284 2.10 17.86 -3.07
C SER C 284 3.31 17.09 -2.54
N LEU C 285 4.53 17.64 -2.62
CA LEU C 285 5.66 16.95 -2.01
C LEU C 285 5.38 16.58 -0.54
N GLY C 286 4.80 17.52 0.22
CA GLY C 286 4.23 17.21 1.53
C GLY C 286 5.15 17.52 2.71
N ALA C 287 4.61 17.43 3.92
CA ALA C 287 5.41 17.52 5.14
C ALA C 287 6.50 16.46 5.15
N MET C 288 7.64 16.84 5.73
CA MET C 288 8.66 15.88 6.13
C MET C 288 8.07 14.94 7.19
N HIS C 289 8.42 13.65 7.02
CA HIS C 289 8.21 12.61 7.98
C HIS C 289 9.55 12.02 8.35
N VAL C 290 9.70 11.73 9.63
CA VAL C 290 10.87 11.09 10.17
C VAL C 290 10.57 9.60 10.25
N TYR C 291 11.54 8.81 9.78
CA TYR C 291 11.45 7.35 9.84
C TYR C 291 12.42 6.81 10.88
N GLU C 292 12.00 5.74 11.56
CA GLU C 292 12.87 5.03 12.48
C GLU C 292 12.85 3.57 12.04
N SER C 293 13.94 3.10 11.39
CA SER C 293 13.96 1.82 10.69
C SER C 293 14.94 0.90 11.39
N LYS C 294 14.58 -0.39 11.54
CA LYS C 294 15.55 -1.39 11.95
C LYS C 294 16.64 -1.49 10.88
N PHE C 295 17.84 -1.95 11.25
CA PHE C 295 18.98 -1.86 10.35
C PHE C 295 18.70 -2.40 8.95
N ARG C 296 18.11 -3.60 8.85
CA ARG C 296 17.98 -4.26 7.55
C ARG C 296 17.09 -3.39 6.68
N ASN C 297 16.11 -2.74 7.30
CA ASN C 297 15.22 -1.85 6.56
C ASN C 297 16.00 -0.64 6.04
N TRP C 298 16.91 -0.11 6.88
CA TRP C 298 17.76 1.00 6.43
C TRP C 298 18.61 0.57 5.24
N SER C 299 19.25 -0.60 5.36
CA SER C 299 20.29 -1.08 4.47
C SER C 299 19.68 -1.66 3.20
N GLU C 300 18.35 -1.73 3.16
CA GLU C 300 17.59 -2.10 1.98
C GLU C 300 17.80 -1.03 0.90
N GLY C 301 17.75 0.25 1.30
CA GLY C 301 18.07 1.32 0.36
C GLY C 301 17.06 1.36 -0.79
N TYR C 302 17.45 1.96 -1.92
CA TYR C 302 16.60 2.21 -3.08
C TYR C 302 17.44 2.26 -4.35
N SER C 303 16.75 2.34 -5.49
CA SER C 303 17.29 2.45 -6.85
C SER C 303 18.17 3.66 -7.02
N ASP C 304 17.80 4.73 -6.32
CA ASP C 304 18.49 6.00 -6.43
C ASP C 304 19.96 5.81 -6.07
N PHE C 305 20.28 4.84 -5.21
CA PHE C 305 21.59 4.84 -4.57
C PHE C 305 22.31 3.53 -4.87
N ASP C 306 23.62 3.62 -5.22
CA ASP C 306 24.39 2.40 -5.40
C ASP C 306 25.59 2.34 -4.44
N ARG C 307 25.68 3.32 -3.51
CA ARG C 307 26.77 3.41 -2.55
C ARG C 307 26.20 3.64 -1.14
N GLY C 308 26.87 3.03 -0.17
CA GLY C 308 26.57 3.25 1.24
C GLY C 308 27.91 3.47 1.93
N ALA C 309 27.99 4.51 2.75
CA ALA C 309 29.15 4.76 3.58
C ALA C 309 28.71 4.82 5.04
N TYR C 310 29.53 4.23 5.91
CA TYR C 310 29.31 4.32 7.35
C TYR C 310 30.32 5.29 7.93
N VAL C 311 29.79 6.41 8.45
CA VAL C 311 30.60 7.57 8.79
C VAL C 311 30.78 7.61 10.30
N ILE C 312 31.98 7.99 10.77
CA ILE C 312 32.24 8.25 12.19
C ILE C 312 32.43 9.75 12.42
N THR C 313 31.70 10.31 13.37
CA THR C 313 32.07 11.62 13.89
C THR C 313 32.06 11.55 15.42
N PHE C 314 32.14 12.74 16.08
CA PHE C 314 32.10 12.85 17.53
C PHE C 314 31.07 13.87 18.00
N ILE C 315 30.45 13.60 19.16
CA ILE C 315 29.59 14.59 19.81
C ILE C 315 30.05 14.71 21.27
N PRO C 316 29.65 15.79 21.99
CA PRO C 316 29.87 15.85 23.44
C PRO C 316 29.17 14.76 24.24
N LYS C 317 29.89 14.17 25.21
CA LYS C 317 29.28 13.20 26.11
C LYS C 317 28.14 13.83 26.90
N SER C 318 28.16 15.16 27.08
CA SER C 318 27.09 15.85 27.79
C SER C 318 25.76 15.87 27.02
N TRP C 319 25.74 15.35 25.77
CA TRP C 319 24.51 15.30 25.00
C TRP C 319 23.82 13.95 25.20
N ASN C 320 22.66 13.75 24.55
CA ASN C 320 21.89 12.52 24.66
C ASN C 320 21.27 12.15 23.30
N THR C 321 21.89 12.60 22.19
CA THR C 321 21.34 12.33 20.87
C THR C 321 21.81 10.98 20.33
N ALA C 322 22.77 10.32 21.00
CA ALA C 322 23.16 8.95 20.64
C ALA C 322 23.04 8.08 21.88
N PRO C 323 21.83 7.92 22.48
CA PRO C 323 21.66 7.18 23.73
C PRO C 323 21.91 5.67 23.56
N ASP C 324 22.13 4.97 24.68
CA ASP C 324 22.49 3.56 24.67
C ASP C 324 21.38 2.79 23.97
N LYS C 325 20.14 3.29 24.05
CA LYS C 325 19.03 2.51 23.55
C LYS C 325 18.09 3.39 22.76
N VAL C 326 17.63 2.89 21.60
CA VAL C 326 16.69 3.67 20.81
C VAL C 326 15.47 2.82 20.54
N LYS C 327 14.29 3.40 20.79
CA LYS C 327 13.07 2.64 20.64
C LYS C 327 12.24 3.36 19.59
N GLN C 328 11.68 2.59 18.64
CA GLN C 328 10.86 3.16 17.58
C GLN C 328 9.49 3.53 18.13
N GLY C 329 8.84 4.53 17.49
CA GLY C 329 7.50 4.93 17.83
C GLY C 329 7.40 5.61 19.19
N TRP C 330 6.18 5.62 19.72
CA TRP C 330 5.85 6.33 20.94
C TRP C 330 4.50 5.82 21.39
N PRO C 331 4.27 5.47 22.69
CA PRO C 331 5.27 5.57 23.75
C PRO C 331 6.39 4.55 23.62
N ASP D 1 -20.37 -23.57 -3.36
CA ASP D 1 -20.36 -22.15 -2.87
C ASP D 1 -19.15 -21.46 -3.49
N SER D 2 -19.29 -20.16 -3.78
CA SER D 2 -18.26 -19.24 -4.27
C SER D 2 -16.92 -19.43 -3.58
N CYS D 3 -16.95 -19.48 -2.24
CA CYS D 3 -15.69 -19.46 -1.51
C CYS D 3 -15.07 -20.85 -1.38
N ASP D 4 -15.64 -21.89 -2.02
CA ASP D 4 -15.06 -23.22 -1.92
C ASP D 4 -13.60 -23.24 -2.42
N ARG D 5 -12.74 -23.99 -1.70
CA ARG D 5 -11.35 -24.21 -2.07
C ARG D 5 -11.33 -24.84 -3.47
N VAL D 6 -10.46 -24.35 -4.35
CA VAL D 6 -10.35 -24.92 -5.69
C VAL D 6 -8.96 -25.54 -5.79
N THR D 7 -8.90 -26.76 -6.35
CA THR D 7 -7.63 -27.34 -6.75
C THR D 7 -7.21 -26.73 -8.09
N PRO D 8 -6.03 -26.07 -8.18
CA PRO D 8 -5.60 -25.42 -9.42
C PRO D 8 -5.40 -26.49 -10.48
N PRO D 9 -5.64 -26.20 -11.79
CA PRO D 9 -5.45 -27.23 -12.81
C PRO D 9 -3.98 -27.54 -13.02
N ALA D 10 -3.73 -28.64 -13.74
CA ALA D 10 -2.41 -29.15 -14.04
C ALA D 10 -1.67 -28.15 -14.92
N GLU D 11 -0.35 -28.03 -14.71
CA GLU D 11 0.47 -27.14 -15.50
C GLU D 11 1.44 -27.98 -16.31
N PRO D 12 1.43 -27.85 -17.66
CA PRO D 12 2.37 -28.62 -18.49
C PRO D 12 3.81 -28.40 -18.03
N LEU D 13 4.63 -29.44 -18.13
CA LEU D 13 5.96 -29.42 -17.53
C LEU D 13 6.86 -28.37 -18.19
N ASP D 14 6.60 -28.02 -19.46
CA ASP D 14 7.43 -27.07 -20.19
C ASP D 14 6.87 -25.65 -20.07
N ARG D 15 5.78 -25.48 -19.31
CA ARG D 15 5.15 -24.16 -19.23
C ARG D 15 6.03 -23.24 -18.37
N MET D 16 6.43 -22.07 -18.88
CA MET D 16 7.28 -21.21 -18.08
C MET D 16 6.42 -20.29 -17.21
N PRO D 17 6.87 -19.90 -16.00
CA PRO D 17 6.14 -18.94 -15.16
C PRO D 17 6.21 -17.54 -15.75
N ASP D 18 5.21 -16.71 -15.41
CA ASP D 18 5.24 -15.28 -15.74
C ASP D 18 6.21 -14.58 -14.80
N PRO D 19 6.87 -13.49 -15.23
CA PRO D 19 7.80 -12.75 -14.37
C PRO D 19 7.13 -12.03 -13.19
N TYR D 20 7.90 -11.90 -12.11
CA TYR D 20 7.48 -11.15 -10.95
C TYR D 20 8.73 -10.92 -10.10
N ARG D 21 8.79 -9.76 -9.43
CA ARG D 21 9.99 -9.39 -8.68
C ARG D 21 9.65 -9.13 -7.23
N PRO D 22 10.63 -9.27 -6.30
CA PRO D 22 10.43 -8.85 -4.93
C PRO D 22 10.16 -7.34 -4.86
N SER D 23 9.21 -6.95 -4.01
CA SER D 23 9.03 -5.56 -3.59
C SER D 23 9.30 -5.47 -2.09
N TYR D 24 10.43 -4.84 -1.76
CA TYR D 24 10.88 -4.61 -0.38
C TYR D 24 11.08 -5.95 0.32
N GLY D 25 11.85 -6.84 -0.31
CA GLY D 25 12.22 -8.13 0.28
C GLY D 25 11.07 -9.14 0.38
N ARG D 26 10.04 -8.97 -0.47
CA ARG D 26 8.93 -9.90 -0.56
C ARG D 26 8.41 -9.97 -2.00
N ALA D 27 8.40 -11.17 -2.57
CA ALA D 27 7.84 -11.39 -3.88
C ALA D 27 6.57 -12.22 -3.75
N GLU D 28 5.68 -12.13 -4.73
CA GLU D 28 4.44 -12.86 -4.59
C GLU D 28 3.81 -13.14 -5.95
N THR D 29 3.11 -14.26 -6.04
CA THR D 29 2.56 -14.67 -7.32
C THR D 29 1.40 -15.63 -7.07
N VAL D 30 0.44 -15.62 -8.00
CA VAL D 30 -0.73 -16.45 -7.94
C VAL D 30 -0.31 -17.93 -7.95
N VAL D 31 -1.04 -18.77 -7.21
CA VAL D 31 -0.60 -20.15 -7.00
C VAL D 31 -0.36 -20.86 -8.33
N ASN D 32 -1.22 -20.63 -9.32
CA ASN D 32 -1.02 -21.22 -10.66
C ASN D 32 0.38 -20.98 -11.21
N ASN D 33 0.85 -19.75 -11.12
CA ASN D 33 2.18 -19.36 -11.59
C ASN D 33 3.26 -19.95 -10.71
N TYR D 34 2.99 -20.09 -9.40
CA TYR D 34 4.01 -20.67 -8.54
C TYR D 34 4.22 -22.15 -8.91
N ILE D 35 3.13 -22.86 -9.24
CA ILE D 35 3.23 -24.24 -9.69
C ILE D 35 4.19 -24.35 -10.87
N ARG D 36 4.08 -23.46 -11.88
CA ARG D 36 5.06 -23.49 -12.97
C ARG D 36 6.52 -23.36 -12.47
N LYS D 37 6.75 -22.46 -11.51
CA LYS D 37 8.09 -22.24 -10.98
C LYS D 37 8.56 -23.48 -10.23
N TRP D 38 7.70 -24.03 -9.38
CA TRP D 38 8.02 -25.20 -8.58
C TRP D 38 8.46 -26.34 -9.50
N GLN D 39 7.72 -26.53 -10.59
CA GLN D 39 8.04 -27.49 -11.63
C GLN D 39 9.43 -27.24 -12.23
N GLN D 40 9.79 -25.97 -12.47
CA GLN D 40 11.05 -25.67 -13.16
C GLN D 40 12.23 -25.78 -12.21
N VAL D 41 11.96 -25.70 -10.91
CA VAL D 41 13.03 -25.32 -10.04
C VAL D 41 13.13 -26.21 -8.80
N TYR D 42 12.01 -26.80 -8.36
CA TYR D 42 11.99 -27.62 -7.15
C TYR D 42 11.53 -29.06 -7.42
N SER D 43 11.10 -29.37 -8.65
CA SER D 43 10.35 -30.59 -8.88
C SER D 43 11.24 -31.85 -8.98
N HIS D 44 12.56 -31.66 -9.11
CA HIS D 44 13.51 -32.69 -9.54
C HIS D 44 13.53 -33.90 -8.60
N ARG D 45 13.56 -35.09 -9.21
CA ARG D 45 13.81 -36.34 -8.51
C ARG D 45 15.00 -37.00 -9.18
N ASP D 46 16.14 -37.01 -8.46
CA ASP D 46 17.48 -37.31 -8.98
C ASP D 46 17.83 -36.42 -10.18
N GLY D 47 17.40 -35.14 -10.12
CA GLY D 47 17.66 -34.19 -11.19
C GLY D 47 16.71 -34.33 -12.39
N ARG D 48 15.65 -35.14 -12.26
CA ARG D 48 14.61 -35.23 -13.26
C ARG D 48 13.40 -34.39 -12.84
N LYS D 49 13.13 -33.30 -13.58
CA LYS D 49 11.98 -32.45 -13.32
C LYS D 49 10.69 -33.22 -13.59
N GLN D 50 9.62 -32.82 -12.88
CA GLN D 50 8.38 -33.57 -12.81
C GLN D 50 7.20 -32.62 -12.60
N GLN D 51 6.09 -32.90 -13.28
CA GLN D 51 4.85 -32.18 -13.08
C GLN D 51 4.36 -32.35 -11.64
N MET D 52 3.82 -31.27 -11.07
CA MET D 52 3.12 -31.34 -9.78
C MET D 52 1.82 -32.13 -9.98
N THR D 53 1.67 -33.21 -9.21
CA THR D 53 0.58 -34.14 -9.39
C THR D 53 -0.71 -33.52 -8.87
N GLU D 54 -1.83 -34.14 -9.24
CA GLU D 54 -3.13 -33.67 -8.80
C GLU D 54 -3.17 -33.62 -7.28
N GLU D 55 -2.60 -34.66 -6.64
CA GLU D 55 -2.67 -34.76 -5.19
C GLU D 55 -1.91 -33.60 -4.53
N GLN D 56 -0.70 -33.34 -5.03
CA GLN D 56 0.12 -32.22 -4.58
C GLN D 56 -0.58 -30.86 -4.79
N ARG D 57 -1.18 -30.64 -5.97
CA ARG D 57 -1.89 -29.39 -6.23
C ARG D 57 -3.04 -29.25 -5.23
N GLU D 58 -3.70 -30.36 -4.86
CA GLU D 58 -4.76 -30.22 -3.87
C GLU D 58 -4.19 -29.82 -2.51
N TRP D 59 -3.05 -30.41 -2.13
CA TRP D 59 -2.41 -30.04 -0.87
C TRP D 59 -2.05 -28.56 -0.87
N LEU D 60 -1.43 -28.11 -1.98
CA LEU D 60 -0.96 -26.73 -2.16
C LEU D 60 -2.10 -25.75 -1.91
N SER D 61 -3.24 -26.04 -2.54
CA SER D 61 -4.44 -25.22 -2.49
C SER D 61 -4.92 -24.96 -1.06
N TYR D 62 -4.35 -25.68 -0.07
CA TYR D 62 -4.74 -25.41 1.30
C TYR D 62 -4.21 -24.08 1.80
N GLY D 63 -3.20 -23.52 1.13
CA GLY D 63 -2.63 -22.27 1.59
C GLY D 63 -1.15 -22.44 2.01
N CYS D 64 -0.71 -21.64 2.98
CA CYS D 64 0.68 -21.66 3.41
C CYS D 64 1.08 -23.07 3.88
N VAL D 65 0.17 -23.77 4.57
CA VAL D 65 0.46 -25.16 4.99
C VAL D 65 0.76 -26.03 3.78
N GLY D 66 0.02 -25.78 2.68
CA GLY D 66 0.17 -26.47 1.41
C GLY D 66 1.60 -26.49 0.86
N VAL D 67 2.35 -25.41 1.01
CA VAL D 67 3.70 -25.32 0.47
C VAL D 67 4.65 -26.29 1.20
N THR D 68 4.56 -26.29 2.53
CA THR D 68 5.28 -27.22 3.38
C THR D 68 4.81 -28.65 3.11
N TRP D 69 3.49 -28.82 3.00
CA TRP D 69 2.92 -30.13 2.76
C TRP D 69 3.56 -30.74 1.51
N VAL D 70 3.52 -29.99 0.40
CA VAL D 70 4.06 -30.48 -0.87
C VAL D 70 5.57 -30.71 -0.75
N ASN D 71 6.27 -29.78 -0.09
CA ASN D 71 7.72 -29.83 -0.12
C ASN D 71 8.23 -30.97 0.76
N SER D 72 7.47 -31.35 1.80
CA SER D 72 7.87 -32.39 2.73
C SER D 72 7.17 -33.73 2.48
N GLY D 73 6.09 -33.72 1.68
CA GLY D 73 5.39 -34.94 1.34
C GLY D 73 4.44 -35.36 2.45
N GLN D 74 4.43 -34.58 3.53
CA GLN D 74 3.66 -34.93 4.72
C GLN D 74 2.98 -33.69 5.26
N TYR D 75 1.77 -33.87 5.78
CA TYR D 75 1.13 -32.81 6.54
C TYR D 75 1.97 -32.54 7.79
N PRO D 76 2.33 -31.26 8.08
CA PRO D 76 3.29 -30.97 9.17
C PRO D 76 2.78 -31.47 10.51
N THR D 77 3.64 -32.24 11.22
CA THR D 77 3.36 -32.70 12.56
C THR D 77 3.99 -31.76 13.59
N ASN D 78 5.14 -31.15 13.22
CA ASN D 78 5.83 -30.14 14.02
C ASN D 78 6.37 -30.74 15.31
N ARG D 79 6.82 -32.00 15.24
CA ARG D 79 7.09 -32.79 16.43
C ARG D 79 8.46 -32.41 17.02
N LEU D 80 9.45 -32.21 16.16
CA LEU D 80 10.77 -31.76 16.57
C LEU D 80 10.86 -30.27 16.28
N ALA D 81 10.68 -29.44 17.32
CA ALA D 81 10.61 -28.00 17.09
C ALA D 81 11.55 -27.28 18.06
N PHE D 82 12.07 -26.13 17.64
CA PHE D 82 13.00 -25.35 18.46
C PHE D 82 12.55 -23.90 18.55
N ALA D 83 12.93 -23.25 19.64
CA ALA D 83 12.75 -21.81 19.71
C ALA D 83 13.75 -21.27 20.72
N SER D 84 13.89 -19.93 20.75
CA SER D 84 14.75 -19.22 21.68
C SER D 84 13.92 -18.19 22.47
N PHE D 85 14.00 -18.27 23.81
CA PHE D 85 13.28 -17.39 24.71
C PHE D 85 14.28 -16.69 25.64
N ASP D 86 14.19 -15.35 25.74
CA ASP D 86 15.13 -14.55 26.52
C ASP D 86 14.73 -14.62 27.98
N GLU D 87 15.27 -15.63 28.66
CA GLU D 87 14.87 -16.00 30.00
C GLU D 87 15.06 -14.81 30.95
N ASP D 88 16.18 -14.08 30.76
CA ASP D 88 16.53 -12.93 31.59
C ASP D 88 15.52 -11.81 31.40
N ARG D 89 15.25 -11.46 30.12
CA ARG D 89 14.40 -10.34 29.77
C ARG D 89 12.98 -10.54 30.30
N PHE D 90 12.50 -11.80 30.28
CA PHE D 90 11.16 -12.12 30.73
C PHE D 90 11.00 -11.81 32.23
N LYS D 91 11.88 -12.37 33.07
CA LYS D 91 11.74 -12.23 34.52
C LYS D 91 12.02 -10.79 34.96
N ASN D 92 12.87 -10.08 34.23
CA ASN D 92 13.10 -8.67 34.45
C ASN D 92 11.78 -7.91 34.30
N GLU D 93 11.16 -8.09 33.12
CA GLU D 93 9.92 -7.45 32.73
C GLU D 93 8.84 -7.78 33.76
N LEU D 94 8.80 -9.04 34.20
CA LEU D 94 7.89 -9.51 35.23
C LEU D 94 8.10 -8.76 36.54
N LYS D 95 9.37 -8.50 36.88
CA LYS D 95 9.76 -7.95 38.17
C LYS D 95 9.70 -6.42 38.14
N ASN D 96 9.85 -5.81 36.96
CA ASN D 96 10.14 -4.39 36.86
C ASN D 96 9.21 -3.69 35.87
N GLY D 97 8.64 -4.44 34.92
CA GLY D 97 7.87 -3.83 33.85
C GLY D 97 6.54 -3.27 34.37
N ARG D 98 6.12 -2.14 33.79
CA ARG D 98 4.82 -1.59 34.15
C ARG D 98 3.85 -1.82 33.00
N PRO D 99 2.75 -2.57 33.25
CA PRO D 99 1.71 -2.81 32.25
C PRO D 99 1.20 -1.51 31.65
N ARG D 100 0.82 -1.55 30.37
CA ARG D 100 0.32 -0.39 29.63
C ARG D 100 -1.07 -0.02 30.12
N SER D 101 -1.61 1.05 29.52
CA SER D 101 -2.68 1.86 30.08
C SER D 101 -3.86 1.05 30.59
N GLY D 102 -4.19 -0.09 29.97
CA GLY D 102 -5.34 -0.84 30.48
C GLY D 102 -5.13 -2.35 30.60
N GLU D 103 -3.88 -2.82 30.46
CA GLU D 103 -3.70 -4.28 30.50
C GLU D 103 -3.65 -4.79 31.93
N THR D 104 -4.53 -5.76 32.20
CA THR D 104 -4.51 -6.59 33.39
C THR D 104 -3.14 -7.26 33.52
N ARG D 105 -2.94 -7.98 34.62
CA ARG D 105 -1.67 -8.66 34.84
C ARG D 105 -1.48 -9.80 33.83
N ALA D 106 -2.50 -10.63 33.64
CA ALA D 106 -2.41 -11.79 32.76
C ALA D 106 -2.00 -11.34 31.36
N GLU D 107 -2.68 -10.31 30.84
CA GLU D 107 -2.42 -9.77 29.51
C GLU D 107 -0.98 -9.27 29.38
N PHE D 108 -0.51 -8.56 30.42
CA PHE D 108 0.86 -8.08 30.47
C PHE D 108 1.84 -9.25 30.40
N GLU D 109 1.51 -10.35 31.10
CA GLU D 109 2.43 -11.48 31.17
C GLU D 109 2.49 -12.17 29.80
N GLY D 110 1.32 -12.30 29.18
CA GLY D 110 1.19 -12.83 27.83
C GLY D 110 2.06 -12.08 26.83
N ARG D 111 2.00 -10.74 26.90
CA ARG D 111 2.68 -9.93 25.91
C ARG D 111 4.17 -10.00 26.15
N VAL D 112 4.56 -9.87 27.42
CA VAL D 112 5.97 -9.89 27.76
C VAL D 112 6.59 -11.25 27.38
N ALA D 113 5.82 -12.34 27.55
CA ALA D 113 6.30 -13.64 27.08
C ALA D 113 6.48 -13.60 25.56
N LYS D 114 5.45 -13.09 24.85
CA LYS D 114 5.49 -12.96 23.40
C LYS D 114 6.76 -12.25 22.96
N GLU D 115 7.06 -11.12 23.61
CA GLU D 115 8.16 -10.26 23.16
C GLU D 115 9.51 -10.86 23.53
N SER D 116 9.54 -11.85 24.43
CA SER D 116 10.81 -12.43 24.85
C SER D 116 11.27 -13.57 23.94
N PHE D 117 10.44 -13.96 22.95
CA PHE D 117 10.92 -14.91 21.97
C PHE D 117 11.84 -14.23 20.96
N ASP D 118 12.88 -14.93 20.53
CA ASP D 118 13.78 -14.40 19.52
C ASP D 118 13.77 -15.38 18.36
N GLU D 119 13.06 -15.03 17.28
CA GLU D 119 12.81 -15.97 16.20
C GLU D 119 14.09 -16.26 15.42
N GLU D 120 14.92 -15.23 15.19
CA GLU D 120 16.17 -15.51 14.52
C GLU D 120 17.05 -16.49 15.29
N LYS D 121 17.08 -16.38 16.63
CA LYS D 121 17.93 -17.26 17.44
C LYS D 121 17.34 -18.67 17.43
N GLY D 122 16.02 -18.75 17.27
CA GLY D 122 15.32 -20.04 17.26
C GLY D 122 15.66 -20.80 15.98
N PHE D 123 15.60 -20.07 14.86
CA PHE D 123 15.98 -20.61 13.57
C PHE D 123 17.46 -21.02 13.56
N GLN D 124 18.36 -20.19 14.08
CA GLN D 124 19.79 -20.52 14.18
C GLN D 124 20.00 -21.85 14.91
N ARG D 125 19.26 -22.06 15.99
CA ARG D 125 19.33 -23.23 16.85
C ARG D 125 18.92 -24.47 16.06
N ALA D 126 17.77 -24.37 15.38
CA ALA D 126 17.26 -25.41 14.49
C ALA D 126 18.30 -25.74 13.42
N ARG D 127 18.88 -24.68 12.82
CA ARG D 127 19.86 -24.77 11.75
C ARG D 127 21.11 -25.53 12.18
N GLU D 128 21.60 -25.23 13.38
CA GLU D 128 22.80 -25.87 13.92
C GLU D 128 22.47 -27.34 14.16
N VAL D 129 21.34 -27.61 14.82
CA VAL D 129 20.87 -28.98 15.04
C VAL D 129 20.73 -29.69 13.70
N ALA D 130 20.04 -29.09 12.73
CA ALA D 130 19.92 -29.63 11.38
C ALA D 130 21.28 -29.93 10.75
N SER D 131 22.27 -29.05 10.95
CA SER D 131 23.54 -29.21 10.23
C SER D 131 24.33 -30.42 10.74
N VAL D 132 24.12 -30.77 12.03
CA VAL D 132 24.83 -31.83 12.71
C VAL D 132 24.18 -33.17 12.32
N MET D 133 22.86 -33.24 12.47
CA MET D 133 22.08 -34.35 11.95
C MET D 133 22.55 -34.73 10.54
N ASN D 134 22.84 -33.74 9.68
CA ASN D 134 23.11 -34.01 8.28
C ASN D 134 24.47 -34.66 8.06
N ARG D 135 25.47 -34.21 8.83
CA ARG D 135 26.82 -34.76 8.71
C ARG D 135 26.86 -36.15 9.32
N ALA D 136 25.96 -36.40 10.27
CA ALA D 136 25.82 -37.69 10.94
C ALA D 136 25.33 -38.74 9.95
N LEU D 137 24.23 -38.45 9.25
CA LEU D 137 23.69 -39.47 8.37
C LEU D 137 24.46 -39.48 7.05
N GLU D 138 25.52 -38.67 6.98
CA GLU D 138 26.27 -38.45 5.74
C GLU D 138 26.87 -39.75 5.24
N ASN D 139 27.71 -40.40 6.06
CA ASN D 139 28.42 -41.59 5.64
C ASN D 139 27.71 -42.83 6.19
N ALA D 140 26.53 -42.60 6.78
CA ALA D 140 25.79 -43.63 7.49
C ALA D 140 24.80 -44.31 6.54
N HIS D 141 24.95 -45.63 6.37
CA HIS D 141 24.19 -46.40 5.42
C HIS D 141 23.10 -47.23 6.10
N ASP D 142 23.11 -47.25 7.43
CA ASP D 142 21.99 -47.82 8.16
C ASP D 142 21.73 -46.91 9.37
N GLU D 143 20.67 -47.16 10.12
CA GLU D 143 20.29 -46.22 11.16
C GLU D 143 21.36 -46.11 12.25
N SER D 144 21.85 -47.26 12.72
CA SER D 144 22.84 -47.34 13.78
C SER D 144 24.01 -46.41 13.52
N ALA D 145 24.46 -46.38 12.25
CA ALA D 145 25.56 -45.53 11.83
C ALA D 145 25.19 -44.05 12.01
N TYR D 146 24.01 -43.65 11.51
CA TYR D 146 23.49 -42.30 11.73
C TYR D 146 23.47 -41.99 13.23
N LEU D 147 22.73 -42.83 13.97
CA LEU D 147 22.37 -42.54 15.35
C LEU D 147 23.62 -42.48 16.23
N ASP D 148 24.67 -43.23 15.83
CA ASP D 148 25.96 -43.23 16.51
C ASP D 148 26.77 -41.99 16.08
N ASN D 149 26.84 -41.72 14.77
CA ASN D 149 27.38 -40.47 14.29
C ASN D 149 26.81 -39.28 15.07
N LEU D 150 25.52 -39.35 15.46
CA LEU D 150 24.76 -38.28 16.08
C LEU D 150 25.15 -38.12 17.56
N LYS D 151 25.09 -39.22 18.32
CA LYS D 151 25.31 -39.24 19.76
C LYS D 151 26.77 -38.88 20.05
N LYS D 152 27.65 -39.21 19.10
CA LYS D 152 29.05 -38.84 19.23
C LYS D 152 29.13 -37.31 19.14
N GLU D 153 28.72 -36.74 18.00
CA GLU D 153 28.96 -35.34 17.69
C GLU D 153 28.31 -34.41 18.72
N LEU D 154 27.13 -34.78 19.24
CA LEU D 154 26.44 -34.01 20.26
C LEU D 154 27.25 -33.95 21.55
N ALA D 155 27.92 -35.07 21.90
CA ALA D 155 28.80 -35.16 23.06
C ALA D 155 30.02 -34.26 22.86
N ASN D 156 30.49 -34.15 21.60
CA ASN D 156 31.66 -33.39 21.23
C ASN D 156 31.50 -31.91 21.58
N GLY D 157 30.24 -31.41 21.52
CA GLY D 157 29.95 -30.02 21.80
C GLY D 157 29.13 -29.83 23.07
N ASN D 158 29.03 -30.87 23.91
CA ASN D 158 28.32 -30.82 25.18
C ASN D 158 26.90 -30.28 25.00
N ASP D 159 26.28 -30.58 23.85
CA ASP D 159 24.88 -30.32 23.57
C ASP D 159 24.01 -31.24 24.42
N ALA D 160 23.12 -30.66 25.21
CA ALA D 160 22.26 -31.40 26.10
C ALA D 160 21.29 -32.30 25.32
N LEU D 161 21.29 -32.16 23.98
CA LEU D 161 20.38 -32.92 23.13
C LEU D 161 20.86 -34.38 23.11
N ARG D 162 22.16 -34.56 23.37
CA ARG D 162 22.74 -35.89 23.35
C ARG D 162 22.01 -36.74 24.40
N ASN D 163 21.32 -36.07 25.32
CA ASN D 163 20.71 -36.70 26.48
C ASN D 163 19.22 -36.98 26.30
N GLU D 164 18.66 -36.68 25.11
CA GLU D 164 17.22 -36.83 24.92
C GLU D 164 16.86 -38.32 25.04
N ASP D 165 15.67 -38.60 25.56
CA ASP D 165 15.20 -39.97 25.67
C ASP D 165 15.29 -40.69 24.33
N ALA D 166 15.27 -42.03 24.40
CA ALA D 166 15.52 -42.91 23.26
C ALA D 166 14.49 -42.67 22.16
N ARG D 167 13.23 -42.51 22.57
CA ARG D 167 12.08 -42.48 21.67
C ARG D 167 11.48 -41.06 21.60
N SER D 168 12.20 -40.07 22.16
CA SER D 168 11.79 -38.66 22.18
C SER D 168 11.69 -38.12 20.75
N PRO D 169 10.98 -36.99 20.55
CA PRO D 169 10.94 -36.31 19.25
C PRO D 169 12.27 -36.18 18.54
N PHE D 170 13.33 -35.81 19.28
CA PHE D 170 14.59 -35.49 18.62
C PHE D 170 15.23 -36.76 18.04
N TYR D 171 15.33 -37.80 18.87
CA TYR D 171 15.98 -39.03 18.42
C TYR D 171 15.17 -39.75 17.35
N SER D 172 13.82 -39.75 17.47
CA SER D 172 12.99 -40.51 16.53
C SER D 172 12.67 -39.76 15.24
N ALA D 173 13.15 -38.51 15.09
CA ALA D 173 12.74 -37.67 13.96
C ALA D 173 13.01 -38.35 12.63
N LEU D 174 14.18 -38.99 12.46
CA LEU D 174 14.47 -39.56 11.17
C LEU D 174 13.54 -40.74 10.87
N ARG D 175 13.28 -41.58 11.89
CA ARG D 175 12.55 -42.80 11.60
C ARG D 175 11.05 -42.49 11.62
N ASN D 176 10.72 -41.30 12.13
CA ASN D 176 9.35 -40.80 12.13
C ASN D 176 8.92 -40.40 10.73
N THR D 177 9.88 -40.35 9.80
CA THR D 177 9.66 -39.74 8.49
C THR D 177 9.21 -40.85 7.54
N PRO D 178 7.94 -40.84 7.09
CA PRO D 178 7.41 -41.94 6.28
C PRO D 178 8.34 -42.31 5.13
N SER D 179 8.95 -41.30 4.50
CA SER D 179 9.77 -41.54 3.32
C SER D 179 11.12 -42.15 3.68
N PHE D 180 11.43 -42.31 4.98
CA PHE D 180 12.70 -42.91 5.38
C PHE D 180 12.69 -44.40 5.03
N LYS D 181 11.64 -45.09 5.51
CA LYS D 181 11.46 -46.53 5.36
C LYS D 181 11.20 -46.87 3.91
N GLU D 182 10.33 -46.06 3.27
CA GLU D 182 9.95 -46.30 1.88
C GLU D 182 11.20 -46.54 1.05
N ARG D 183 11.08 -47.52 0.15
CA ARG D 183 12.15 -48.00 -0.72
C ARG D 183 12.53 -46.91 -1.72
N ASN D 184 11.55 -46.12 -2.16
CA ASN D 184 11.77 -45.08 -3.13
C ASN D 184 12.48 -43.88 -2.47
N GLY D 185 12.18 -43.64 -1.19
CA GLY D 185 12.76 -42.53 -0.44
C GLY D 185 14.17 -42.86 0.04
N GLY D 186 14.31 -43.07 1.36
CA GLY D 186 15.60 -43.38 1.92
C GLY D 186 16.00 -44.85 1.79
N ASN D 187 15.00 -45.74 1.76
CA ASN D 187 15.20 -47.19 1.77
C ASN D 187 15.92 -47.60 3.05
N HIS D 188 15.46 -47.10 4.22
CA HIS D 188 16.10 -47.38 5.49
C HIS D 188 17.56 -46.91 5.56
N ASP D 189 18.03 -46.19 4.54
CA ASP D 189 19.42 -45.76 4.44
C ASP D 189 19.51 -44.26 4.74
N PRO D 190 19.89 -43.86 5.97
CA PRO D 190 20.03 -42.45 6.38
C PRO D 190 20.80 -41.52 5.44
N SER D 191 21.84 -42.05 4.77
CA SER D 191 22.65 -41.27 3.85
C SER D 191 21.87 -40.93 2.58
N ARG D 192 20.63 -41.43 2.47
CA ARG D 192 19.82 -41.12 1.32
C ARG D 192 18.77 -40.05 1.68
N MET D 193 18.91 -39.50 2.89
CA MET D 193 18.01 -38.48 3.40
C MET D 193 18.75 -37.14 3.54
N LYS D 194 18.06 -36.14 4.14
CA LYS D 194 18.43 -34.73 4.18
C LYS D 194 17.56 -34.02 5.22
N ALA D 195 18.18 -33.31 6.18
CA ALA D 195 17.41 -32.58 7.18
C ALA D 195 16.92 -31.27 6.55
N VAL D 196 15.67 -30.89 6.84
CA VAL D 196 15.05 -29.69 6.28
C VAL D 196 14.33 -28.98 7.41
N ILE D 197 14.09 -27.68 7.21
CA ILE D 197 13.51 -26.78 8.21
C ILE D 197 12.35 -26.00 7.60
N TYR D 198 11.29 -25.88 8.42
CA TYR D 198 10.15 -24.99 8.19
C TYR D 198 9.78 -24.33 9.52
N SER D 199 8.91 -23.32 9.46
CA SER D 199 8.52 -22.65 10.68
C SER D 199 7.00 -22.55 10.77
N LYS D 200 6.47 -22.61 11.99
CA LYS D 200 5.05 -22.41 12.18
C LYS D 200 4.86 -21.21 13.10
N HIS D 201 3.97 -20.27 12.68
CA HIS D 201 3.47 -19.23 13.57
C HIS D 201 2.10 -19.65 14.09
N PHE D 202 1.87 -19.49 15.41
CA PHE D 202 0.63 -19.93 16.00
C PHE D 202 0.38 -19.19 17.30
N TRP D 203 -0.73 -19.57 17.95
CA TRP D 203 -1.23 -18.91 19.13
C TRP D 203 -1.00 -19.79 20.36
N SER D 204 -0.58 -19.16 21.47
CA SER D 204 -0.17 -19.83 22.72
C SER D 204 -1.35 -20.26 23.58
N GLY D 205 -2.42 -19.45 23.59
CA GLY D 205 -3.55 -19.65 24.48
C GLY D 205 -4.69 -20.42 23.82
N GLN D 206 -4.49 -21.74 23.64
CA GLN D 206 -5.37 -22.57 22.85
C GLN D 206 -6.42 -23.29 23.71
N ASP D 207 -6.21 -23.32 25.03
CA ASP D 207 -7.10 -24.00 25.97
C ASP D 207 -8.49 -23.36 26.03
N ARG D 208 -9.46 -24.05 25.45
CA ARG D 208 -10.88 -23.70 25.47
C ARG D 208 -11.34 -23.41 26.90
N SER D 209 -10.82 -24.20 27.85
CA SER D 209 -11.30 -24.27 29.23
C SER D 209 -10.55 -23.29 30.13
N SER D 210 -9.64 -22.49 29.55
CA SER D 210 -8.79 -21.57 30.31
C SER D 210 -9.38 -20.16 30.32
N SER D 211 -8.71 -19.23 31.01
CA SER D 211 -9.25 -17.91 31.25
C SER D 211 -9.43 -17.13 29.94
N ALA D 212 -10.34 -16.14 29.98
CA ALA D 212 -10.53 -15.22 28.86
C ALA D 212 -9.19 -14.60 28.48
N ASP D 213 -8.40 -14.20 29.49
CA ASP D 213 -7.17 -13.48 29.27
C ASP D 213 -6.15 -14.36 28.54
N LYS D 214 -6.14 -15.65 28.90
CA LYS D 214 -5.23 -16.59 28.29
C LYS D 214 -5.58 -16.71 26.82
N ARG D 215 -6.89 -16.74 26.54
CA ARG D 215 -7.35 -17.10 25.22
C ARG D 215 -7.04 -15.96 24.24
N LYS D 216 -7.16 -14.71 24.72
CA LYS D 216 -7.09 -13.60 23.79
C LYS D 216 -5.83 -12.76 23.96
N TYR D 217 -5.04 -13.03 25.01
CA TYR D 217 -3.85 -12.23 25.27
C TYR D 217 -2.60 -13.10 25.42
N GLY D 218 -2.79 -14.42 25.47
CA GLY D 218 -1.66 -15.34 25.43
C GLY D 218 -1.35 -15.97 26.78
N ASP D 219 -0.88 -17.24 26.74
CA ASP D 219 -0.44 -17.98 27.90
C ASP D 219 1.09 -17.97 28.00
N PRO D 220 1.70 -17.22 28.96
CA PRO D 220 3.17 -17.16 29.06
C PRO D 220 3.87 -18.50 29.28
N ASP D 221 3.13 -19.48 29.81
CA ASP D 221 3.73 -20.78 30.17
C ASP D 221 3.67 -21.78 29.03
N ALA D 222 2.87 -21.47 27.99
CA ALA D 222 2.64 -22.38 26.89
C ALA D 222 3.72 -22.21 25.82
N PHE D 223 4.27 -23.34 25.35
CA PHE D 223 5.12 -23.44 24.17
C PHE D 223 6.49 -22.78 24.38
N ARG D 224 7.03 -22.85 25.61
CA ARG D 224 8.35 -22.31 25.95
C ARG D 224 9.44 -23.33 25.67
N PRO D 225 10.60 -22.95 25.10
CA PRO D 225 11.67 -23.91 24.87
C PRO D 225 12.26 -24.37 26.21
N ALA D 226 12.71 -25.64 26.26
CA ALA D 226 13.40 -26.13 27.44
C ALA D 226 14.83 -25.56 27.47
N PRO D 227 15.35 -25.15 28.65
CA PRO D 227 16.53 -24.27 28.70
C PRO D 227 17.84 -24.74 28.05
N GLY D 228 18.16 -26.04 28.14
CA GLY D 228 19.38 -26.55 27.55
C GLY D 228 19.25 -26.93 26.07
N THR D 229 18.04 -27.28 25.62
CA THR D 229 17.89 -27.90 24.31
C THR D 229 17.34 -26.92 23.29
N GLY D 230 16.37 -26.09 23.71
CA GLY D 230 15.64 -25.25 22.79
C GLY D 230 14.33 -25.89 22.32
N LEU D 231 14.15 -27.18 22.66
CA LEU D 231 12.99 -27.98 22.26
C LEU D 231 11.68 -27.38 22.76
N VAL D 232 10.73 -27.20 21.83
CA VAL D 232 9.38 -26.80 22.20
C VAL D 232 8.47 -28.02 22.14
N ASP D 233 7.63 -28.20 23.15
CA ASP D 233 6.73 -29.34 23.14
C ASP D 233 5.47 -28.92 22.38
N MET D 234 5.26 -29.51 21.20
CA MET D 234 4.21 -29.11 20.30
C MET D 234 2.95 -29.98 20.50
N SER D 235 2.99 -30.87 21.51
CA SER D 235 1.92 -31.84 21.75
C SER D 235 0.56 -31.19 22.03
N ARG D 236 0.52 -30.02 22.67
CA ARG D 236 -0.75 -29.38 23.01
C ARG D 236 -1.19 -28.35 21.96
N ASP D 237 -0.48 -28.29 20.81
CA ASP D 237 -0.91 -27.44 19.71
C ASP D 237 -2.18 -28.05 19.13
N ARG D 238 -3.25 -27.26 19.09
CA ARG D 238 -4.53 -27.83 18.70
C ARG D 238 -5.08 -27.10 17.47
N ASN D 239 -4.22 -26.35 16.75
CA ASN D 239 -4.61 -25.56 15.59
C ASN D 239 -5.74 -24.58 15.92
N ILE D 240 -5.76 -24.09 17.15
CA ILE D 240 -6.84 -23.22 17.62
C ILE D 240 -6.38 -21.76 17.53
N PRO D 241 -7.21 -20.84 16.95
CA PRO D 241 -6.82 -19.44 16.81
C PRO D 241 -6.99 -18.62 18.07
N ARG D 242 -6.30 -17.47 18.09
CA ARG D 242 -6.46 -16.45 19.10
C ARG D 242 -7.95 -16.11 19.22
N SER D 243 -8.47 -16.08 20.46
CA SER D 243 -9.80 -15.54 20.68
C SER D 243 -9.83 -14.06 20.29
N PRO D 244 -10.89 -13.58 19.59
CA PRO D 244 -10.99 -12.18 19.19
C PRO D 244 -11.24 -11.24 20.38
N THR D 245 -10.63 -10.05 20.35
CA THR D 245 -10.88 -9.01 21.34
C THR D 245 -12.25 -8.38 21.09
N SER D 246 -12.48 -8.01 19.83
CA SER D 246 -13.66 -7.28 19.40
C SER D 246 -14.39 -8.06 18.31
N PRO D 247 -15.66 -7.74 18.03
CA PRO D 247 -16.32 -8.15 16.78
C PRO D 247 -15.55 -7.83 15.49
N GLY D 248 -14.43 -7.10 15.61
CA GLY D 248 -13.73 -6.51 14.48
C GLY D 248 -12.73 -7.45 13.79
N GLU D 249 -11.82 -8.04 14.59
CA GLU D 249 -10.67 -8.77 14.06
C GLU D 249 -11.07 -10.20 13.71
N GLY D 250 -10.52 -10.67 12.59
CA GLY D 250 -10.47 -12.09 12.28
C GLY D 250 -9.05 -12.62 12.50
N PHE D 251 -8.93 -13.62 13.39
CA PHE D 251 -7.64 -14.26 13.66
C PHE D 251 -7.65 -15.64 13.02
N VAL D 252 -6.58 -15.95 12.29
CA VAL D 252 -6.44 -17.28 11.72
C VAL D 252 -5.58 -18.12 12.65
N ASN D 253 -5.76 -19.44 12.63
CA ASN D 253 -5.06 -20.36 13.54
C ASN D 253 -3.53 -20.38 13.36
N PHE D 254 -3.01 -20.39 12.13
CA PHE D 254 -1.56 -20.52 11.94
C PHE D 254 -1.06 -19.95 10.63
N ASP D 255 0.27 -19.93 10.49
CA ASP D 255 1.00 -19.64 9.27
C ASP D 255 2.21 -20.57 9.19
N TYR D 256 2.53 -21.05 7.98
CA TYR D 256 3.68 -21.93 7.77
C TYR D 256 4.63 -21.31 6.75
N GLY D 257 5.93 -21.35 7.05
CA GLY D 257 6.90 -20.87 6.08
C GLY D 257 8.01 -21.88 5.88
N TRP D 258 8.25 -22.22 4.61
CA TRP D 258 9.23 -23.23 4.22
C TRP D 258 10.60 -22.59 4.01
N PHE D 259 11.64 -23.11 4.68
CA PHE D 259 13.03 -22.73 4.45
C PHE D 259 13.74 -23.77 3.56
N GLY D 260 13.72 -25.03 4.02
CA GLY D 260 14.39 -26.13 3.34
C GLY D 260 15.81 -26.35 3.87
N ALA D 261 16.81 -26.13 3.00
CA ALA D 261 18.19 -26.35 3.39
C ALA D 261 19.11 -25.38 2.64
N GLN D 262 18.87 -24.07 2.80
CA GLN D 262 19.65 -23.09 2.05
C GLN D 262 21.07 -23.03 2.60
N THR D 263 22.06 -22.82 1.73
CA THR D 263 23.45 -22.77 2.19
C THR D 263 23.77 -21.41 2.83
N GLU D 264 23.24 -20.32 2.25
CA GLU D 264 23.41 -18.97 2.76
C GLU D 264 23.46 -18.96 4.28
N ALA D 265 24.59 -18.49 4.84
CA ALA D 265 24.86 -18.47 6.28
C ALA D 265 24.09 -17.37 7.03
N ASP D 266 23.86 -16.22 6.38
CA ASP D 266 23.20 -15.08 7.01
C ASP D 266 21.68 -15.29 7.05
N ALA D 267 21.13 -15.54 8.24
CA ALA D 267 19.71 -15.80 8.38
C ALA D 267 18.89 -14.75 7.64
N ASP D 268 19.34 -13.48 7.67
CA ASP D 268 18.53 -12.40 7.12
C ASP D 268 18.50 -12.49 5.59
N LYS D 269 19.42 -13.26 4.98
CA LYS D 269 19.40 -13.34 3.51
C LYS D 269 18.62 -14.56 3.00
N THR D 270 18.18 -15.42 3.92
CA THR D 270 17.50 -16.66 3.59
C THR D 270 16.05 -16.37 3.20
N VAL D 271 15.51 -17.20 2.30
CA VAL D 271 14.24 -16.95 1.63
C VAL D 271 13.22 -17.97 2.12
N TRP D 272 12.05 -17.46 2.52
CA TRP D 272 11.03 -18.30 3.13
C TRP D 272 9.78 -18.26 2.27
N THR D 273 9.24 -19.44 1.97
CA THR D 273 8.09 -19.60 1.08
C THR D 273 6.84 -19.89 1.90
N HIS D 274 5.84 -18.99 1.80
CA HIS D 274 4.57 -19.12 2.50
C HIS D 274 3.43 -18.70 1.57
N GLY D 275 2.35 -18.16 2.13
CA GLY D 275 1.20 -17.85 1.30
C GLY D 275 0.12 -17.14 2.09
N ASN D 276 -0.89 -16.63 1.38
CA ASN D 276 -1.89 -15.79 2.01
C ASN D 276 -2.91 -16.65 2.73
N HIS D 277 -3.56 -17.54 1.97
CA HIS D 277 -4.62 -18.41 2.48
C HIS D 277 -4.94 -19.47 1.41
N TYR D 278 -6.03 -20.22 1.64
CA TYR D 278 -6.42 -21.25 0.68
C TYR D 278 -6.89 -20.62 -0.65
N HIS D 279 -6.87 -21.43 -1.71
CA HIS D 279 -7.19 -20.99 -3.06
C HIS D 279 -8.69 -20.79 -3.20
N ALA D 280 -9.13 -19.51 -3.26
CA ALA D 280 -10.54 -19.23 -3.33
C ALA D 280 -10.80 -18.27 -4.49
N PRO D 281 -10.46 -18.65 -5.75
CA PRO D 281 -10.49 -17.70 -6.87
C PRO D 281 -11.87 -17.16 -7.25
N ASN D 282 -12.94 -17.76 -6.71
CA ASN D 282 -14.28 -17.49 -7.17
C ASN D 282 -15.03 -16.62 -6.18
N CYS D 283 -14.34 -16.05 -5.17
CA CYS D 283 -15.03 -15.14 -4.25
C CYS D 283 -14.06 -14.05 -3.79
N SER D 284 -14.50 -13.21 -2.84
CA SER D 284 -13.69 -12.05 -2.49
C SER D 284 -12.44 -12.43 -1.72
N LEU D 285 -12.43 -13.60 -1.06
CA LEU D 285 -11.20 -14.02 -0.40
C LEU D 285 -10.07 -14.15 -1.42
N GLY D 286 -10.37 -14.65 -2.62
CA GLY D 286 -9.47 -14.49 -3.76
C GLY D 286 -8.55 -15.70 -3.95
N ALA D 287 -7.82 -15.70 -5.09
CA ALA D 287 -6.85 -16.75 -5.39
C ALA D 287 -5.76 -16.79 -4.32
N MET D 288 -5.28 -18.02 -4.08
CA MET D 288 -4.11 -18.21 -3.26
C MET D 288 -2.91 -17.61 -3.98
N HIS D 289 -2.09 -16.87 -3.22
CA HIS D 289 -0.86 -16.31 -3.70
C HIS D 289 0.28 -16.86 -2.84
N VAL D 290 1.38 -17.23 -3.49
CA VAL D 290 2.51 -17.75 -2.76
C VAL D 290 3.48 -16.58 -2.50
N TYR D 291 3.93 -16.50 -1.25
CA TYR D 291 4.86 -15.47 -0.82
C TYR D 291 6.27 -16.05 -0.70
N GLU D 292 7.28 -15.26 -1.09
CA GLU D 292 8.68 -15.61 -0.90
C GLU D 292 9.34 -14.44 -0.16
N SER D 293 9.62 -14.61 1.12
CA SER D 293 10.00 -13.51 1.98
C SER D 293 11.44 -13.68 2.45
N LYS D 294 12.18 -12.55 2.56
CA LYS D 294 13.41 -12.55 3.33
C LYS D 294 13.02 -12.82 4.77
N PHE D 295 13.96 -13.36 5.56
CA PHE D 295 13.63 -13.91 6.87
C PHE D 295 12.86 -12.90 7.72
N ARG D 296 13.28 -11.62 7.69
CA ARG D 296 12.68 -10.67 8.62
C ARG D 296 11.23 -10.37 8.24
N ASN D 297 10.90 -10.47 6.94
CA ASN D 297 9.52 -10.41 6.48
C ASN D 297 8.71 -11.58 7.04
N TRP D 298 9.30 -12.78 7.01
CA TRP D 298 8.65 -13.94 7.59
C TRP D 298 8.46 -13.74 9.10
N SER D 299 9.54 -13.34 9.82
CA SER D 299 9.51 -13.28 11.28
C SER D 299 8.55 -12.23 11.82
N GLU D 300 8.18 -11.23 11.01
CA GLU D 300 7.25 -10.18 11.45
C GLU D 300 5.95 -10.83 11.94
N GLY D 301 5.39 -11.74 11.14
CA GLY D 301 4.18 -12.42 11.58
C GLY D 301 3.01 -11.43 11.68
N TYR D 302 2.03 -11.75 12.52
CA TYR D 302 0.78 -11.02 12.61
C TYR D 302 0.31 -11.09 14.06
N SER D 303 -0.57 -10.16 14.43
CA SER D 303 -1.11 -10.12 15.78
C SER D 303 -1.89 -11.39 16.09
N ASP D 304 -2.22 -12.19 15.07
CA ASP D 304 -2.86 -13.48 15.23
C ASP D 304 -2.00 -14.43 16.06
N PHE D 305 -0.66 -14.29 16.00
CA PHE D 305 0.29 -15.31 16.46
C PHE D 305 1.25 -14.70 17.47
N ASP D 306 1.56 -15.47 18.52
CA ASP D 306 2.49 -15.02 19.55
C ASP D 306 3.57 -16.09 19.79
N ARG D 307 3.63 -17.11 18.92
CA ARG D 307 4.66 -18.16 19.01
C ARG D 307 5.19 -18.48 17.63
N GLY D 308 6.50 -18.72 17.57
CA GLY D 308 7.15 -19.32 16.42
C GLY D 308 7.86 -20.60 16.85
N ALA D 309 7.67 -21.66 16.06
CA ALA D 309 8.49 -22.86 16.19
C ALA D 309 9.33 -23.05 14.93
N TYR D 310 10.61 -23.43 15.11
CA TYR D 310 11.49 -23.81 14.02
C TYR D 310 11.66 -25.34 14.01
N VAL D 311 11.09 -26.00 12.99
CA VAL D 311 10.86 -27.44 12.99
C VAL D 311 11.89 -28.10 12.06
N ILE D 312 12.47 -29.23 12.50
CA ILE D 312 13.26 -30.10 11.62
C ILE D 312 12.42 -31.33 11.25
N THR D 313 12.45 -31.68 9.97
CA THR D 313 12.02 -33.01 9.54
C THR D 313 13.02 -33.45 8.47
N PHE D 314 12.69 -34.50 7.69
CA PHE D 314 13.58 -35.00 6.65
C PHE D 314 12.83 -35.28 5.35
N ILE D 315 13.56 -35.20 4.25
CA ILE D 315 13.10 -35.62 2.95
C ILE D 315 14.19 -36.48 2.31
N PRO D 316 13.87 -37.36 1.33
CA PRO D 316 14.87 -37.97 0.45
C PRO D 316 15.81 -36.94 -0.15
N LYS D 317 17.09 -37.31 -0.24
CA LYS D 317 18.15 -36.51 -0.83
C LYS D 317 17.91 -36.35 -2.32
N SER D 318 17.19 -37.31 -2.93
CA SER D 318 16.93 -37.29 -4.36
C SER D 318 15.95 -36.18 -4.76
N TRP D 319 15.22 -35.64 -3.78
CA TRP D 319 14.32 -34.53 -4.11
C TRP D 319 15.10 -33.24 -4.35
N ASN D 320 14.38 -32.16 -4.68
CA ASN D 320 14.98 -30.87 -5.00
C ASN D 320 14.12 -29.72 -4.44
N THR D 321 13.29 -30.03 -3.41
CA THR D 321 12.37 -29.14 -2.73
C THR D 321 13.09 -28.29 -1.69
N ALA D 322 14.30 -28.70 -1.27
CA ALA D 322 15.11 -27.91 -0.37
C ALA D 322 16.49 -27.61 -0.95
N PRO D 323 16.63 -26.89 -2.10
CA PRO D 323 17.93 -26.75 -2.78
C PRO D 323 18.82 -25.74 -2.07
N ASP D 324 20.08 -25.68 -2.51
CA ASP D 324 21.12 -24.92 -1.82
C ASP D 324 20.84 -23.43 -1.87
N LYS D 325 20.24 -22.98 -2.99
CA LYS D 325 19.91 -21.60 -3.24
C LYS D 325 18.41 -21.50 -3.58
N VAL D 326 17.73 -20.54 -2.95
CA VAL D 326 16.36 -20.21 -3.31
C VAL D 326 16.34 -18.73 -3.68
N LYS D 327 15.65 -18.39 -4.77
CA LYS D 327 15.57 -16.98 -5.07
C LYS D 327 14.13 -16.51 -5.25
N GLN D 328 13.93 -15.24 -4.88
CA GLN D 328 12.63 -14.62 -4.99
C GLN D 328 12.28 -14.37 -6.47
N GLY D 329 11.00 -14.57 -6.81
CA GLY D 329 10.50 -14.08 -8.07
C GLY D 329 10.93 -14.92 -9.27
N TRP D 330 10.79 -14.34 -10.47
CA TRP D 330 11.07 -15.01 -11.73
C TRP D 330 11.29 -13.96 -12.82
N PRO D 331 12.27 -14.17 -13.74
CA PRO D 331 13.24 -15.27 -13.62
C PRO D 331 14.17 -15.11 -12.40
#